data_4HDU
# 
_entry.id   4HDU 
# 
_audit_conform.dict_name       mmcif_pdbx.dic 
_audit_conform.dict_version    5.379 
_audit_conform.dict_location   http://mmcif.pdb.org/dictionaries/ascii/mmcif_pdbx.dic 
# 
loop_
_database_2.database_id 
_database_2.database_code 
_database_2.pdbx_database_accession 
_database_2.pdbx_DOI 
PDB   4HDU         pdb_00004hdu 10.2210/pdb4hdu/pdb 
NDB   NA2046       ?            ?                   
RCSB  RCSB075341   ?            ?                   
WWPDB D_1000075341 ?            ?                   
# 
_pdbx_database_related.db_name        PDB 
_pdbx_database_related.db_id          4HDV 
_pdbx_database_related.details        . 
_pdbx_database_related.content_type   unspecified 
# 
_pdbx_database_status.status_code                     REL 
_pdbx_database_status.entry_id                        4HDU 
_pdbx_database_status.recvd_initial_deposition_date   2012-10-02 
_pdbx_database_status.deposit_site                    RCSB 
_pdbx_database_status.process_site                    RCSB 
_pdbx_database_status.status_code_sf                  REL 
_pdbx_database_status.status_code_mr                  ? 
_pdbx_database_status.SG_entry                        ? 
_pdbx_database_status.status_code_cs                  ? 
_pdbx_database_status.methods_development_category    ? 
_pdbx_database_status.pdb_format_compatible           Y 
_pdbx_database_status.status_code_nmr_data            ? 
# 
loop_
_audit_author.name 
_audit_author.pdbx_ordinal 
'Tubbs, J.L.'  1 
'Tainer, J.A.' 2 
# 
_citation.id                        primary 
_citation.title                     
'Alkyltransferase-like protein (Atl1) distinguishes alkylated guanines for DNA repair using cation-{pi} interactions.' 
_citation.journal_abbrev            Proc.Natl.Acad.Sci.USA 
_citation.journal_volume            109 
_citation.page_first                18755 
_citation.page_last                 18760 
_citation.year                      2012 
_citation.journal_id_ASTM           PNASA6 
_citation.country                   US 
_citation.journal_id_ISSN           0027-8424 
_citation.journal_id_CSD            0040 
_citation.book_publisher            ? 
_citation.pdbx_database_id_PubMed   23112169 
_citation.pdbx_database_id_DOI      10.1073/pnas.1209451109 
# 
loop_
_citation_author.citation_id 
_citation_author.name 
_citation_author.ordinal 
_citation_author.identifier_ORCID 
primary 'Wilkinson, O.J.'  1  ? 
primary 'Latypov, V.'      2  ? 
primary 'Tubbs, J.L.'      3  ? 
primary 'Millington, C.L.' 4  ? 
primary 'Morita, R.'       5  ? 
primary 'Blackburn, H.'    6  ? 
primary 'Marriott, A.'     7  ? 
primary 'McGown, G.'       8  ? 
primary 'Thorncroft, M.'   9  ? 
primary 'Watson, A.J.'     10 ? 
primary 'Connolly, B.A.'   11 ? 
primary 'Grasby, J.A.'     12 ? 
primary 'Masui, R.'        13 ? 
primary 'Hunter, C.A.'     14 ? 
primary 'Tainer, J.A.'     15 ? 
primary 'Margison, G.P.'   16 ? 
primary 'Williams, D.M.'   17 ? 
# 
_cell.entry_id           4HDU 
_cell.length_a           59.978 
_cell.length_b           59.978 
_cell.length_c           235.488 
_cell.angle_alpha        90.00 
_cell.angle_beta         90.00 
_cell.angle_gamma        120.00 
_cell.Z_PDB              12 
_cell.pdbx_unique_axis   ? 
_cell.length_a_esd       ? 
_cell.length_b_esd       ? 
_cell.length_c_esd       ? 
_cell.angle_alpha_esd    ? 
_cell.angle_beta_esd     ? 
_cell.angle_gamma_esd    ? 
# 
_symmetry.entry_id                         4HDU 
_symmetry.space_group_name_H-M             'P 61 2 2' 
_symmetry.pdbx_full_space_group_name_H-M   ? 
_symmetry.cell_setting                     ? 
_symmetry.Int_Tables_number                178 
_symmetry.space_group_name_Hall            ? 
# 
loop_
_entity.id 
_entity.type 
_entity.src_method 
_entity.pdbx_description 
_entity.formula_weight 
_entity.pdbx_number_of_molecules 
_entity.pdbx_ec 
_entity.pdbx_mutation 
_entity.pdbx_fragment 
_entity.details 
1 polymer man 'Alkyltransferase-like protein 1'                     13662.412 1 ? ? ? ? 
2 polymer syn "5'-D(*GP*CP*CP*AP*TP*GP*(2PR)P*CP*TP*AP*GP*TP*A)-3'" 3975.611  1 ? ? ? ? 
3 polymer syn "5'-D(*CP*TP*AP*CP*TP*AP*GP*CP*CP*AP*TP*GP*G)-3'"     3951.586  1 ? ? ? ? 
# 
_entity_name_com.entity_id   1 
_entity_name_com.name        ATL1 
# 
loop_
_entity_poly.entity_id 
_entity_poly.type 
_entity_poly.nstd_linkage 
_entity_poly.nstd_monomer 
_entity_poly.pdbx_seq_one_letter_code 
_entity_poly.pdbx_seq_one_letter_code_can 
_entity_poly.pdbx_strand_id 
_entity_poly.pdbx_target_identifier 
1 'polypeptide(L)'        no no  
;MRMDEFYTKVYDAVCEIPYGKVSTYGEIARYVGMPSYARQVGQAMKHLHPETHVPWHRVINSRGTISKRDISAGEQRQKD
RLEEEGVEIYQTSLGEYKLNLPEYMWKPGSHHHHHH
;
;MRMDEFYTKVYDAVCEIPYGKVSTYGEIARYVGMPSYARQVGQAMKHLHPETHVPWHRVINSRGTISKRDISAGEQRQKD
RLEEEGVEIYQTSLGEYKLNLPEYMWKPGSHHHHHH
;
A ? 
2 polydeoxyribonucleotide no yes '(DG)(DC)(DC)(DA)(DT)(DG)(2PR)(DC)(DT)(DA)(DG)(DT)(DA)' GCCATGGCTAGTA B ? 
3 polydeoxyribonucleotide no no  '(DC)(DT)(DA)(DC)(DT)(DA)(DG)(DC)(DC)(DA)(DT)(DG)(DG)' CTACTAGCCATGG C ? 
# 
loop_
_entity_poly_seq.entity_id 
_entity_poly_seq.num 
_entity_poly_seq.mon_id 
_entity_poly_seq.hetero 
1 1   MET n 
1 2   ARG n 
1 3   MET n 
1 4   ASP n 
1 5   GLU n 
1 6   PHE n 
1 7   TYR n 
1 8   THR n 
1 9   LYS n 
1 10  VAL n 
1 11  TYR n 
1 12  ASP n 
1 13  ALA n 
1 14  VAL n 
1 15  CYS n 
1 16  GLU n 
1 17  ILE n 
1 18  PRO n 
1 19  TYR n 
1 20  GLY n 
1 21  LYS n 
1 22  VAL n 
1 23  SER n 
1 24  THR n 
1 25  TYR n 
1 26  GLY n 
1 27  GLU n 
1 28  ILE n 
1 29  ALA n 
1 30  ARG n 
1 31  TYR n 
1 32  VAL n 
1 33  GLY n 
1 34  MET n 
1 35  PRO n 
1 36  SER n 
1 37  TYR n 
1 38  ALA n 
1 39  ARG n 
1 40  GLN n 
1 41  VAL n 
1 42  GLY n 
1 43  GLN n 
1 44  ALA n 
1 45  MET n 
1 46  LYS n 
1 47  HIS n 
1 48  LEU n 
1 49  HIS n 
1 50  PRO n 
1 51  GLU n 
1 52  THR n 
1 53  HIS n 
1 54  VAL n 
1 55  PRO n 
1 56  TRP n 
1 57  HIS n 
1 58  ARG n 
1 59  VAL n 
1 60  ILE n 
1 61  ASN n 
1 62  SER n 
1 63  ARG n 
1 64  GLY n 
1 65  THR n 
1 66  ILE n 
1 67  SER n 
1 68  LYS n 
1 69  ARG n 
1 70  ASP n 
1 71  ILE n 
1 72  SER n 
1 73  ALA n 
1 74  GLY n 
1 75  GLU n 
1 76  GLN n 
1 77  ARG n 
1 78  GLN n 
1 79  LYS n 
1 80  ASP n 
1 81  ARG n 
1 82  LEU n 
1 83  GLU n 
1 84  GLU n 
1 85  GLU n 
1 86  GLY n 
1 87  VAL n 
1 88  GLU n 
1 89  ILE n 
1 90  TYR n 
1 91  GLN n 
1 92  THR n 
1 93  SER n 
1 94  LEU n 
1 95  GLY n 
1 96  GLU n 
1 97  TYR n 
1 98  LYS n 
1 99  LEU n 
1 100 ASN n 
1 101 LEU n 
1 102 PRO n 
1 103 GLU n 
1 104 TYR n 
1 105 MET n 
1 106 TRP n 
1 107 LYS n 
1 108 PRO n 
1 109 GLY n 
1 110 SER n 
1 111 HIS n 
1 112 HIS n 
1 113 HIS n 
1 114 HIS n 
1 115 HIS n 
1 116 HIS n 
2 1   DG  n 
2 2   DC  n 
2 3   DC  n 
2 4   DA  n 
2 5   DT  n 
2 6   DG  n 
2 7   2PR n 
2 8   DC  n 
2 9   DT  n 
2 10  DA  n 
2 11  DG  n 
2 12  DT  n 
2 13  DA  n 
3 1   DC  n 
3 2   DT  n 
3 3   DA  n 
3 4   DC  n 
3 5   DT  n 
3 6   DA  n 
3 7   DG  n 
3 8   DC  n 
3 9   DC  n 
3 10  DA  n 
3 11  DT  n 
3 12  DG  n 
3 13  DG  n 
# 
_entity_src_gen.entity_id                          1 
_entity_src_gen.pdbx_src_id                        1 
_entity_src_gen.pdbx_alt_source_flag               sample 
_entity_src_gen.pdbx_seq_type                      ? 
_entity_src_gen.pdbx_beg_seq_num                   ? 
_entity_src_gen.pdbx_end_seq_num                   ? 
_entity_src_gen.gene_src_common_name               'Fission yeast' 
_entity_src_gen.gene_src_genus                     ? 
_entity_src_gen.pdbx_gene_src_gene                 'atl1, SPAC1250.04c' 
_entity_src_gen.gene_src_species                   ? 
_entity_src_gen.gene_src_strain                    ? 
_entity_src_gen.gene_src_tissue                    ? 
_entity_src_gen.gene_src_tissue_fraction           ? 
_entity_src_gen.gene_src_details                   ? 
_entity_src_gen.pdbx_gene_src_fragment             ? 
_entity_src_gen.pdbx_gene_src_scientific_name      'Schizosaccharomyces pombe' 
_entity_src_gen.pdbx_gene_src_ncbi_taxonomy_id     4896 
_entity_src_gen.pdbx_gene_src_variant              ? 
_entity_src_gen.pdbx_gene_src_cell_line            ? 
_entity_src_gen.pdbx_gene_src_atcc                 ? 
_entity_src_gen.pdbx_gene_src_organ                ? 
_entity_src_gen.pdbx_gene_src_organelle            ? 
_entity_src_gen.pdbx_gene_src_cell                 ? 
_entity_src_gen.pdbx_gene_src_cellular_location    ? 
_entity_src_gen.host_org_common_name               ? 
_entity_src_gen.pdbx_host_org_scientific_name      'Escherichia coli' 
_entity_src_gen.pdbx_host_org_ncbi_taxonomy_id     562 
_entity_src_gen.host_org_genus                     ? 
_entity_src_gen.pdbx_host_org_gene                 ? 
_entity_src_gen.pdbx_host_org_organ                ? 
_entity_src_gen.host_org_species                   ? 
_entity_src_gen.pdbx_host_org_tissue               ? 
_entity_src_gen.pdbx_host_org_tissue_fraction      ? 
_entity_src_gen.pdbx_host_org_strain               ? 
_entity_src_gen.pdbx_host_org_variant              ? 
_entity_src_gen.pdbx_host_org_cell_line            ? 
_entity_src_gen.pdbx_host_org_atcc                 ? 
_entity_src_gen.pdbx_host_org_culture_collection   ? 
_entity_src_gen.pdbx_host_org_cell                 ? 
_entity_src_gen.pdbx_host_org_organelle            ? 
_entity_src_gen.pdbx_host_org_cellular_location    ? 
_entity_src_gen.pdbx_host_org_vector_type          ? 
_entity_src_gen.pdbx_host_org_vector               ? 
_entity_src_gen.host_org_details                   ? 
_entity_src_gen.expression_system_id               ? 
_entity_src_gen.plasmid_name                       ? 
_entity_src_gen.plasmid_details                    ? 
_entity_src_gen.pdbx_description                   ? 
# 
loop_
_struct_ref.id 
_struct_ref.db_name 
_struct_ref.db_code 
_struct_ref.pdbx_db_accession 
_struct_ref.entity_id 
_struct_ref.pdbx_seq_one_letter_code 
_struct_ref.pdbx_align_begin 
_struct_ref.pdbx_db_isoform 
1 UNP ATL1_SCHPO Q9UTN9 1 
;MRMDEFYTKVYDAVCEIPYGKVSTYGEIARYVGMPSYARQVGQAMKHLHPETHVPWHRVINSRGTISKRDISAGEQRQKD
RLEEEGVEIYQTSLGEYKLNLPEYMWKP
;
1 ? 
2 PDB 4HDU       4HDU   2 'GCCATG(2PR)CTAGTA' 1 ? 
3 PDB 4HDU       4HDU   3 CTACTAGCCATGG 1 ? 
# 
loop_
_struct_ref_seq.align_id 
_struct_ref_seq.ref_id 
_struct_ref_seq.pdbx_PDB_id_code 
_struct_ref_seq.pdbx_strand_id 
_struct_ref_seq.seq_align_beg 
_struct_ref_seq.pdbx_seq_align_beg_ins_code 
_struct_ref_seq.seq_align_end 
_struct_ref_seq.pdbx_seq_align_end_ins_code 
_struct_ref_seq.pdbx_db_accession 
_struct_ref_seq.db_align_beg 
_struct_ref_seq.pdbx_db_align_beg_ins_code 
_struct_ref_seq.db_align_end 
_struct_ref_seq.pdbx_db_align_end_ins_code 
_struct_ref_seq.pdbx_auth_seq_align_beg 
_struct_ref_seq.pdbx_auth_seq_align_end 
1 1 4HDU A 1 ? 108 ? Q9UTN9 1  ? 108 ? 1  108 
2 2 4HDU B 1 ? 13  ? 4HDU   1  ? 13  ? 1  13  
3 3 4HDU C 1 ? 13  ? 4HDU   14 ? 26  ? 14 26  
# 
loop_
_struct_ref_seq_dif.align_id 
_struct_ref_seq_dif.pdbx_pdb_id_code 
_struct_ref_seq_dif.mon_id 
_struct_ref_seq_dif.pdbx_pdb_strand_id 
_struct_ref_seq_dif.seq_num 
_struct_ref_seq_dif.pdbx_pdb_ins_code 
_struct_ref_seq_dif.pdbx_seq_db_name 
_struct_ref_seq_dif.pdbx_seq_db_accession_code 
_struct_ref_seq_dif.db_mon_id 
_struct_ref_seq_dif.pdbx_seq_db_seq_num 
_struct_ref_seq_dif.details 
_struct_ref_seq_dif.pdbx_auth_seq_num 
_struct_ref_seq_dif.pdbx_ordinal 
1 4HDU GLY A 109 ? UNP Q9UTN9 ? ? 'expression tag' 109 1 
1 4HDU SER A 110 ? UNP Q9UTN9 ? ? 'expression tag' 110 2 
1 4HDU HIS A 111 ? UNP Q9UTN9 ? ? 'expression tag' 111 3 
1 4HDU HIS A 112 ? UNP Q9UTN9 ? ? 'expression tag' 112 4 
1 4HDU HIS A 113 ? UNP Q9UTN9 ? ? 'expression tag' 113 5 
1 4HDU HIS A 114 ? UNP Q9UTN9 ? ? 'expression tag' 114 6 
1 4HDU HIS A 115 ? UNP Q9UTN9 ? ? 'expression tag' 115 7 
1 4HDU HIS A 116 ? UNP Q9UTN9 ? ? 'expression tag' 116 8 
# 
loop_
_chem_comp.id 
_chem_comp.type 
_chem_comp.mon_nstd_flag 
_chem_comp.name 
_chem_comp.pdbx_synonyms 
_chem_comp.formula 
_chem_comp.formula_weight 
2PR 'DNA linking'       n "2-AMINO-9-[2-DEOXYRIBOFURANOSYL]-9H-PURINE-5'-MONOPHOSPHATE" 
"2-AMINOPURINE-2'-DEOXYRIBO-5'-MONOPHOSPHATE" 'C10 H14 N5 O6 P' 331.222 
ALA 'L-peptide linking' y ALANINE                                                       ? 'C3 H7 N O2'      89.093  
ARG 'L-peptide linking' y ARGININE                                                      ? 'C6 H15 N4 O2 1'  175.209 
ASN 'L-peptide linking' y ASPARAGINE                                                    ? 'C4 H8 N2 O3'     132.118 
ASP 'L-peptide linking' y 'ASPARTIC ACID'                                               ? 'C4 H7 N O4'      133.103 
CYS 'L-peptide linking' y CYSTEINE                                                      ? 'C3 H7 N O2 S'    121.158 
DA  'DNA linking'       y "2'-DEOXYADENOSINE-5'-MONOPHOSPHATE"                          ? 'C10 H14 N5 O6 P' 331.222 
DC  'DNA linking'       y "2'-DEOXYCYTIDINE-5'-MONOPHOSPHATE"                           ? 'C9 H14 N3 O7 P'  307.197 
DG  'DNA linking'       y "2'-DEOXYGUANOSINE-5'-MONOPHOSPHATE"                          ? 'C10 H14 N5 O7 P' 347.221 
DT  'DNA linking'       y "THYMIDINE-5'-MONOPHOSPHATE"                                  ? 'C10 H15 N2 O8 P' 322.208 
GLN 'L-peptide linking' y GLUTAMINE                                                     ? 'C5 H10 N2 O3'    146.144 
GLU 'L-peptide linking' y 'GLUTAMIC ACID'                                               ? 'C5 H9 N O4'      147.129 
GLY 'peptide linking'   y GLYCINE                                                       ? 'C2 H5 N O2'      75.067  
HIS 'L-peptide linking' y HISTIDINE                                                     ? 'C6 H10 N3 O2 1'  156.162 
ILE 'L-peptide linking' y ISOLEUCINE                                                    ? 'C6 H13 N O2'     131.173 
LEU 'L-peptide linking' y LEUCINE                                                       ? 'C6 H13 N O2'     131.173 
LYS 'L-peptide linking' y LYSINE                                                        ? 'C6 H15 N2 O2 1'  147.195 
MET 'L-peptide linking' y METHIONINE                                                    ? 'C5 H11 N O2 S'   149.211 
PHE 'L-peptide linking' y PHENYLALANINE                                                 ? 'C9 H11 N O2'     165.189 
PRO 'L-peptide linking' y PROLINE                                                       ? 'C5 H9 N O2'      115.130 
SER 'L-peptide linking' y SERINE                                                        ? 'C3 H7 N O3'      105.093 
THR 'L-peptide linking' y THREONINE                                                     ? 'C4 H9 N O3'      119.119 
TRP 'L-peptide linking' y TRYPTOPHAN                                                    ? 'C11 H12 N2 O2'   204.225 
TYR 'L-peptide linking' y TYROSINE                                                      ? 'C9 H11 N O3'     181.189 
VAL 'L-peptide linking' y VALINE                                                        ? 'C5 H11 N O2'     117.146 
# 
_exptl.entry_id          4HDU 
_exptl.method            'X-RAY DIFFRACTION' 
_exptl.crystals_number   1 
# 
_exptl_crystal.id                    1 
_exptl_crystal.density_meas          ? 
_exptl_crystal.density_Matthews      2.83 
_exptl_crystal.density_percent_sol   56.56 
_exptl_crystal.description           ? 
_exptl_crystal.F_000                 ? 
_exptl_crystal.preparation           ? 
# 
_exptl_crystal_grow.crystal_id      1 
_exptl_crystal_grow.method          'VAPOR DIFFUSION, HANGING DROP' 
_exptl_crystal_grow.temp            288 
_exptl_crystal_grow.temp_details    ? 
_exptl_crystal_grow.pH              5.4 
_exptl_crystal_grow.pdbx_details    
'20% mPEG2000, 0.5 M sodium formate, 200 mM imidazole-malate, 30% xylose, pH 5.4, VAPOR DIFFUSION, HANGING DROP, temperature 288K' 
_exptl_crystal_grow.pdbx_pH_range   ? 
# 
_diffrn.id                     1 
_diffrn.ambient_temp           100 
_diffrn.ambient_temp_details   ? 
_diffrn.crystal_id             1 
# 
_diffrn_detector.diffrn_id              1 
_diffrn_detector.detector               CCD 
_diffrn_detector.type                   'MARMOSAIC 325 mm CCD' 
_diffrn_detector.pdbx_collection_date   2011-05-21 
_diffrn_detector.details                ? 
# 
_diffrn_radiation.diffrn_id                        1 
_diffrn_radiation.wavelength_id                    1 
_diffrn_radiation.pdbx_monochromatic_or_laue_m_l   M 
_diffrn_radiation.monochromator                    'Side scattering bent cube-root I-beam single crystal' 
_diffrn_radiation.pdbx_diffrn_protocol             'SINGLE WAVELENGTH' 
_diffrn_radiation.pdbx_scattering_type             x-ray 
# 
_diffrn_radiation_wavelength.id           1 
_diffrn_radiation_wavelength.wavelength   0.97945 
_diffrn_radiation_wavelength.wt           1.0 
# 
_diffrn_source.diffrn_id                   1 
_diffrn_source.source                      SYNCHROTRON 
_diffrn_source.type                        'SSRL BEAMLINE BL11-1' 
_diffrn_source.pdbx_synchrotron_site       SSRL 
_diffrn_source.pdbx_synchrotron_beamline   BL11-1 
_diffrn_source.pdbx_wavelength             ? 
_diffrn_source.pdbx_wavelength_list        0.97945 
# 
_reflns.entry_id                     4HDU 
_reflns.observed_criterion_sigma_I   -3 
_reflns.observed_criterion_sigma_F   0 
_reflns.d_resolution_low             50.0 
_reflns.d_resolution_high            2.848 
_reflns.number_obs                   6482 
_reflns.number_all                   6482 
_reflns.percent_possible_obs         99.8 
_reflns.pdbx_Rmerge_I_obs            0.048 
_reflns.pdbx_Rsym_value              ? 
_reflns.pdbx_netI_over_sigmaI        83.6 
_reflns.B_iso_Wilson_estimate        ? 
_reflns.pdbx_redundancy              19.9 
_reflns.R_free_details               ? 
_reflns.limit_h_max                  ? 
_reflns.limit_h_min                  ? 
_reflns.limit_k_max                  ? 
_reflns.limit_k_min                  ? 
_reflns.limit_l_max                  ? 
_reflns.limit_l_min                  ? 
_reflns.observed_criterion_F_max     ? 
_reflns.observed_criterion_F_min     ? 
_reflns.pdbx_chi_squared             ? 
_reflns.pdbx_scaling_rejects         ? 
_reflns.pdbx_ordinal                 1 
_reflns.pdbx_diffrn_id               1 
# 
_reflns_shell.d_res_high             2.848 
_reflns_shell.d_res_low              2.95 
_reflns_shell.percent_possible_all   100 
_reflns_shell.Rmerge_I_obs           0.369 
_reflns_shell.pdbx_Rsym_value        ? 
_reflns_shell.meanI_over_sigI_obs    12.2 
_reflns_shell.pdbx_redundancy        20.9 
_reflns_shell.percent_possible_obs   ? 
_reflns_shell.number_unique_all      ? 
_reflns_shell.number_measured_all    ? 
_reflns_shell.number_measured_obs    ? 
_reflns_shell.number_unique_obs      ? 
_reflns_shell.pdbx_chi_squared       ? 
_reflns_shell.pdbx_ordinal           1 
_reflns_shell.pdbx_diffrn_id         1 
# 
_refine.entry_id                                 4HDU 
_refine.ls_number_reflns_obs                     6352 
_refine.ls_number_reflns_all                     6352 
_refine.pdbx_ls_sigma_I                          ? 
_refine.pdbx_ls_sigma_F                          0.21 
_refine.pdbx_data_cutoff_high_absF               ? 
_refine.pdbx_data_cutoff_low_absF                ? 
_refine.pdbx_data_cutoff_high_rms_absF           ? 
_refine.ls_d_res_low                             34.890 
_refine.ls_d_res_high                            2.848 
_refine.ls_percent_reflns_obs                    97.90 
_refine.ls_R_factor_obs                          0.2191 
_refine.ls_R_factor_all                          ? 
_refine.ls_R_factor_R_work                       0.2134 
_refine.ls_R_factor_R_free                       0.2669 
_refine.ls_R_factor_R_free_error                 ? 
_refine.ls_R_factor_R_free_error_details         ? 
_refine.ls_percent_reflns_R_free                 10.08 
_refine.ls_number_reflns_R_free                  640 
_refine.ls_number_parameters                     ? 
_refine.ls_number_restraints                     ? 
_refine.occupancy_min                            ? 
_refine.occupancy_max                            ? 
_refine.correlation_coeff_Fo_to_Fc               ? 
_refine.correlation_coeff_Fo_to_Fc_free          ? 
_refine.B_iso_mean                               ? 
_refine.aniso_B[1][1]                            8.4043 
_refine.aniso_B[2][2]                            8.4043 
_refine.aniso_B[3][3]                            -16.8087 
_refine.aniso_B[1][2]                            0.0000 
_refine.aniso_B[1][3]                            -0.0000 
_refine.aniso_B[2][3]                            -0.0000 
_refine.solvent_model_details                    'FLAT BULK SOLVENT MODEL' 
_refine.solvent_model_param_ksol                 0.331 
_refine.solvent_model_param_bsol                 54.577 
_refine.pdbx_solvent_vdw_probe_radii             1.11 
_refine.pdbx_solvent_ion_probe_radii             ? 
_refine.pdbx_solvent_shrinkage_radii             0.90 
_refine.pdbx_ls_cross_valid_method               ? 
_refine.details                                  ? 
_refine.pdbx_starting_model                      'PDB ENTRY 3GVA' 
_refine.pdbx_method_to_determine_struct          'MOLECULAR REPLACEMENT' 
_refine.pdbx_isotropic_thermal_model             ? 
_refine.pdbx_stereochemistry_target_values       ML 
_refine.pdbx_stereochem_target_val_spec_case     ? 
_refine.pdbx_R_Free_selection_details            RANDOM 
_refine.pdbx_overall_ESU_R                       ? 
_refine.pdbx_overall_ESU_R_Free                  ? 
_refine.overall_SU_ML                            0.40 
_refine.pdbx_overall_phase_error                 25.65 
_refine.overall_SU_B                             ? 
_refine.overall_SU_R_Cruickshank_DPI             ? 
_refine.ls_redundancy_reflns_obs                 ? 
_refine.B_iso_min                                ? 
_refine.B_iso_max                                ? 
_refine.overall_SU_R_free                        ? 
_refine.ls_wR_factor_R_free                      ? 
_refine.ls_wR_factor_R_work                      ? 
_refine.overall_FOM_free_R_set                   ? 
_refine.overall_FOM_work_R_set                   ? 
_refine.pdbx_diffrn_id                           1 
_refine.pdbx_refine_id                           'X-RAY DIFFRACTION' 
_refine.pdbx_TLS_residual_ADP_flag               ? 
_refine.pdbx_overall_SU_R_free_Cruickshank_DPI   ? 
_refine.pdbx_overall_SU_R_Blow_DPI               ? 
_refine.pdbx_overall_SU_R_free_Blow_DPI          ? 
# 
_refine_hist.pdbx_refine_id                   'X-RAY DIFFRACTION' 
_refine_hist.cycle_id                         LAST 
_refine_hist.pdbx_number_atoms_protein        890 
_refine_hist.pdbx_number_atoms_nucleic_acid   526 
_refine_hist.pdbx_number_atoms_ligand         0 
_refine_hist.number_atoms_solvent             0 
_refine_hist.number_atoms_total               1416 
_refine_hist.d_res_high                       2.848 
_refine_hist.d_res_low                        34.890 
# 
loop_
_refine_ls_restr.type 
_refine_ls_restr.dev_ideal 
_refine_ls_restr.dev_ideal_target 
_refine_ls_restr.weight 
_refine_ls_restr.number 
_refine_ls_restr.pdbx_restraint_function 
_refine_ls_restr.pdbx_refine_id 
f_bond_d           0.006  ? ? 1541 ? 'X-RAY DIFFRACTION' 
f_angle_d          0.780  ? ? 2153 ? 'X-RAY DIFFRACTION' 
f_dihedral_angle_d 22.584 ? ? 616  ? 'X-RAY DIFFRACTION' 
f_chiral_restr     0.039  ? ? 227  ? 'X-RAY DIFFRACTION' 
f_plane_restr      0.002  ? ? 188  ? 'X-RAY DIFFRACTION' 
# 
loop_
_refine_ls_shell.pdbx_total_number_of_bins_used 
_refine_ls_shell.d_res_high 
_refine_ls_shell.d_res_low 
_refine_ls_shell.number_reflns_R_work 
_refine_ls_shell.R_factor_R_work 
_refine_ls_shell.percent_reflns_obs 
_refine_ls_shell.R_factor_R_free 
_refine_ls_shell.R_factor_R_free_error 
_refine_ls_shell.percent_reflns_R_free 
_refine_ls_shell.number_reflns_R_free 
_refine_ls_shell.number_reflns_all 
_refine_ls_shell.R_factor_all 
_refine_ls_shell.number_reflns_obs 
_refine_ls_shell.redundancy_reflns_obs 
_refine_ls_shell.pdbx_refine_id 
. 2.848  3.0679  1041 0.2809 93.0  0.3331 . . 116 . . . . 'X-RAY DIFFRACTION' 
. 3.0679 3.3764  1106 0.2178 98.0  0.3185 . . 124 . . . . 'X-RAY DIFFRACTION' 
. 3.3764 3.8645  1124 0.2280 99.0  0.2680 . . 127 . . . . 'X-RAY DIFFRACTION' 
. 3.8645 4.8667  1164 0.1936 100.0 0.2661 . . 130 . . . . 'X-RAY DIFFRACTION' 
. 4.8667 34.8930 1277 0.2012 99.0  0.2335 . . 143 . . . . 'X-RAY DIFFRACTION' 
# 
_struct.entry_id                  4HDU 
_struct.title                     'Crystal structure of S. pombe ATL1 in complex with damaged DNA containing 2-aminopurine' 
_struct.pdbx_model_details        ? 
_struct.pdbx_CASP_flag            ? 
_struct.pdbx_model_type_details   ? 
# 
_struct_keywords.entry_id        4HDU 
_struct_keywords.pdbx_keywords   'DNA BINDING PROTEIN/DNA' 
_struct_keywords.text            
;alkyltransferase, DNA repair, nucleotide excision repair, NER, base repair, DNA damage, guanine, alkylation, DNA BINDING PROTEIN-DNA complex
;
# 
loop_
_struct_asym.id 
_struct_asym.pdbx_blank_PDB_chainid_flag 
_struct_asym.pdbx_modified 
_struct_asym.entity_id 
_struct_asym.details 
A N N 1 ? 
B N N 2 ? 
C N N 3 ? 
# 
_struct_biol.id        1 
_struct_biol.details   ? 
# 
loop_
_struct_conf.conf_type_id 
_struct_conf.id 
_struct_conf.pdbx_PDB_helix_id 
_struct_conf.beg_label_comp_id 
_struct_conf.beg_label_asym_id 
_struct_conf.beg_label_seq_id 
_struct_conf.pdbx_beg_PDB_ins_code 
_struct_conf.end_label_comp_id 
_struct_conf.end_label_asym_id 
_struct_conf.end_label_seq_id 
_struct_conf.pdbx_end_PDB_ins_code 
_struct_conf.beg_auth_comp_id 
_struct_conf.beg_auth_asym_id 
_struct_conf.beg_auth_seq_id 
_struct_conf.end_auth_comp_id 
_struct_conf.end_auth_asym_id 
_struct_conf.end_auth_seq_id 
_struct_conf.pdbx_PDB_helix_class 
_struct_conf.details 
_struct_conf.pdbx_PDB_helix_length 
HELX_P HELX_P1 1 ARG A 2   ? ILE A 17  ? ARG A 2   ILE A 17  1 ? 16 
HELX_P HELX_P2 2 TYR A 25  ? VAL A 32  ? TYR A 25  VAL A 32  1 ? 8  
HELX_P HELX_P3 3 TYR A 37  ? LEU A 48  ? TYR A 37  LEU A 48  1 ? 12 
HELX_P HELX_P4 4 PRO A 55  ? HIS A 57  ? PRO A 55  HIS A 57  5 ? 3  
HELX_P HELX_P5 5 ILE A 71  ? GLU A 85  ? ILE A 71  GLU A 85  1 ? 15 
HELX_P HELX_P6 6 ASN A 100 ? MET A 105 ? ASN A 100 MET A 105 1 ? 6  
# 
_struct_conf_type.id          HELX_P 
_struct_conf_type.criteria    ? 
_struct_conf_type.reference   ? 
# 
loop_
_struct_conn.id 
_struct_conn.conn_type_id 
_struct_conn.pdbx_leaving_atom_flag 
_struct_conn.pdbx_PDB_id 
_struct_conn.ptnr1_label_asym_id 
_struct_conn.ptnr1_label_comp_id 
_struct_conn.ptnr1_label_seq_id 
_struct_conn.ptnr1_label_atom_id 
_struct_conn.pdbx_ptnr1_label_alt_id 
_struct_conn.pdbx_ptnr1_PDB_ins_code 
_struct_conn.pdbx_ptnr1_standard_comp_id 
_struct_conn.ptnr1_symmetry 
_struct_conn.ptnr2_label_asym_id 
_struct_conn.ptnr2_label_comp_id 
_struct_conn.ptnr2_label_seq_id 
_struct_conn.ptnr2_label_atom_id 
_struct_conn.pdbx_ptnr2_label_alt_id 
_struct_conn.pdbx_ptnr2_PDB_ins_code 
_struct_conn.ptnr1_auth_asym_id 
_struct_conn.ptnr1_auth_comp_id 
_struct_conn.ptnr1_auth_seq_id 
_struct_conn.ptnr2_auth_asym_id 
_struct_conn.ptnr2_auth_comp_id 
_struct_conn.ptnr2_auth_seq_id 
_struct_conn.ptnr2_symmetry 
_struct_conn.pdbx_ptnr3_label_atom_id 
_struct_conn.pdbx_ptnr3_label_seq_id 
_struct_conn.pdbx_ptnr3_label_comp_id 
_struct_conn.pdbx_ptnr3_label_asym_id 
_struct_conn.pdbx_ptnr3_label_alt_id 
_struct_conn.pdbx_ptnr3_PDB_ins_code 
_struct_conn.details 
_struct_conn.pdbx_dist_value 
_struct_conn.pdbx_value_order 
_struct_conn.pdbx_role 
covale1  covale both ? B DG  6  "O3'" ? ? ? 1_555 B 2PR 7  P  ? ? B DG  6  B 2PR 7  1_555 ? ? ? ? ? ? ?            1.605 ? ? 
covale2  covale both ? B 2PR 7  "O3'" ? ? ? 1_555 B DC  8  P  ? ? B 2PR 7  B DC  8  1_555 ? ? ? ? ? ? ?            1.608 ? ? 
hydrog1  hydrog ?    ? B DC  2  N3    ? ? ? 1_555 C DG  13 N1 ? ? B DC  2  C DG  26 1_555 ? ? ? ? ? ? WATSON-CRICK ?     ? ? 
hydrog2  hydrog ?    ? B DC  2  N4    ? ? ? 1_555 C DG  13 O6 ? ? B DC  2  C DG  26 1_555 ? ? ? ? ? ? WATSON-CRICK ?     ? ? 
hydrog3  hydrog ?    ? B DC  2  O2    ? ? ? 1_555 C DG  13 N2 ? ? B DC  2  C DG  26 1_555 ? ? ? ? ? ? WATSON-CRICK ?     ? ? 
hydrog4  hydrog ?    ? B DC  3  N3    ? ? ? 1_555 C DG  12 N1 ? ? B DC  3  C DG  25 1_555 ? ? ? ? ? ? WATSON-CRICK ?     ? ? 
hydrog5  hydrog ?    ? B DC  3  N4    ? ? ? 1_555 C DG  12 O6 ? ? B DC  3  C DG  25 1_555 ? ? ? ? ? ? WATSON-CRICK ?     ? ? 
hydrog6  hydrog ?    ? B DC  3  O2    ? ? ? 1_555 C DG  12 N2 ? ? B DC  3  C DG  25 1_555 ? ? ? ? ? ? WATSON-CRICK ?     ? ? 
hydrog7  hydrog ?    ? B DA  4  N1    ? ? ? 1_555 C DT  11 N3 ? ? B DA  4  C DT  24 1_555 ? ? ? ? ? ? WATSON-CRICK ?     ? ? 
hydrog8  hydrog ?    ? B DA  4  N6    ? ? ? 1_555 C DT  11 O4 ? ? B DA  4  C DT  24 1_555 ? ? ? ? ? ? WATSON-CRICK ?     ? ? 
hydrog9  hydrog ?    ? B DT  5  N3    ? ? ? 1_555 C DA  10 N1 ? ? B DT  5  C DA  23 1_555 ? ? ? ? ? ? WATSON-CRICK ?     ? ? 
hydrog10 hydrog ?    ? B DT  5  O4    ? ? ? 1_555 C DA  10 N6 ? ? B DT  5  C DA  23 1_555 ? ? ? ? ? ? WATSON-CRICK ?     ? ? 
hydrog11 hydrog ?    ? B DG  6  N1    ? ? ? 1_555 C DC  9  N3 ? ? B DG  6  C DC  22 1_555 ? ? ? ? ? ? WATSON-CRICK ?     ? ? 
hydrog12 hydrog ?    ? B DG  6  N2    ? ? ? 1_555 C DC  9  O2 ? ? B DG  6  C DC  22 1_555 ? ? ? ? ? ? WATSON-CRICK ?     ? ? 
hydrog13 hydrog ?    ? B DG  6  O6    ? ? ? 1_555 C DC  9  N4 ? ? B DG  6  C DC  22 1_555 ? ? ? ? ? ? WATSON-CRICK ?     ? ? 
hydrog14 hydrog ?    ? B DC  8  N3    ? ? ? 1_555 C DG  7  N1 ? ? B DC  8  C DG  20 1_555 ? ? ? ? ? ? WATSON-CRICK ?     ? ? 
hydrog15 hydrog ?    ? B DC  8  N4    ? ? ? 1_555 C DG  7  O6 ? ? B DC  8  C DG  20 1_555 ? ? ? ? ? ? WATSON-CRICK ?     ? ? 
hydrog16 hydrog ?    ? B DC  8  O2    ? ? ? 1_555 C DG  7  N2 ? ? B DC  8  C DG  20 1_555 ? ? ? ? ? ? WATSON-CRICK ?     ? ? 
hydrog17 hydrog ?    ? B DT  9  N3    ? ? ? 1_555 C DA  6  N1 ? ? B DT  9  C DA  19 1_555 ? ? ? ? ? ? WATSON-CRICK ?     ? ? 
hydrog18 hydrog ?    ? B DT  9  O4    ? ? ? 1_555 C DA  6  N6 ? ? B DT  9  C DA  19 1_555 ? ? ? ? ? ? WATSON-CRICK ?     ? ? 
hydrog19 hydrog ?    ? B DA  10 N1    ? ? ? 1_555 C DT  5  N3 ? ? B DA  10 C DT  18 1_555 ? ? ? ? ? ? WATSON-CRICK ?     ? ? 
hydrog20 hydrog ?    ? B DA  10 N6    ? ? ? 1_555 C DT  5  O4 ? ? B DA  10 C DT  18 1_555 ? ? ? ? ? ? WATSON-CRICK ?     ? ? 
hydrog21 hydrog ?    ? B DG  11 N1    ? ? ? 1_555 C DC  4  N3 ? ? B DG  11 C DC  17 1_555 ? ? ? ? ? ? WATSON-CRICK ?     ? ? 
hydrog22 hydrog ?    ? B DG  11 N2    ? ? ? 1_555 C DC  4  O2 ? ? B DG  11 C DC  17 1_555 ? ? ? ? ? ? WATSON-CRICK ?     ? ? 
hydrog23 hydrog ?    ? B DG  11 O6    ? ? ? 1_555 C DC  4  N4 ? ? B DG  11 C DC  17 1_555 ? ? ? ? ? ? WATSON-CRICK ?     ? ? 
hydrog24 hydrog ?    ? B DT  12 N3    ? ? ? 1_555 C DA  3  N1 ? ? B DT  12 C DA  16 1_555 ? ? ? ? ? ? WATSON-CRICK ?     ? ? 
hydrog25 hydrog ?    ? B DT  12 O4    ? ? ? 1_555 C DA  3  N6 ? ? B DT  12 C DA  16 1_555 ? ? ? ? ? ? WATSON-CRICK ?     ? ? 
hydrog26 hydrog ?    ? B DA  13 N1    ? ? ? 1_555 C DT  2  N3 ? ? B DA  13 C DT  15 1_555 ? ? ? ? ? ? WATSON-CRICK ?     ? ? 
hydrog27 hydrog ?    ? B DA  13 N6    ? ? ? 1_555 C DT  2  O4 ? ? B DA  13 C DT  15 1_555 ? ? ? ? ? ? WATSON-CRICK ?     ? ? 
# 
loop_
_struct_conn_type.id 
_struct_conn_type.criteria 
_struct_conn_type.reference 
covale ? ? 
hydrog ? ? 
# 
loop_
_struct_sheet.id 
_struct_sheet.type 
_struct_sheet.number_strands 
_struct_sheet.details 
A ? 2 ? 
B ? 2 ? 
# 
loop_
_struct_sheet_order.sheet_id 
_struct_sheet_order.range_id_1 
_struct_sheet_order.range_id_2 
_struct_sheet_order.offset 
_struct_sheet_order.sense 
A 1 2 ? parallel      
B 1 2 ? anti-parallel 
# 
loop_
_struct_sheet_range.sheet_id 
_struct_sheet_range.id 
_struct_sheet_range.beg_label_comp_id 
_struct_sheet_range.beg_label_asym_id 
_struct_sheet_range.beg_label_seq_id 
_struct_sheet_range.pdbx_beg_PDB_ins_code 
_struct_sheet_range.end_label_comp_id 
_struct_sheet_range.end_label_asym_id 
_struct_sheet_range.end_label_seq_id 
_struct_sheet_range.pdbx_end_PDB_ins_code 
_struct_sheet_range.beg_auth_comp_id 
_struct_sheet_range.beg_auth_asym_id 
_struct_sheet_range.beg_auth_seq_id 
_struct_sheet_range.end_auth_comp_id 
_struct_sheet_range.end_auth_asym_id 
_struct_sheet_range.end_auth_seq_id 
A 1 SER A 23 ? THR A 24 ? SER A 23 THR A 24 
A 2 VAL A 59 ? ILE A 60 ? VAL A 59 ILE A 60 
B 1 TYR A 90 ? GLN A 91 ? TYR A 90 GLN A 91 
B 2 TYR A 97 ? LYS A 98 ? TYR A 97 LYS A 98 
# 
loop_
_pdbx_struct_sheet_hbond.sheet_id 
_pdbx_struct_sheet_hbond.range_id_1 
_pdbx_struct_sheet_hbond.range_id_2 
_pdbx_struct_sheet_hbond.range_1_label_atom_id 
_pdbx_struct_sheet_hbond.range_1_label_comp_id 
_pdbx_struct_sheet_hbond.range_1_label_asym_id 
_pdbx_struct_sheet_hbond.range_1_label_seq_id 
_pdbx_struct_sheet_hbond.range_1_PDB_ins_code 
_pdbx_struct_sheet_hbond.range_1_auth_atom_id 
_pdbx_struct_sheet_hbond.range_1_auth_comp_id 
_pdbx_struct_sheet_hbond.range_1_auth_asym_id 
_pdbx_struct_sheet_hbond.range_1_auth_seq_id 
_pdbx_struct_sheet_hbond.range_2_label_atom_id 
_pdbx_struct_sheet_hbond.range_2_label_comp_id 
_pdbx_struct_sheet_hbond.range_2_label_asym_id 
_pdbx_struct_sheet_hbond.range_2_label_seq_id 
_pdbx_struct_sheet_hbond.range_2_PDB_ins_code 
_pdbx_struct_sheet_hbond.range_2_auth_atom_id 
_pdbx_struct_sheet_hbond.range_2_auth_comp_id 
_pdbx_struct_sheet_hbond.range_2_auth_asym_id 
_pdbx_struct_sheet_hbond.range_2_auth_seq_id 
A 1 2 N SER A 23 ? N SER A 23 O ILE A 60 ? O ILE A 60 
B 1 2 N TYR A 90 ? N TYR A 90 O LYS A 98 ? O LYS A 98 
# 
_atom_sites.entry_id                    4HDU 
_atom_sites.fract_transf_matrix[1][1]   0.01590571 
_atom_sites.fract_transf_matrix[1][2]   0.00333019 
_atom_sites.fract_transf_matrix[1][3]   -0.01032313 
_atom_sites.fract_transf_matrix[2][1]   -0.00134741 
_atom_sites.fract_transf_matrix[2][2]   0.00808664 
_atom_sites.fract_transf_matrix[2][3]   -0.01741925 
_atom_sites.fract_transf_matrix[3][1]   0.00033699 
_atom_sites.fract_transf_matrix[3][2]   0.00384989 
_atom_sites.fract_transf_matrix[3][3]   0.00176119 
_atom_sites.fract_transf_vector[1]      0.254968 
_atom_sites.fract_transf_vector[2]      -0.404856 
_atom_sites.fract_transf_vector[3]      0.006736 
# 
loop_
_atom_type.symbol 
C 
N 
O 
P 
S 
# 
loop_
_atom_site.group_PDB 
_atom_site.id 
_atom_site.type_symbol 
_atom_site.label_atom_id 
_atom_site.label_alt_id 
_atom_site.label_comp_id 
_atom_site.label_asym_id 
_atom_site.label_entity_id 
_atom_site.label_seq_id 
_atom_site.pdbx_PDB_ins_code 
_atom_site.Cartn_x 
_atom_site.Cartn_y 
_atom_site.Cartn_z 
_atom_site.occupancy 
_atom_site.B_iso_or_equiv 
_atom_site.pdbx_formal_charge 
_atom_site.auth_seq_id 
_atom_site.auth_comp_id 
_atom_site.auth_asym_id 
_atom_site.auth_atom_id 
_atom_site.pdbx_PDB_model_num 
ATOM   1    N N     . MET A 1 1   ? 12.064  15.573  11.990  1.00 51.55  ? 1   MET A N     1 
ATOM   2    C CA    . MET A 1 1   ? 11.067  15.533  10.927  1.00 63.30  ? 1   MET A CA    1 
ATOM   3    C C     . MET A 1 1   ? 9.653   15.625  11.487  1.00 69.11  ? 1   MET A C     1 
ATOM   4    O O     . MET A 1 1   ? 9.207   14.745  12.226  1.00 66.09  ? 1   MET A O     1 
ATOM   5    C CB    . MET A 1 1   ? 11.207  14.258  10.094  1.00 52.29  ? 1   MET A CB    1 
ATOM   6    C CG    . MET A 1 1   ? 10.187  14.154  8.970   1.00 57.38  ? 1   MET A CG    1 
ATOM   7    S SD    . MET A 1 1   ? 10.244  12.595  8.055   1.00 66.37  ? 1   MET A SD    1 
ATOM   8    C CE    . MET A 1 1   ? 11.806  12.734  7.194   1.00 52.72  ? 1   MET A CE    1 
ATOM   9    N N     . ARG A 1 2   ? 8.952   16.693  11.127  1.00 65.97  ? 2   ARG A N     1 
ATOM   10   C CA    . ARG A 1 2   ? 7.566   16.866  11.538  1.00 57.23  ? 2   ARG A CA    1 
ATOM   11   C C     . ARG A 1 2   ? 6.682   15.799  10.912  1.00 55.08  ? 2   ARG A C     1 
ATOM   12   O O     . ARG A 1 2   ? 6.951   15.324  9.805   1.00 50.50  ? 2   ARG A O     1 
ATOM   13   C CB    . ARG A 1 2   ? 7.059   18.251  11.139  1.00 63.78  ? 2   ARG A CB    1 
ATOM   14   C CG    . ARG A 1 2   ? 7.577   19.372  12.011  1.00 62.36  ? 2   ARG A CG    1 
ATOM   15   C CD    . ARG A 1 2   ? 6.989   20.706  11.589  1.00 64.14  ? 2   ARG A CD    1 
ATOM   16   N NE    . ARG A 1 2   ? 7.934   21.499  10.810  1.00 69.44  ? 2   ARG A NE    1 
ATOM   17   C CZ    . ARG A 1 2   ? 7.872   21.663  9.493   1.00 61.70  ? 2   ARG A CZ    1 
ATOM   18   N NH1   . ARG A 1 2   ? 6.901   21.094  8.793   1.00 50.00  ? 2   ARG A NH1   1 
ATOM   19   N NH2   . ARG A 1 2   ? 8.782   22.403  8.875   1.00 64.45  ? 2   ARG A NH2   1 
ATOM   20   N N     . MET A 1 3   ? 5.625   15.423  11.624  1.00 48.66  ? 3   MET A N     1 
ATOM   21   C CA    . MET A 1 3   ? 4.695   14.428  11.111  1.00 52.97  ? 3   MET A CA    1 
ATOM   22   C C     . MET A 1 3   ? 4.145   14.834  9.749   1.00 51.55  ? 3   MET A C     1 
ATOM   23   O O     . MET A 1 3   ? 4.004   14.002  8.855   1.00 56.35  ? 3   MET A O     1 
ATOM   24   C CB    . MET A 1 3   ? 3.558   14.180  12.101  1.00 48.63  ? 3   MET A CB    1 
ATOM   25   C CG    . MET A 1 3   ? 3.871   13.123  13.152  1.00 63.15  ? 3   MET A CG    1 
ATOM   26   S SD    . MET A 1 3   ? 4.258   11.504  12.426  1.00 85.01  ? 3   MET A SD    1 
ATOM   27   C CE    . MET A 1 3   ? 6.049   11.579  12.377  1.00 50.41  ? 3   MET A CE    1 
ATOM   28   N N     . ASP A 1 4   ? 3.854   16.119  9.588   1.00 53.00  ? 4   ASP A N     1 
ATOM   29   C CA    . ASP A 1 4   ? 3.339   16.629  8.324   1.00 49.72  ? 4   ASP A CA    1 
ATOM   30   C C     . ASP A 1 4   ? 4.351   16.419  7.208   1.00 52.41  ? 4   ASP A C     1 
ATOM   31   O O     . ASP A 1 4   ? 3.985   16.107  6.076   1.00 55.61  ? 4   ASP A O     1 
ATOM   32   C CB    . ASP A 1 4   ? 2.984   18.111  8.445   1.00 53.98  ? 4   ASP A CB    1 
ATOM   33   C CG    . ASP A 1 4   ? 4.176   18.969  8.827   1.00 58.25  ? 4   ASP A CG    1 
ATOM   34   O OD1   . ASP A 1 4   ? 4.877   19.453  7.913   1.00 62.77  ? 4   ASP A OD1   1 
ATOM   35   O OD2   . ASP A 1 4   ? 4.406   19.163  10.039  1.00 48.87  ? 4   ASP A OD2   1 
ATOM   36   N N     . GLU A 1 5   ? 5.626   16.595  7.531   1.00 51.11  ? 5   GLU A N     1 
ATOM   37   C CA    . GLU A 1 5   ? 6.684   16.360  6.562   1.00 59.63  ? 5   GLU A CA    1 
ATOM   38   C C     . GLU A 1 5   ? 6.673   14.900  6.144   1.00 58.23  ? 5   GLU A C     1 
ATOM   39   O O     . GLU A 1 5   ? 6.734   14.580  4.958   1.00 57.17  ? 5   GLU A O     1 
ATOM   40   C CB    . GLU A 1 5   ? 8.044   16.734  7.147   1.00 56.55  ? 5   GLU A CB    1 
ATOM   41   C CG    . GLU A 1 5   ? 8.136   18.181  7.588   1.00 54.11  ? 5   GLU A CG    1 
ATOM   42   C CD    . GLU A 1 5   ? 9.537   18.572  8.007   1.00 63.90  ? 5   GLU A CD    1 
ATOM   43   O OE1   . GLU A 1 5   ? 10.382  18.764  7.108   1.00 68.54  ? 5   GLU A OE1   1 
ATOM   44   O OE2   . GLU A 1 5   ? 9.796   18.687  9.227   1.00 57.02  ? 5   GLU A OE2   1 
ATOM   45   N N     . PHE A 1 6   ? 6.588   14.018  7.135   1.00 56.89  ? 6   PHE A N     1 
ATOM   46   C CA    . PHE A 1 6   ? 6.529   12.585  6.892   1.00 44.66  ? 6   PHE A CA    1 
ATOM   47   C C     . PHE A 1 6   ? 5.380   12.223  5.958   1.00 55.25  ? 6   PHE A C     1 
ATOM   48   O O     . PHE A 1 6   ? 5.596   11.651  4.888   1.00 55.75  ? 6   PHE A O     1 
ATOM   49   C CB    . PHE A 1 6   ? 6.388   11.828  8.213   1.00 52.00  ? 6   PHE A CB    1 
ATOM   50   C CG    . PHE A 1 6   ? 6.285   10.338  8.049   1.00 57.48  ? 6   PHE A CG    1 
ATOM   51   C CD1   . PHE A 1 6   ? 7.404   9.580   7.748   1.00 57.42  ? 6   PHE A CD1   1 
ATOM   52   C CD2   . PHE A 1 6   ? 5.068   9.693   8.197   1.00 59.12  ? 6   PHE A CD2   1 
ATOM   53   C CE1   . PHE A 1 6   ? 7.310   8.206   7.595   1.00 61.49  ? 6   PHE A CE1   1 
ATOM   54   C CE2   . PHE A 1 6   ? 4.968   8.319   8.048   1.00 55.83  ? 6   PHE A CE2   1 
ATOM   55   C CZ    . PHE A 1 6   ? 6.090   7.576   7.746   1.00 48.98  ? 6   PHE A CZ    1 
ATOM   56   N N     . TYR A 1 7   ? 4.159   12.561  6.368   1.00 56.08  ? 7   TYR A N     1 
ATOM   57   C CA    . TYR A 1 7   ? 2.968   12.258  5.577   1.00 53.51  ? 7   TYR A CA    1 
ATOM   58   C C     . TYR A 1 7   ? 3.133   12.700  4.127   1.00 51.86  ? 7   TYR A C     1 
ATOM   59   O O     . TYR A 1 7   ? 2.713   12.006  3.205   1.00 50.70  ? 7   TYR A O     1 
ATOM   60   C CB    . TYR A 1 7   ? 1.729   12.928  6.179   1.00 56.98  ? 7   TYR A CB    1 
ATOM   61   C CG    . TYR A 1 7   ? 1.130   12.201  7.365   1.00 60.97  ? 7   TYR A CG    1 
ATOM   62   C CD1   . TYR A 1 7   ? 1.843   12.052  8.545   1.00 60.93  ? 7   TYR A CD1   1 
ATOM   63   C CD2   . TYR A 1 7   ? -0.160  11.683  7.310   1.00 60.85  ? 7   TYR A CD2   1 
ATOM   64   C CE1   . TYR A 1 7   ? 1.300   11.394  9.634   1.00 59.46  ? 7   TYR A CE1   1 
ATOM   65   C CE2   . TYR A 1 7   ? -0.714  11.023  8.394   1.00 66.32  ? 7   TYR A CE2   1 
ATOM   66   C CZ    . TYR A 1 7   ? 0.024   10.883  9.554   1.00 76.71  ? 7   TYR A CZ    1 
ATOM   67   O OH    . TYR A 1 7   ? -0.514  10.230  10.642  1.00 81.95  ? 7   TYR A OH    1 
ATOM   68   N N     . THR A 1 8   ? 3.744   13.860  3.924   1.00 52.42  ? 8   THR A N     1 
ATOM   69   C CA    . THR A 1 8   ? 3.914   14.379  2.576   1.00 55.82  ? 8   THR A CA    1 
ATOM   70   C C     . THR A 1 8   ? 4.897   13.522  1.787   1.00 55.42  ? 8   THR A C     1 
ATOM   71   O O     . THR A 1 8   ? 4.631   13.162  0.641   1.00 59.70  ? 8   THR A O     1 
ATOM   72   C CB    . THR A 1 8   ? 4.340   15.865  2.576   1.00 56.62  ? 8   THR A CB    1 
ATOM   73   O OG1   . THR A 1 8   ? 3.275   16.663  3.110   1.00 58.53  ? 8   THR A OG1   1 
ATOM   74   C CG2   . THR A 1 8   ? 4.640   16.336  1.163   1.00 52.80  ? 8   THR A CG2   1 
ATOM   75   N N     . LYS A 1 9   ? 6.023   13.180  2.406   1.00 51.99  ? 9   LYS A N     1 
ATOM   76   C CA    . LYS A 1 9   ? 7.012   12.323  1.754   1.00 59.74  ? 9   LYS A CA    1 
ATOM   77   C C     . LYS A 1 9   ? 6.426   10.965  1.380   1.00 55.05  ? 9   LYS A C     1 
ATOM   78   O O     . LYS A 1 9   ? 6.562   10.515  0.239   1.00 52.91  ? 9   LYS A O     1 
ATOM   79   C CB    . LYS A 1 9   ? 8.253   12.153  2.629   1.00 55.64  ? 9   LYS A CB    1 
ATOM   80   C CG    . LYS A 1 9   ? 9.126   13.397  2.684   1.00 70.00  ? 9   LYS A CG    1 
ATOM   81   C CD    . LYS A 1 9   ? 10.410  13.162  3.459   1.00 69.93  ? 9   LYS A CD    1 
ATOM   82   C CE    . LYS A 1 9   ? 11.282  14.408  3.449   1.00 79.22  ? 9   LYS A CE    1 
ATOM   83   N NZ    . LYS A 1 9   ? 12.526  14.219  4.246   1.00 96.78  ? 9   LYS A NZ    1 
ATOM   84   N N     . VAL A 1 10  ? 5.775   10.320  2.345   1.00 49.46  ? 10  VAL A N     1 
ATOM   85   C CA    . VAL A 1 10  ? 5.090   9.056   2.098   1.00 45.63  ? 10  VAL A CA    1 
ATOM   86   C C     . VAL A 1 10  ? 4.170   9.169   0.889   1.00 49.97  ? 10  VAL A C     1 
ATOM   87   O O     . VAL A 1 10  ? 4.202   8.326   -0.006  1.00 54.31  ? 10  VAL A O     1 
ATOM   88   C CB    . VAL A 1 10  ? 4.264   8.622   3.319   1.00 48.35  ? 10  VAL A CB    1 
ATOM   89   C CG1   . VAL A 1 10  ? 3.432   7.393   2.996   1.00 38.40  ? 10  VAL A CG1   1 
ATOM   90   C CG2   . VAL A 1 10  ? 5.179   8.357   4.502   1.00 57.95  ? 10  VAL A CG2   1 
ATOM   91   N N     . TYR A 1 11  ? 3.361   10.221  0.858   1.00 51.01  ? 11  TYR A N     1 
ATOM   92   C CA    . TYR A 1 11  ? 2.463   10.454  -0.270  1.00 55.69  ? 11  TYR A CA    1 
ATOM   93   C C     . TYR A 1 11  ? 3.217   10.666  -1.580  1.00 53.66  ? 11  TYR A C     1 
ATOM   94   O O     . TYR A 1 11  ? 2.825   10.135  -2.616  1.00 52.57  ? 11  TYR A O     1 
ATOM   95   C CB    . TYR A 1 11  ? 1.536   11.636  0.007   1.00 54.82  ? 11  TYR A CB    1 
ATOM   96   C CG    . TYR A 1 11  ? 0.570   11.366  1.132   1.00 57.92  ? 11  TYR A CG    1 
ATOM   97   C CD1   . TYR A 1 11  ? 0.071   12.400  1.910   1.00 52.98  ? 11  TYR A CD1   1 
ATOM   98   C CD2   . TYR A 1 11  ? 0.159   10.072  1.419   1.00 61.52  ? 11  TYR A CD2   1 
ATOM   99   C CE1   . TYR A 1 11  ? -0.808  12.153  2.943   1.00 55.80  ? 11  TYR A CE1   1 
ATOM   100  C CE2   . TYR A 1 11  ? -0.722  9.814   2.452   1.00 58.99  ? 11  TYR A CE2   1 
ATOM   101  C CZ    . TYR A 1 11  ? -1.203  10.858  3.209   1.00 50.32  ? 11  TYR A CZ    1 
ATOM   102  O OH    . TYR A 1 11  ? -2.081  10.604  4.236   1.00 54.00  ? 11  TYR A OH    1 
ATOM   103  N N     . ASP A 1 12  ? 4.296   11.441  -1.537  1.00 50.65  ? 12  ASP A N     1 
ATOM   104  C CA    . ASP A 1 12  ? 5.092   11.659  -2.735  1.00 50.71  ? 12  ASP A CA    1 
ATOM   105  C C     . ASP A 1 12  ? 5.591   10.319  -3.231  1.00 55.12  ? 12  ASP A C     1 
ATOM   106  O O     . ASP A 1 12  ? 5.515   10.013  -4.420  1.00 57.71  ? 12  ASP A O     1 
ATOM   107  C CB    . ASP A 1 12  ? 6.282   12.578  -2.453  1.00 54.95  ? 12  ASP A CB    1 
ATOM   108  C CG    . ASP A 1 12  ? 5.869   14.010  -2.194  1.00 60.31  ? 12  ASP A CG    1 
ATOM   109  O OD1   . ASP A 1 12  ? 6.519   14.671  -1.357  1.00 71.90  ? 12  ASP A OD1   1 
ATOM   110  O OD2   . ASP A 1 12  ? 4.901   14.480  -2.825  1.00 61.17  ? 12  ASP A OD2   1 
ATOM   111  N N     . ALA A 1 13  ? 6.098   9.524   -2.294  1.00 60.09  ? 13  ALA A N     1 
ATOM   112  C CA    . ALA A 1 13  ? 6.654   8.211   -2.595  1.00 58.87  ? 13  ALA A CA    1 
ATOM   113  C C     . ALA A 1 13  ? 5.630   7.314   -3.280  1.00 55.79  ? 13  ALA A C     1 
ATOM   114  O O     . ALA A 1 13  ? 5.864   6.823   -4.385  1.00 48.59  ? 13  ALA A O     1 
ATOM   115  C CB    . ALA A 1 13  ? 7.166   7.559   -1.325  1.00 40.30  ? 13  ALA A CB    1 
ATOM   116  N N     . VAL A 1 14  ? 4.497   7.107   -2.617  1.00 58.92  ? 14  VAL A N     1 
ATOM   117  C CA    . VAL A 1 14  ? 3.445   6.247   -3.144  1.00 54.86  ? 14  VAL A CA    1 
ATOM   118  C C     . VAL A 1 14  ? 3.046   6.634   -4.564  1.00 59.13  ? 14  VAL A C     1 
ATOM   119  O O     . VAL A 1 14  ? 2.839   5.768   -5.412  1.00 71.96  ? 14  VAL A O     1 
ATOM   120  C CB    . VAL A 1 14  ? 2.196   6.258   -2.245  1.00 52.93  ? 14  VAL A CB    1 
ATOM   121  C CG1   . VAL A 1 14  ? 1.114   5.380   -2.841  1.00 51.82  ? 14  VAL A CG1   1 
ATOM   122  C CG2   . VAL A 1 14  ? 2.548   5.786   -0.844  1.00 53.25  ? 14  VAL A CG2   1 
ATOM   123  N N     . CYS A 1 15  ? 2.944   7.932   -4.828  1.00 53.56  ? 15  CYS A N     1 
ATOM   124  C CA    . CYS A 1 15  ? 2.587   8.396   -6.165  1.00 62.43  ? 15  CYS A CA    1 
ATOM   125  C C     . CYS A 1 15  ? 3.597   7.923   -7.210  1.00 70.36  ? 15  CYS A C     1 
ATOM   126  O O     . CYS A 1 15  ? 3.278   7.837   -8.397  1.00 64.67  ? 15  CYS A O     1 
ATOM   127  C CB    . CYS A 1 15  ? 2.440   9.922   -6.200  1.00 64.75  ? 15  CYS A CB    1 
ATOM   128  S SG    . CYS A 1 15  ? 0.901   10.548  -5.469  1.00 64.90  ? 15  CYS A SG    1 
ATOM   129  N N     . GLU A 1 16  ? 4.809   7.603   -6.764  1.00 65.86  ? 16  GLU A N     1 
ATOM   130  C CA    . GLU A 1 16  ? 5.857   7.137   -7.670  1.00 73.91  ? 16  GLU A CA    1 
ATOM   131  C C     . GLU A 1 16  ? 5.658   5.682   -8.099  1.00 70.57  ? 16  GLU A C     1 
ATOM   132  O O     . GLU A 1 16  ? 6.205   5.243   -9.114  1.00 63.16  ? 16  GLU A O     1 
ATOM   133  C CB    . GLU A 1 16  ? 7.240   7.309   -7.036  1.00 71.68  ? 16  GLU A CB    1 
ATOM   134  C CG    . GLU A 1 16  ? 7.621   8.746   -6.735  1.00 64.58  ? 16  GLU A CG    1 
ATOM   135  C CD    . GLU A 1 16  ? 9.003   8.858   -6.124  1.00 75.06  ? 16  GLU A CD    1 
ATOM   136  O OE1   . GLU A 1 16  ? 9.296   9.895   -5.488  1.00 79.15  ? 16  GLU A OE1   1 
ATOM   137  O OE2   . GLU A 1 16  ? 9.799   7.906   -6.279  1.00 67.92  ? 16  GLU A OE2   1 
ATOM   138  N N     . ILE A 1 17  ? 4.882   4.934   -7.319  1.00 65.97  ? 17  ILE A N     1 
ATOM   139  C CA    . ILE A 1 17  ? 4.596   3.540   -7.642  1.00 68.42  ? 17  ILE A CA    1 
ATOM   140  C C     . ILE A 1 17  ? 3.876   3.427   -8.982  1.00 65.60  ? 17  ILE A C     1 
ATOM   141  O O     . ILE A 1 17  ? 2.737   3.872   -9.122  1.00 69.28  ? 17  ILE A O     1 
ATOM   142  C CB    . ILE A 1 17  ? 3.743   2.869   -6.553  1.00 65.13  ? 17  ILE A CB    1 
ATOM   143  C CG1   . ILE A 1 17  ? 4.415   3.012   -5.186  1.00 61.92  ? 17  ILE A CG1   1 
ATOM   144  C CG2   . ILE A 1 17  ? 3.504   1.406   -6.890  1.00 57.84  ? 17  ILE A CG2   1 
ATOM   145  C CD1   . ILE A 1 17  ? 3.618   2.399   -4.050  1.00 55.84  ? 17  ILE A CD1   1 
ATOM   146  N N     . PRO A 1 18  ? 4.547   2.826   -9.974  1.00 66.62  ? 18  PRO A N     1 
ATOM   147  C CA    . PRO A 1 18  ? 4.039   2.666   -11.340 1.00 71.51  ? 18  PRO A CA    1 
ATOM   148  C C     . PRO A 1 18  ? 2.677   1.987   -11.384 1.00 73.91  ? 18  PRO A C     1 
ATOM   149  O O     . PRO A 1 18  ? 2.322   1.248   -10.466 1.00 71.90  ? 18  PRO A O     1 
ATOM   150  C CB    . PRO A 1 18  ? 5.086   1.760   -11.993 1.00 74.10  ? 18  PRO A CB    1 
ATOM   151  C CG    . PRO A 1 18  ? 6.329   2.021   -11.231 1.00 76.12  ? 18  PRO A CG    1 
ATOM   152  C CD    . PRO A 1 18  ? 5.889   2.244   -9.816  1.00 78.21  ? 18  PRO A CD    1 
ATOM   153  N N     . TYR A 1 19  ? 1.922   2.245   -12.445 1.00 77.38  ? 19  TYR A N     1 
ATOM   154  C CA    . TYR A 1 19  ? 0.646   1.579   -12.653 1.00 69.14  ? 19  TYR A CA    1 
ATOM   155  C C     . TYR A 1 19  ? 0.851   0.071   -12.621 1.00 73.15  ? 19  TYR A C     1 
ATOM   156  O O     . TYR A 1 19  ? 1.833   -0.443  -13.156 1.00 75.46  ? 19  TYR A O     1 
ATOM   157  C CB    . TYR A 1 19  ? 0.041   2.002   -13.992 1.00 69.52  ? 19  TYR A CB    1 
ATOM   158  C CG    . TYR A 1 19  ? -1.275  1.332   -14.313 1.00 84.68  ? 19  TYR A CG    1 
ATOM   159  C CD1   . TYR A 1 19  ? -1.312  0.074   -14.903 1.00 87.47  ? 19  TYR A CD1   1 
ATOM   160  C CD2   . TYR A 1 19  ? -2.481  1.960   -14.034 1.00 83.37  ? 19  TYR A CD2   1 
ATOM   161  C CE1   . TYR A 1 19  ? -2.513  -0.543  -15.198 1.00 85.43  ? 19  TYR A CE1   1 
ATOM   162  C CE2   . TYR A 1 19  ? -3.688  1.351   -14.327 1.00 86.97  ? 19  TYR A CE2   1 
ATOM   163  C CZ    . TYR A 1 19  ? -3.699  0.100   -14.909 1.00 95.79  ? 19  TYR A CZ    1 
ATOM   164  O OH    . TYR A 1 19  ? -4.899  -0.508  -15.202 1.00 97.14  ? 19  TYR A OH    1 
ATOM   165  N N     . GLY A 1 20  ? -0.070  -0.637  -11.978 1.00 76.79  ? 20  GLY A N     1 
ATOM   166  C CA    . GLY A 1 20  ? -0.020  -2.088  -11.934 1.00 86.32  ? 20  GLY A CA    1 
ATOM   167  C C     . GLY A 1 20  ? 1.150   -2.645  -11.146 1.00 79.22  ? 20  GLY A C     1 
ATOM   168  O O     . GLY A 1 20  ? 1.428   -3.843  -11.203 1.00 80.86  ? 20  GLY A O     1 
ATOM   169  N N     . LYS A 1 21  ? 1.838   -1.776  -10.412 1.00 76.08  ? 21  LYS A N     1 
ATOM   170  C CA    . LYS A 1 21  ? 2.926   -2.205  -9.539  1.00 74.21  ? 21  LYS A CA    1 
ATOM   171  C C     . LYS A 1 21  ? 2.506   -2.111  -8.075  1.00 71.64  ? 21  LYS A C     1 
ATOM   172  O O     . LYS A 1 21  ? 1.439   -1.586  -7.758  1.00 63.15  ? 21  LYS A O     1 
ATOM   173  C CB    . LYS A 1 21  ? 4.181   -1.368  -9.786  1.00 77.78  ? 21  LYS A CB    1 
ATOM   174  C CG    . LYS A 1 21  ? 5.375   -2.175  -10.262 1.00 78.66  ? 21  LYS A CG    1 
ATOM   175  C CD    . LYS A 1 21  ? 5.026   -2.973  -11.511 1.00 85.81  ? 21  LYS A CD    1 
ATOM   176  C CE    . LYS A 1 21  ? 6.245   -3.679  -12.087 1.00 98.22  ? 21  LYS A CE    1 
ATOM   177  N NZ    . LYS A 1 21  ? 6.826   -4.676  -11.146 1.00 91.30  ? 21  LYS A NZ    1 
ATOM   178  N N     . VAL A 1 22  ? 3.351   -2.616  -7.185  1.00 62.67  ? 22  VAL A N     1 
ATOM   179  C CA    . VAL A 1 22  ? 3.025   -2.660  -5.767  1.00 53.00  ? 22  VAL A CA    1 
ATOM   180  C C     . VAL A 1 22  ? 4.260   -2.398  -4.910  1.00 60.26  ? 22  VAL A C     1 
ATOM   181  O O     . VAL A 1 22  ? 5.378   -2.733  -5.301  1.00 64.52  ? 22  VAL A O     1 
ATOM   182  C CB    . VAL A 1 22  ? 2.423   -4.033  -5.395  1.00 57.00  ? 22  VAL A CB    1 
ATOM   183  C CG1   . VAL A 1 22  ? 2.457   -4.259  -3.894  1.00 64.39  ? 22  VAL A CG1   1 
ATOM   184  C CG2   . VAL A 1 22  ? 1.004   -4.158  -5.928  1.00 65.08  ? 22  VAL A CG2   1 
ATOM   185  N N     . SER A 1 23  ? 4.059   -1.780  -3.750  1.00 51.72  ? 23  SER A N     1 
ATOM   186  C CA    . SER A 1 23  ? 5.128   -1.660  -2.768  1.00 47.75  ? 23  SER A CA    1 
ATOM   187  C C     . SER A 1 23  ? 4.609   -1.965  -1.365  1.00 49.63  ? 23  SER A C     1 
ATOM   188  O O     . SER A 1 23  ? 3.452   -2.353  -1.191  1.00 49.13  ? 23  SER A O     1 
ATOM   189  C CB    . SER A 1 23  ? 5.798   -0.289  -2.824  1.00 46.90  ? 23  SER A CB    1 
ATOM   190  O OG    . SER A 1 23  ? 6.948   -0.260  -1.994  1.00 45.14  ? 23  SER A OG    1 
ATOM   191  N N     . THR A 1 24  ? 5.470   -1.774  -0.373  1.00 47.00  ? 24  THR A N     1 
ATOM   192  C CA    . THR A 1 24  ? 5.216   -2.254  0.981   1.00 46.72  ? 24  THR A CA    1 
ATOM   193  C C     . THR A 1 24  ? 5.315   -1.143  2.020   1.00 52.83  ? 24  THR A C     1 
ATOM   194  O O     . THR A 1 24  ? 6.114   -0.220  1.874   1.00 58.11  ? 24  THR A O     1 
ATOM   195  C CB    . THR A 1 24  ? 6.217   -3.365  1.327   1.00 50.27  ? 24  THR A CB    1 
ATOM   196  O OG1   . THR A 1 24  ? 5.844   -4.561  0.634   1.00 60.60  ? 24  THR A OG1   1 
ATOM   197  C CG2   . THR A 1 24  ? 6.232   -3.645  2.811   1.00 67.24  ? 24  THR A CG2   1 
ATOM   198  N N     . TYR A 1 25  ? 4.500   -1.227  3.068   1.00 55.98  ? 25  TYR A N     1 
ATOM   199  C CA    . TYR A 1 25  ? 4.558   -0.237  4.141   1.00 51.62  ? 25  TYR A CA    1 
ATOM   200  C C     . TYR A 1 25  ? 6.002   -0.037  4.581   1.00 52.20  ? 25  TYR A C     1 
ATOM   201  O O     . TYR A 1 25  ? 6.507   1.086   4.604   1.00 49.20  ? 25  TYR A O     1 
ATOM   202  C CB    . TYR A 1 25  ? 3.702   -0.665  5.342   1.00 47.58  ? 25  TYR A CB    1 
ATOM   203  C CG    . TYR A 1 25  ? 2.256   -0.939  5.001   1.00 48.50  ? 25  TYR A CG    1 
ATOM   204  C CD1   . TYR A 1 25  ? 1.734   -2.219  5.093   1.00 46.45  ? 25  TYR A CD1   1 
ATOM   205  C CD2   . TYR A 1 25  ? 1.415   0.084   4.573   1.00 53.95  ? 25  TYR A CD2   1 
ATOM   206  C CE1   . TYR A 1 25  ? 0.418   -2.477  4.778   1.00 56.51  ? 25  TYR A CE1   1 
ATOM   207  C CE2   . TYR A 1 25  ? 0.095   -0.165  4.256   1.00 47.25  ? 25  TYR A CE2   1 
ATOM   208  C CZ    . TYR A 1 25  ? -0.398  -1.449  4.359   1.00 58.21  ? 25  TYR A CZ    1 
ATOM   209  O OH    . TYR A 1 25  ? -1.711  -1.712  4.045   1.00 53.37  ? 25  TYR A OH    1 
ATOM   210  N N     . GLY A 1 26  ? 6.665   -1.140  4.914   1.00 54.75  ? 26  GLY A N     1 
ATOM   211  C CA    . GLY A 1 26  ? 8.038   -1.100  5.379   1.00 47.37  ? 26  GLY A CA    1 
ATOM   212  C C     . GLY A 1 26  ? 9.005   -0.547  4.350   1.00 39.45  ? 26  GLY A C     1 
ATOM   213  O O     . GLY A 1 26  ? 9.957   0.151   4.692   1.00 43.85  ? 26  GLY A O     1 
ATOM   214  N N     . GLU A 1 27  ? 8.763   -0.864  3.084   1.00 37.61  ? 27  GLU A N     1 
ATOM   215  C CA    . GLU A 1 27  ? 9.632   -0.408  2.015   1.00 47.45  ? 27  GLU A CA    1 
ATOM   216  C C     . GLU A 1 27  ? 9.530   1.099   1.866   1.00 53.88  ? 27  GLU A C     1 
ATOM   217  O O     . GLU A 1 27  ? 10.536  1.798   1.747   1.00 56.80  ? 27  GLU A O     1 
ATOM   218  C CB    . GLU A 1 27  ? 9.268   -1.088  0.696   1.00 56.81  ? 27  GLU A CB    1 
ATOM   219  C CG    . GLU A 1 27  ? 10.197  -0.722  -0.447  1.00 68.74  ? 27  GLU A CG    1 
ATOM   220  C CD    . GLU A 1 27  ? 11.642  -1.088  -0.158  1.00 69.83  ? 27  GLU A CD    1 
ATOM   221  O OE1   . GLU A 1 27  ? 12.541  -0.293  -0.506  1.00 75.45  ? 27  GLU A OE1   1 
ATOM   222  O OE2   . GLU A 1 27  ? 11.880  -2.171  0.416   1.00 63.23  ? 27  GLU A OE2   1 
ATOM   223  N N     . ILE A 1 28  ? 8.301   1.597   1.876   1.00 53.76  ? 28  ILE A N     1 
ATOM   224  C CA    . ILE A 1 28  ? 8.069   3.028   1.772   1.00 51.89  ? 28  ILE A CA    1 
ATOM   225  C C     . ILE A 1 28  ? 8.693   3.737   2.963   1.00 45.54  ? 28  ILE A C     1 
ATOM   226  O O     . ILE A 1 28  ? 9.385   4.744   2.804   1.00 45.59  ? 28  ILE A O     1 
ATOM   227  C CB    . ILE A 1 28  ? 6.566   3.346   1.692   1.00 44.47  ? 28  ILE A CB    1 
ATOM   228  C CG1   . ILE A 1 28  ? 5.947   2.650   0.484   1.00 52.39  ? 28  ILE A CG1   1 
ATOM   229  C CG2   . ILE A 1 28  ? 6.342   4.837   1.581   1.00 47.47  ? 28  ILE A CG2   1 
ATOM   230  C CD1   . ILE A 1 28  ? 6.560   3.069   -0.834  1.00 45.05  ? 28  ILE A CD1   1 
ATOM   231  N N     . ALA A 1 29  ? 8.451   3.204   4.157   1.00 41.78  ? 29  ALA A N     1 
ATOM   232  C CA    . ALA A 1 29  ? 9.022   3.776   5.372   1.00 45.66  ? 29  ALA A CA    1 
ATOM   233  C C     . ALA A 1 29  ? 10.530  3.932   5.227   1.00 50.02  ? 29  ALA A C     1 
ATOM   234  O O     . ALA A 1 29  ? 11.075  5.021   5.406   1.00 41.45  ? 29  ALA A O     1 
ATOM   235  C CB    . ALA A 1 29  ? 8.687   2.914   6.574   1.00 44.63  ? 29  ALA A CB    1 
ATOM   236  N N     . ARG A 1 30  ? 11.203  2.835   4.895   1.00 51.71  ? 30  ARG A N     1 
ATOM   237  C CA    . ARG A 1 30  ? 12.638  2.878   4.666   1.00 55.03  ? 30  ARG A CA    1 
ATOM   238  C C     . ARG A 1 30  ? 12.954  3.912   3.593   1.00 54.68  ? 30  ARG A C     1 
ATOM   239  O O     . ARG A 1 30  ? 13.808  4.778   3.778   1.00 58.22  ? 30  ARG A O     1 
ATOM   240  C CB    . ARG A 1 30  ? 13.161  1.497   4.262   1.00 45.88  ? 30  ARG A CB    1 
ATOM   241  C CG    . ARG A 1 30  ? 13.113  0.470   5.387   1.00 58.25  ? 30  ARG A CG    1 
ATOM   242  C CD    . ARG A 1 30  ? 13.728  -0.862  4.974   1.00 42.56  ? 30  ARG A CD    1 
ATOM   243  N NE    . ARG A 1 30  ? 12.983  -1.505  3.894   1.00 57.39  ? 30  ARG A NE    1 
ATOM   244  C CZ    . ARG A 1 30  ? 12.058  -2.444  4.075   1.00 58.62  ? 30  ARG A CZ    1 
ATOM   245  N NH1   . ARG A 1 30  ? 11.758  -2.860  5.299   1.00 52.48  ? 30  ARG A NH1   1 
ATOM   246  N NH2   . ARG A 1 30  ? 11.432  -2.971  3.031   1.00 43.11  ? 30  ARG A NH2   1 
ATOM   247  N N     . TYR A 1 31  ? 12.232  3.823   2.483   1.00 45.77  ? 31  TYR A N     1 
ATOM   248  C CA    . TYR A 1 31  ? 12.430  4.709   1.344   1.00 46.27  ? 31  TYR A CA    1 
ATOM   249  C C     . TYR A 1 31  ? 12.472  6.194   1.707   1.00 47.29  ? 31  TYR A C     1 
ATOM   250  O O     . TYR A 1 31  ? 13.205  6.962   1.087   1.00 59.98  ? 31  TYR A O     1 
ATOM   251  C CB    . TYR A 1 31  ? 11.342  4.457   0.302   1.00 49.33  ? 31  TYR A CB    1 
ATOM   252  C CG    . TYR A 1 31  ? 11.481  5.284   -0.950  1.00 52.94  ? 31  TYR A CG    1 
ATOM   253  C CD1   . TYR A 1 31  ? 12.256  4.843   -2.016  1.00 64.16  ? 31  TYR A CD1   1 
ATOM   254  C CD2   . TYR A 1 31  ? 10.826  6.500   -1.075  1.00 51.75  ? 31  TYR A CD2   1 
ATOM   255  C CE1   . TYR A 1 31  ? 12.379  5.595   -3.168  1.00 57.71  ? 31  TYR A CE1   1 
ATOM   256  C CE2   . TYR A 1 31  ? 10.943  7.258   -2.223  1.00 60.94  ? 31  TYR A CE2   1 
ATOM   257  C CZ    . TYR A 1 31  ? 11.720  6.802   -3.265  1.00 67.16  ? 31  TYR A CZ    1 
ATOM   258  O OH    . TYR A 1 31  ? 11.839  7.557   -4.408  1.00 78.23  ? 31  TYR A OH    1 
ATOM   259  N N     . VAL A 1 32  ? 11.688  6.603   2.700   1.00 52.13  ? 32  VAL A N     1 
ATOM   260  C CA    . VAL A 1 32  ? 11.655  8.015   3.094   1.00 52.86  ? 32  VAL A CA    1 
ATOM   261  C C     . VAL A 1 32  ? 12.546  8.299   4.300   1.00 46.68  ? 32  VAL A C     1 
ATOM   262  O O     . VAL A 1 32  ? 12.414  9.338   4.945   1.00 51.67  ? 32  VAL A O     1 
ATOM   263  C CB    . VAL A 1 32  ? 10.222  8.511   3.394   1.00 44.42  ? 32  VAL A CB    1 
ATOM   264  C CG1   . VAL A 1 32  ? 9.312   8.263   2.205   1.00 50.32  ? 32  VAL A CG1   1 
ATOM   265  C CG2   . VAL A 1 32  ? 9.671   7.841   4.640   1.00 52.32  ? 32  VAL A CG2   1 
ATOM   266  N N     . GLY A 1 33  ? 13.446  7.370   4.601   1.00 45.88  ? 33  GLY A N     1 
ATOM   267  C CA    . GLY A 1 33  ? 14.400  7.556   5.678   1.00 52.49  ? 33  GLY A CA    1 
ATOM   268  C C     . GLY A 1 33  ? 13.823  7.334   7.061   1.00 55.12  ? 33  GLY A C     1 
ATOM   269  O O     . GLY A 1 33  ? 14.355  7.827   8.048   1.00 64.37  ? 33  GLY A O     1 
ATOM   270  N N     . MET A 1 34  ? 12.738  6.575   7.133   1.00 58.48  ? 34  MET A N     1 
ATOM   271  C CA    . MET A 1 34  ? 12.066  6.322   8.398   1.00 52.86  ? 34  MET A CA    1 
ATOM   272  C C     . MET A 1 34  ? 11.741  4.838   8.520   1.00 53.76  ? 34  MET A C     1 
ATOM   273  O O     . MET A 1 34  ? 10.576  4.445   8.493   1.00 57.34  ? 34  MET A O     1 
ATOM   274  C CB    . MET A 1 34  ? 10.791  7.157   8.479   1.00 51.15  ? 34  MET A CB    1 
ATOM   275  C CG    . MET A 1 34  ? 11.034  8.661   8.449   1.00 52.23  ? 34  MET A CG    1 
ATOM   276  S SD    . MET A 1 34  ? 11.470  9.332   10.067  1.00 62.77  ? 34  MET A SD    1 
ATOM   277  C CE    . MET A 1 34  ? 13.240  9.538   9.912   1.00 80.70  ? 34  MET A CE    1 
ATOM   278  N N     . PRO A 1 35  ? 12.780  4.008   8.668   1.00 60.43  ? 35  PRO A N     1 
ATOM   279  C CA    . PRO A 1 35  ? 12.649  2.548   8.615   1.00 56.59  ? 35  PRO A CA    1 
ATOM   280  C C     . PRO A 1 35  ? 11.681  1.998   9.658   1.00 59.04  ? 35  PRO A C     1 
ATOM   281  O O     . PRO A 1 35  ? 11.007  1.003   9.391   1.00 61.06  ? 35  PRO A O     1 
ATOM   282  C CB    . PRO A 1 35  ? 14.070  2.057   8.912   1.00 60.18  ? 35  PRO A CB    1 
ATOM   283  C CG    . PRO A 1 35  ? 14.956  3.230   8.627   1.00 62.67  ? 35  PRO A CG    1 
ATOM   284  C CD    . PRO A 1 35  ? 14.155  4.432   8.980   1.00 48.60  ? 35  PRO A CD    1 
ATOM   285  N N     . SER A 1 36  ? 11.611  2.631   10.825  1.00 47.08  ? 36  SER A N     1 
ATOM   286  C CA    . SER A 1 36  ? 10.775  2.118   11.903  1.00 50.56  ? 36  SER A CA    1 
ATOM   287  C C     . SER A 1 36  ? 9.340   2.629   11.816  1.00 57.88  ? 36  SER A C     1 
ATOM   288  O O     . SER A 1 36  ? 8.477   2.224   12.596  1.00 65.05  ? 36  SER A O     1 
ATOM   289  C CB    . SER A 1 36  ? 11.382  2.464   13.266  1.00 50.91  ? 36  SER A CB    1 
ATOM   290  O OG    . SER A 1 36  ? 11.514  3.864   13.427  1.00 55.81  ? 36  SER A OG    1 
ATOM   291  N N     . TYR A 1 37  ? 9.086   3.505   10.852  1.00 47.89  ? 37  TYR A N     1 
ATOM   292  C CA    . TYR A 1 37  ? 7.782   4.145   10.729  1.00 52.09  ? 37  TYR A CA    1 
ATOM   293  C C     . TYR A 1 37  ? 6.833   3.429   9.769   1.00 54.46  ? 37  TYR A C     1 
ATOM   294  O O     . TYR A 1 37  ? 5.974   4.054   9.149   1.00 51.58  ? 37  TYR A O     1 
ATOM   295  C CB    . TYR A 1 37  ? 7.955   5.607   10.330  1.00 53.53  ? 37  TYR A CB    1 
ATOM   296  C CG    . TYR A 1 37  ? 8.286   6.492   11.504  1.00 52.95  ? 37  TYR A CG    1 
ATOM   297  C CD1   . TYR A 1 37  ? 9.450   6.299   12.235  1.00 55.69  ? 37  TYR A CD1   1 
ATOM   298  C CD2   . TYR A 1 37  ? 7.430   7.513   11.888  1.00 55.54  ? 37  TYR A CD2   1 
ATOM   299  C CE1   . TYR A 1 37  ? 9.752   7.103   13.316  1.00 64.46  ? 37  TYR A CE1   1 
ATOM   300  C CE2   . TYR A 1 37  ? 7.722   8.320   12.966  1.00 63.69  ? 37  TYR A CE2   1 
ATOM   301  C CZ    . TYR A 1 37  ? 8.883   8.113   13.675  1.00 71.92  ? 37  TYR A CZ    1 
ATOM   302  O OH    . TYR A 1 37  ? 9.174   8.920   14.748  1.00 70.91  ? 37  TYR A OH    1 
ATOM   303  N N     . ALA A 1 38  ? 6.983   2.115   9.663   1.00 57.41  ? 38  ALA A N     1 
ATOM   304  C CA    . ALA A 1 38  ? 6.131   1.319   8.792   1.00 56.56  ? 38  ALA A CA    1 
ATOM   305  C C     . ALA A 1 38  ? 4.663   1.439   9.187   1.00 53.14  ? 38  ALA A C     1 
ATOM   306  O O     . ALA A 1 38  ? 3.791   1.601   8.335   1.00 52.89  ? 38  ALA A O     1 
ATOM   307  C CB    . ALA A 1 38  ? 6.569   -0.137  8.812   1.00 61.23  ? 38  ALA A CB    1 
ATOM   308  N N     . ARG A 1 39  ? 4.395   1.360   10.486  1.00 56.12  ? 39  ARG A N     1 
ATOM   309  C CA    . ARG A 1 39  ? 3.029   1.453   10.976  1.00 54.27  ? 39  ARG A CA    1 
ATOM   310  C C     . ARG A 1 39  ? 2.417   2.795   10.601  1.00 52.25  ? 39  ARG A C     1 
ATOM   311  O O     . ARG A 1 39  ? 1.242   2.878   10.247  1.00 59.11  ? 39  ARG A O     1 
ATOM   312  C CB    . ARG A 1 39  ? 2.976   1.243   12.492  1.00 50.67  ? 39  ARG A CB    1 
ATOM   313  C CG    . ARG A 1 39  ? 3.574   -0.083  12.945  1.00 62.43  ? 39  ARG A CG    1 
ATOM   314  C CD    . ARG A 1 39  ? 3.083   -0.495  14.328  1.00 60.50  ? 39  ARG A CD    1 
ATOM   315  N NE    . ARG A 1 39  ? 1.720   -1.022  14.298  1.00 59.61  ? 39  ARG A NE    1 
ATOM   316  C CZ    . ARG A 1 39  ? 1.159   -1.708  15.291  1.00 58.42  ? 39  ARG A CZ    1 
ATOM   317  N NH1   . ARG A 1 39  ? -0.087  -2.149  15.173  1.00 50.68  ? 39  ARG A NH1   1 
ATOM   318  N NH2   . ARG A 1 39  ? 1.844   -1.959  16.399  1.00 46.76  ? 39  ARG A NH2   1 
ATOM   319  N N     . GLN A 1 40  ? 3.228   3.844   10.666  1.00 54.16  ? 40  GLN A N     1 
ATOM   320  C CA    . GLN A 1 40  ? 2.759   5.191   10.380  1.00 53.89  ? 40  GLN A CA    1 
ATOM   321  C C     . GLN A 1 40  ? 2.483   5.363   8.889   1.00 48.93  ? 40  GLN A C     1 
ATOM   322  O O     . GLN A 1 40  ? 1.664   6.186   8.490   1.00 54.84  ? 40  GLN A O     1 
ATOM   323  C CB    . GLN A 1 40  ? 3.776   6.222   10.869  1.00 50.60  ? 40  GLN A CB    1 
ATOM   324  C CG    . GLN A 1 40  ? 4.895   5.622   11.705  1.00 55.20  ? 40  GLN A CG    1 
ATOM   325  C CD    . GLN A 1 40  ? 4.413   4.989   12.992  1.00 58.08  ? 40  GLN A CD    1 
ATOM   326  O OE1   . GLN A 1 40  ? 3.546   5.526   13.681  1.00 56.36  ? 40  GLN A OE1   1 
ATOM   327  N NE2   . GLN A 1 40  ? 4.977   3.834   13.323  1.00 62.03  ? 40  GLN A NE2   1 
ATOM   328  N N     . VAL A 1 41  ? 3.169   4.584   8.062   1.00 47.19  ? 41  VAL A N     1 
ATOM   329  C CA    . VAL A 1 41  ? 2.860   4.570   6.640   1.00 51.01  ? 41  VAL A CA    1 
ATOM   330  C C     . VAL A 1 41  ? 1.439   4.038   6.450   1.00 52.90  ? 41  VAL A C     1 
ATOM   331  O O     . VAL A 1 41  ? 0.701   4.482   5.567   1.00 48.56  ? 41  VAL A O     1 
ATOM   332  C CB    . VAL A 1 41  ? 3.854   3.707   5.844   1.00 40.66  ? 41  VAL A CB    1 
ATOM   333  C CG1   . VAL A 1 41  ? 3.516   3.738   4.366   1.00 44.03  ? 41  VAL A CG1   1 
ATOM   334  C CG2   . VAL A 1 41  ? 5.271   4.198   6.060   1.00 40.94  ? 41  VAL A CG2   1 
ATOM   335  N N     . GLY A 1 42  ? 1.055   3.087   7.294   1.00 47.69  ? 42  GLY A N     1 
ATOM   336  C CA    . GLY A 1 42  ? -0.315  2.614   7.311   1.00 48.40  ? 42  GLY A CA    1 
ATOM   337  C C     . GLY A 1 42  ? -1.258  3.760   7.613   1.00 51.15  ? 42  GLY A C     1 
ATOM   338  O O     . GLY A 1 42  ? -2.177  4.053   6.842   1.00 53.10  ? 42  GLY A O     1 
ATOM   339  N N     . GLN A 1 43  ? -1.013  4.416   8.743   1.00 56.25  ? 43  GLN A N     1 
ATOM   340  C CA    . GLN A 1 43  ? -1.799  5.566   9.166   1.00 49.16  ? 43  GLN A CA    1 
ATOM   341  C C     . GLN A 1 43  ? -1.988  6.566   8.031   1.00 52.94  ? 43  GLN A C     1 
ATOM   342  O O     . GLN A 1 43  ? -3.108  6.978   7.738   1.00 56.90  ? 43  GLN A O     1 
ATOM   343  C CB    . GLN A 1 43  ? -1.123  6.259   10.344  1.00 54.31  ? 43  GLN A CB    1 
ATOM   344  C CG    . GLN A 1 43  ? -0.867  5.367   11.551  1.00 56.15  ? 43  GLN A CG    1 
ATOM   345  C CD    . GLN A 1 43  ? -0.216  6.129   12.700  1.00 79.40  ? 43  GLN A CD    1 
ATOM   346  O OE1   . GLN A 1 43  ? 0.215   7.274   12.540  1.00 62.83  ? 43  GLN A OE1   1 
ATOM   347  N NE2   . GLN A 1 43  ? -0.147  5.495   13.866  1.00 69.11  ? 43  GLN A NE2   1 
ATOM   348  N N     . ALA A 1 44  ? -0.886  6.966   7.408   1.00 45.37  ? 44  ALA A N     1 
ATOM   349  C CA    . ALA A 1 44  ? -0.940  7.906   6.297   1.00 50.63  ? 44  ALA A CA    1 
ATOM   350  C C     . ALA A 1 44  ? -1.958  7.459   5.251   1.00 51.20  ? 44  ALA A C     1 
ATOM   351  O O     . ALA A 1 44  ? -2.782  8.248   4.798   1.00 56.46  ? 44  ALA A O     1 
ATOM   352  C CB    . ALA A 1 44  ? 0.432   8.064   5.668   1.00 48.60  ? 44  ALA A CB    1 
ATOM   353  N N     . MET A 1 45  ? -1.900  6.186   4.879   1.00 52.72  ? 45  MET A N     1 
ATOM   354  C CA    . MET A 1 45  ? -2.822  5.632   3.895   1.00 58.73  ? 45  MET A CA    1 
ATOM   355  C C     . MET A 1 45  ? -4.268  5.738   4.362   1.00 57.22  ? 45  MET A C     1 
ATOM   356  O O     . MET A 1 45  ? -5.153  6.150   3.612   1.00 57.05  ? 45  MET A O     1 
ATOM   357  C CB    . MET A 1 45  ? -2.489  4.164   3.622   1.00 56.97  ? 45  MET A CB    1 
ATOM   358  C CG    . MET A 1 45  ? -1.125  3.926   2.997   1.00 52.85  ? 45  MET A CG    1 
ATOM   359  S SD    . MET A 1 45  ? -0.860  4.841   1.464   1.00 53.89  ? 45  MET A SD    1 
ATOM   360  C CE    . MET A 1 45  ? -0.083  6.332   2.082   1.00 48.01  ? 45  MET A CE    1 
ATOM   361  N N     . LYS A 1 46  ? -4.493  5.348   5.610   1.00 50.26  ? 46  LYS A N     1 
ATOM   362  C CA    . LYS A 1 46  ? -5.826  5.336   6.185   1.00 47.90  ? 46  LYS A CA    1 
ATOM   363  C C     . LYS A 1 46  ? -6.411  6.742   6.276   1.00 61.22  ? 46  LYS A C     1 
ATOM   364  O O     . LYS A 1 46  ? -7.609  6.939   6.084   1.00 69.94  ? 46  LYS A O     1 
ATOM   365  C CB    . LYS A 1 46  ? -5.773  4.704   7.574   1.00 52.42  ? 46  LYS A CB    1 
ATOM   366  C CG    . LYS A 1 46  ? -7.084  4.711   8.331   1.00 61.56  ? 46  LYS A CG    1 
ATOM   367  C CD    . LYS A 1 46  ? -6.879  4.164   9.734   1.00 74.94  ? 46  LYS A CD    1 
ATOM   368  C CE    . LYS A 1 46  ? -8.196  3.959   10.455  1.00 82.41  ? 46  LYS A CE    1 
ATOM   369  N NZ    . LYS A 1 46  ? -7.981  3.322   11.784  1.00 81.82  ? 46  LYS A NZ    1 
ATOM   370  N N     A HIS A 1 47  ? -5.557  7.719   6.559   0.48 60.13  ? 47  HIS A N     1 
ATOM   371  N N     B HIS A 1 47  ? -5.553  7.715   6.574   0.52 60.40  ? 47  HIS A N     1 
ATOM   372  C CA    A HIS A 1 47  ? -6.003  9.092   6.755   0.48 56.69  ? 47  HIS A CA    1 
ATOM   373  C CA    B HIS A 1 47  ? -5.974  9.100   6.752   0.52 56.69  ? 47  HIS A CA    1 
ATOM   374  C C     A HIS A 1 47  ? -6.466  9.761   5.462   0.48 56.76  ? 47  HIS A C     1 
ATOM   375  C C     B HIS A 1 47  ? -6.522  9.708   5.463   0.52 56.84  ? 47  HIS A C     1 
ATOM   376  O O     A HIS A 1 47  ? -7.197  10.749  5.494   0.48 65.03  ? 47  HIS A O     1 
ATOM   377  O O     B HIS A 1 47  ? -7.371  10.597  5.499   0.52 64.97  ? 47  HIS A O     1 
ATOM   378  C CB    A HIS A 1 47  ? -4.905  9.919   7.424   0.48 59.48  ? 47  HIS A CB    1 
ATOM   379  C CB    B HIS A 1 47  ? -4.808  9.944   7.278   0.52 59.46  ? 47  HIS A CB    1 
ATOM   380  C CG    A HIS A 1 47  ? -4.575  9.472   8.816   0.48 61.30  ? 47  HIS A CG    1 
ATOM   381  C CG    B HIS A 1 47  ? -5.132  11.398  7.445   0.52 61.42  ? 47  HIS A CG    1 
ATOM   382  N ND1   A HIS A 1 47  ? -3.514  9.978   9.527   0.48 60.46  ? 47  HIS A ND1   1 
ATOM   383  N ND1   B HIS A 1 47  ? -5.800  11.891  8.547   0.52 56.20  ? 47  HIS A ND1   1 
ATOM   384  C CD2   A HIS A 1 47  ? -5.176  8.563   9.621   0.48 55.81  ? 47  HIS A CD2   1 
ATOM   385  C CD2   B HIS A 1 47  ? -4.876  12.466  6.654   0.52 53.67  ? 47  HIS A CD2   1 
ATOM   386  C CE1   A HIS A 1 47  ? -3.470  9.399   10.718  0.48 61.70  ? 47  HIS A CE1   1 
ATOM   387  C CE1   B HIS A 1 47  ? -5.942  13.199  8.425   0.52 56.32  ? 47  HIS A CE1   1 
ATOM   388  N NE2   A HIS A 1 47  ? -4.465  8.540   10.797  0.48 57.08  ? 47  HIS A NE2   1 
ATOM   389  N NE2   B HIS A 1 47  ? -5.389  13.573  7.284   0.52 55.73  ? 47  HIS A NE2   1 
ATOM   390  N N     . LEU A 1 48  ? -6.037  9.222   4.325   1.00 48.11  ? 48  LEU A N     1 
ATOM   391  C CA    . LEU A 1 48  ? -6.432  9.773   3.031   1.00 64.33  ? 48  LEU A CA    1 
ATOM   392  C C     . LEU A 1 48  ? -7.950  9.819   2.836   1.00 69.62  ? 48  LEU A C     1 
ATOM   393  O O     . LEU A 1 48  ? -8.685  8.994   3.380   1.00 73.71  ? 48  LEU A O     1 
ATOM   394  C CB    . LEU A 1 48  ? -5.786  8.980   1.894   1.00 65.28  ? 48  LEU A CB    1 
ATOM   395  C CG    . LEU A 1 48  ? -4.281  9.172   1.712   1.00 58.90  ? 48  LEU A CG    1 
ATOM   396  C CD1   . LEU A 1 48  ? -3.666  7.979   1.006   1.00 58.39  ? 48  LEU A CD1   1 
ATOM   397  C CD2   . LEU A 1 48  ? -3.988  10.458  0.960   1.00 56.25  ? 48  LEU A CD2   1 
ATOM   398  N N     . HIS A 1 49  ? -8.408  10.796  2.062   1.00 69.06  ? 49  HIS A N     1 
ATOM   399  C CA    . HIS A 1 49  ? -9.817  10.897  1.706   1.00 68.53  ? 49  HIS A CA    1 
ATOM   400  C C     . HIS A 1 49  ? -10.068 10.084  0.444   1.00 70.20  ? 49  HIS A C     1 
ATOM   401  O O     . HIS A 1 49  ? -9.171  9.929   -0.382  1.00 71.51  ? 49  HIS A O     1 
ATOM   402  C CB    . HIS A 1 49  ? -10.215 12.359  1.483   1.00 80.17  ? 49  HIS A CB    1 
ATOM   403  C CG    . HIS A 1 49  ? -10.026 13.229  2.687   1.00 91.26  ? 49  HIS A CG    1 
ATOM   404  N ND1   . HIS A 1 49  ? -9.724  14.571  2.596   1.00 97.32  ? 49  HIS A ND1   1 
ATOM   405  C CD2   . HIS A 1 49  ? -10.098 12.950  4.011   1.00 83.45  ? 49  HIS A CD2   1 
ATOM   406  C CE1   . HIS A 1 49  ? -9.615  15.080  3.810   1.00 100.49 ? 49  HIS A CE1   1 
ATOM   407  N NE2   . HIS A 1 49  ? -9.837  14.117  4.686   1.00 95.50  ? 49  HIS A NE2   1 
ATOM   408  N N     . PRO A 1 50  ? -11.289 9.559   0.295   1.00 70.49  ? 50  PRO A N     1 
ATOM   409  C CA    . PRO A 1 50  ? -11.640 8.667   -0.818  1.00 69.24  ? 50  PRO A CA    1 
ATOM   410  C C     . PRO A 1 50  ? -11.352 9.246   -2.207  1.00 67.28  ? 50  PRO A C     1 
ATOM   411  O O     . PRO A 1 50  ? -11.133 8.473   -3.141  1.00 78.51  ? 50  PRO A O     1 
ATOM   412  C CB    . PRO A 1 50  ? -13.146 8.457   -0.632  1.00 77.23  ? 50  PRO A CB    1 
ATOM   413  C CG    . PRO A 1 50  ? -13.370 8.656   0.835   1.00 65.19  ? 50  PRO A CG    1 
ATOM   414  C CD    . PRO A 1 50  ? -12.403 9.728   1.246   1.00 64.05  ? 50  PRO A CD    1 
ATOM   415  N N     . GLU A 1 51  ? -11.347 10.570  -2.342  1.00 67.35  ? 51  GLU A N     1 
ATOM   416  C CA    . GLU A 1 51  ? -11.168 11.203  -3.648  1.00 65.94  ? 51  GLU A CA    1 
ATOM   417  C C     . GLU A 1 51  ? -9.719  11.186  -4.115  1.00 67.38  ? 51  GLU A C     1 
ATOM   418  O O     . GLU A 1 51  ? -9.448  11.271  -5.312  1.00 73.13  ? 51  GLU A O     1 
ATOM   419  C CB    . GLU A 1 51  ? -11.651 12.658  -3.625  1.00 63.41  ? 51  GLU A CB    1 
ATOM   420  C CG    . GLU A 1 51  ? -12.950 12.892  -2.889  1.00 65.33  ? 51  GLU A CG    1 
ATOM   421  C CD    . GLU A 1 51  ? -12.744 13.114  -1.406  1.00 84.07  ? 51  GLU A CD    1 
ATOM   422  O OE1   . GLU A 1 51  ? -12.681 14.291  -0.980  1.00 90.15  ? 51  GLU A OE1   1 
ATOM   423  O OE2   . GLU A 1 51  ? -12.651 12.114  -0.664  1.00 80.89  ? 51  GLU A OE2   1 
ATOM   424  N N     . THR A 1 52  ? -8.793  11.085  -3.166  1.00 61.92  ? 52  THR A N     1 
ATOM   425  C CA    . THR A 1 52  ? -7.369  11.243  -3.453  1.00 58.78  ? 52  THR A CA    1 
ATOM   426  C C     . THR A 1 52  ? -6.903  10.493  -4.697  1.00 57.70  ? 52  THR A C     1 
ATOM   427  O O     . THR A 1 52  ? -7.344  9.377   -4.971  1.00 72.29  ? 52  THR A O     1 
ATOM   428  C CB    . THR A 1 52  ? -6.498  10.812  -2.263  1.00 57.02  ? 52  THR A CB    1 
ATOM   429  O OG1   . THR A 1 52  ? -5.121  11.054  -2.573  1.00 58.71  ? 52  THR A OG1   1 
ATOM   430  C CG2   . THR A 1 52  ? -6.694  9.336   -1.969  1.00 68.95  ? 52  THR A CG2   1 
ATOM   431  N N     . HIS A 1 53  ? -6.001  11.122  -5.442  1.00 54.70  ? 53  HIS A N     1 
ATOM   432  C CA    . HIS A 1 53  ? -5.414  10.503  -6.622  1.00 62.98  ? 53  HIS A CA    1 
ATOM   433  C C     . HIS A 1 53  ? -4.192  9.681   -6.233  1.00 66.42  ? 53  HIS A C     1 
ATOM   434  O O     . HIS A 1 53  ? -3.547  9.067   -7.085  1.00 67.09  ? 53  HIS A O     1 
ATOM   435  C CB    . HIS A 1 53  ? -5.025  11.566  -7.647  1.00 74.31  ? 53  HIS A CB    1 
ATOM   436  C CG    . HIS A 1 53  ? -6.190  12.334  -8.191  1.00 92.56  ? 53  HIS A CG    1 
ATOM   437  N ND1   . HIS A 1 53  ? -6.623  12.206  -9.492  1.00 92.87  ? 53  HIS A ND1   1 
ATOM   438  C CD2   . HIS A 1 53  ? -7.016  13.234  -7.605  1.00 86.41  ? 53  HIS A CD2   1 
ATOM   439  C CE1   . HIS A 1 53  ? -7.664  12.997  -9.687  1.00 96.24  ? 53  HIS A CE1   1 
ATOM   440  N NE2   . HIS A 1 53  ? -7.922  13.631  -8.558  1.00 88.37  ? 53  HIS A NE2   1 
ATOM   441  N N     . VAL A 1 54  ? -3.877  9.674   -4.942  1.00 50.69  ? 54  VAL A N     1 
ATOM   442  C CA    . VAL A 1 54  ? -2.772  8.875   -4.435  1.00 61.26  ? 54  VAL A CA    1 
ATOM   443  C C     . VAL A 1 54  ? -3.115  7.391   -4.514  1.00 67.19  ? 54  VAL A C     1 
ATOM   444  O O     . VAL A 1 54  ? -4.154  6.965   -4.006  1.00 64.83  ? 54  VAL A O     1 
ATOM   445  C CB    . VAL A 1 54  ? -2.439  9.233   -2.980  1.00 57.56  ? 54  VAL A CB    1 
ATOM   446  C CG1   . VAL A 1 54  ? -1.413  8.260   -2.419  1.00 53.63  ? 54  VAL A CG1   1 
ATOM   447  C CG2   . VAL A 1 54  ? -1.935  10.661  -2.893  1.00 53.94  ? 54  VAL A CG2   1 
ATOM   448  N N     . PRO A 1 55  ? -2.241  6.598   -5.155  1.00 51.32  ? 55  PRO A N     1 
ATOM   449  C CA    . PRO A 1 55  ? -2.486  5.163   -5.356  1.00 62.10  ? 55  PRO A CA    1 
ATOM   450  C C     . PRO A 1 55  ? -2.331  4.344   -4.073  1.00 60.31  ? 55  PRO A C     1 
ATOM   451  O O     . PRO A 1 55  ? -1.559  3.390   -4.043  1.00 55.30  ? 55  PRO A O     1 
ATOM   452  C CB    . PRO A 1 55  ? -1.419  4.766   -6.380  1.00 62.28  ? 55  PRO A CB    1 
ATOM   453  C CG    . PRO A 1 55  ? -0.324  5.760   -6.190  1.00 61.89  ? 55  PRO A CG    1 
ATOM   454  C CD    . PRO A 1 55  ? -0.995  7.046   -5.800  1.00 50.33  ? 55  PRO A CD    1 
ATOM   455  N N     . TRP A 1 56  ? -3.073  4.714   -3.034  1.00 61.34  ? 56  TRP A N     1 
ATOM   456  C CA    . TRP A 1 56  ? -3.023  4.024   -1.747  1.00 60.88  ? 56  TRP A CA    1 
ATOM   457  C C     . TRP A 1 56  ? -3.247  2.521   -1.881  1.00 62.74  ? 56  TRP A C     1 
ATOM   458  O O     . TRP A 1 56  ? -2.906  1.754   -0.980  1.00 54.28  ? 56  TRP A O     1 
ATOM   459  C CB    . TRP A 1 56  ? -4.081  4.601   -0.806  1.00 62.89  ? 56  TRP A CB    1 
ATOM   460  C CG    . TRP A 1 56  ? -5.467  4.478   -1.356  1.00 64.42  ? 56  TRP A CG    1 
ATOM   461  C CD1   . TRP A 1 56  ? -6.099  5.358   -2.181  1.00 71.09  ? 56  TRP A CD1   1 
ATOM   462  C CD2   . TRP A 1 56  ? -6.383  3.400   -1.141  1.00 69.29  ? 56  TRP A CD2   1 
ATOM   463  N NE1   . TRP A 1 56  ? -7.357  4.901   -2.488  1.00 72.24  ? 56  TRP A NE1   1 
ATOM   464  C CE2   . TRP A 1 56  ? -7.557  3.699   -1.862  1.00 71.78  ? 56  TRP A CE2   1 
ATOM   465  C CE3   . TRP A 1 56  ? -6.330  2.211   -0.406  1.00 68.15  ? 56  TRP A CE3   1 
ATOM   466  C CZ2   . TRP A 1 56  ? -8.666  2.857   -1.869  1.00 88.77  ? 56  TRP A CZ2   1 
ATOM   467  C CZ3   . TRP A 1 56  ? -7.432  1.374   -0.414  1.00 79.00  ? 56  TRP A CZ3   1 
ATOM   468  C CH2   . TRP A 1 56  ? -8.584  1.702   -1.141  1.00 82.47  ? 56  TRP A CH2   1 
ATOM   469  N N     . HIS A 1 57  ? -3.831  2.107   -3.001  1.00 58.42  ? 57  HIS A N     1 
ATOM   470  C CA    . HIS A 1 57  ? -4.160  0.702   -3.212  1.00 64.27  ? 57  HIS A CA    1 
ATOM   471  C C     . HIS A 1 57  ? -2.933  -0.102  -3.638  1.00 64.40  ? 57  HIS A C     1 
ATOM   472  O O     . HIS A 1 57  ? -2.947  -1.331  -3.614  1.00 54.15  ? 57  HIS A O     1 
ATOM   473  C CB    . HIS A 1 57  ? -5.273  0.563   -4.252  1.00 63.47  ? 57  HIS A CB    1 
ATOM   474  C CG    . HIS A 1 57  ? -4.917  1.118   -5.596  1.00 61.89  ? 57  HIS A CG    1 
ATOM   475  N ND1   . HIS A 1 57  ? -4.936  2.467   -5.874  1.00 65.78  ? 57  HIS A ND1   1 
ATOM   476  C CD2   . HIS A 1 57  ? -4.534  0.503   -6.740  1.00 66.66  ? 57  HIS A CD2   1 
ATOM   477  C CE1   . HIS A 1 57  ? -4.578  2.660   -7.131  1.00 73.85  ? 57  HIS A CE1   1 
ATOM   478  N NE2   . HIS A 1 57  ? -4.329  1.485   -7.678  1.00 62.98  ? 57  HIS A NE2   1 
ATOM   479  N N     . ARG A 1 58  ? -1.875  0.606   -4.022  1.00 66.01  ? 58  ARG A N     1 
ATOM   480  C CA    . ARG A 1 58  ? -0.641  -0.024  -4.471  1.00 53.75  ? 58  ARG A CA    1 
ATOM   481  C C     . ARG A 1 58  ? 0.346   -0.247  -3.323  1.00 52.30  ? 58  ARG A C     1 
ATOM   482  O O     . ARG A 1 58  ? 1.542   -0.422  -3.548  1.00 56.48  ? 58  ARG A O     1 
ATOM   483  C CB    . ARG A 1 58  ? 0.015   0.800   -5.588  1.00 56.45  ? 58  ARG A CB    1 
ATOM   484  C CG    . ARG A 1 58  ? -0.806  0.881   -6.873  1.00 66.25  ? 58  ARG A CG    1 
ATOM   485  C CD    . ARG A 1 58  ? 0.067   1.143   -8.100  1.00 68.15  ? 58  ARG A CD    1 
ATOM   486  N NE    . ARG A 1 58  ? 0.090   2.546   -8.505  1.00 74.80  ? 58  ARG A NE    1 
ATOM   487  C CZ    . ARG A 1 58  ? -0.751  3.085   -9.384  1.00 75.00  ? 58  ARG A CZ    1 
ATOM   488  N NH1   . ARG A 1 58  ? -1.692  2.342   -9.949  1.00 68.42  ? 58  ARG A NH1   1 
ATOM   489  N NH2   . ARG A 1 58  ? -0.654  4.372   -9.696  1.00 65.41  ? 58  ARG A NH2   1 
ATOM   490  N N     . VAL A 1 59  ? -0.157  -0.244  -2.092  1.00 49.22  ? 59  VAL A N     1 
ATOM   491  C CA    . VAL A 1 59  ? 0.681   -0.526  -0.929  1.00 50.00  ? 59  VAL A CA    1 
ATOM   492  C C     . VAL A 1 59  ? 0.098   -1.653  -0.081  1.00 54.36  ? 59  VAL A C     1 
ATOM   493  O O     . VAL A 1 59  ? -0.956  -1.492  0.531   1.00 55.08  ? 59  VAL A O     1 
ATOM   494  C CB    . VAL A 1 59  ? 0.871   0.719   -0.034  1.00 47.86  ? 59  VAL A CB    1 
ATOM   495  C CG1   . VAL A 1 59  ? 1.709   0.373   1.184   1.00 49.57  ? 59  VAL A CG1   1 
ATOM   496  C CG2   . VAL A 1 59  ? 1.516   1.853   -0.813  1.00 47.89  ? 59  VAL A CG2   1 
ATOM   497  N N     . ILE A 1 60  ? 0.787   -2.790  -0.045  1.00 55.43  ? 60  ILE A N     1 
ATOM   498  C CA    . ILE A 1 60  ? 0.362   -3.912  0.789   1.00 53.16  ? 60  ILE A CA    1 
ATOM   499  C C     . ILE A 1 60  ? 1.388   -4.217  1.876   1.00 58.63  ? 60  ILE A C     1 
ATOM   500  O O     . ILE A 1 60  ? 2.337   -3.450  2.078   1.00 58.26  ? 60  ILE A O     1 
ATOM   501  C CB    . ILE A 1 60  ? 0.101   -5.179  -0.044  1.00 55.53  ? 60  ILE A CB    1 
ATOM   502  C CG1   . ILE A 1 60  ? 1.367   -5.610  -0.785  1.00 54.92  ? 60  ILE A CG1   1 
ATOM   503  C CG2   . ILE A 1 60  ? -1.037  -4.946  -1.025  1.00 56.35  ? 60  ILE A CG2   1 
ATOM   504  C CD1   . ILE A 1 60  ? 1.175   -6.844  -1.640  1.00 55.76  ? 60  ILE A CD1   1 
ATOM   505  N N     . ASN A 1 61  ? 1.190   -5.335  2.576   1.00 52.49  ? 61  ASN A N     1 
ATOM   506  C CA    . ASN A 1 61  ? 2.121   -5.743  3.626   1.00 52.18  ? 61  ASN A CA    1 
ATOM   507  C C     . ASN A 1 61  ? 3.290   -6.559  3.091   1.00 58.77  ? 61  ASN A C     1 
ATOM   508  O O     . ASN A 1 61  ? 3.311   -6.951  1.923   1.00 51.39  ? 61  ASN A O     1 
ATOM   509  C CB    . ASN A 1 61  ? 1.411   -6.509  4.742   1.00 58.73  ? 61  ASN A CB    1 
ATOM   510  C CG    . ASN A 1 61  ? 0.729   -7.766  4.246   1.00 66.50  ? 61  ASN A CG    1 
ATOM   511  O OD1   . ASN A 1 61  ? -0.495  -7.881  4.295   1.00 64.73  ? 61  ASN A OD1   1 
ATOM   512  N ND2   . ASN A 1 61  ? 1.519   -8.717  3.762   1.00 57.45  ? 61  ASN A ND2   1 
ATOM   513  N N     . SER A 1 62  ? 4.259   -6.811  3.964   1.00 64.52  ? 62  SER A N     1 
ATOM   514  C CA    . SER A 1 62  ? 5.494   -7.491  3.588   1.00 64.63  ? 62  SER A CA    1 
ATOM   515  C C     . SER A 1 62  ? 5.270   -8.930  3.120   1.00 60.85  ? 62  SER A C     1 
ATOM   516  O O     . SER A 1 62  ? 6.073   -9.470  2.363   1.00 62.50  ? 62  SER A O     1 
ATOM   517  C CB    . SER A 1 62  ? 6.482   -7.470  4.755   1.00 68.55  ? 62  SER A CB    1 
ATOM   518  O OG    . SER A 1 62  ? 5.935   -8.110  5.896   1.00 73.80  ? 62  SER A OG    1 
ATOM   519  N N     . ARG A 1 63  ? 4.181   -9.545  3.570   1.00 63.85  ? 63  ARG A N     1 
ATOM   520  C CA    . ARG A 1 63  ? 3.866   -10.919 3.191   1.00 56.68  ? 63  ARG A CA    1 
ATOM   521  C C     . ARG A 1 63  ? 3.183   -10.990 1.828   1.00 58.78  ? 63  ARG A C     1 
ATOM   522  O O     . ARG A 1 63  ? 2.681   -12.040 1.430   1.00 59.50  ? 63  ARG A O     1 
ATOM   523  C CB    . ARG A 1 63  ? 2.973   -11.576 4.243   1.00 53.11  ? 63  ARG A CB    1 
ATOM   524  C CG    . ARG A 1 63  ? 3.508   -11.497 5.660   1.00 55.35  ? 63  ARG A CG    1 
ATOM   525  C CD    . ARG A 1 63  ? 2.741   -12.428 6.590   1.00 70.50  ? 63  ARG A CD    1 
ATOM   526  N NE    . ARG A 1 63  ? 1.293   -12.334 6.411   1.00 80.38  ? 63  ARG A NE    1 
ATOM   527  C CZ    . ARG A 1 63  ? 0.525   -11.408 6.978   1.00 90.49  ? 63  ARG A CZ    1 
ATOM   528  N NH1   . ARG A 1 63  ? 1.064   -10.481 7.762   1.00 76.57  ? 63  ARG A NH1   1 
ATOM   529  N NH2   . ARG A 1 63  ? -0.782  -11.407 6.760   1.00 79.68  ? 63  ARG A NH2   1 
ATOM   530  N N     . GLY A 1 64  ? 3.162   -9.869  1.119   1.00 58.58  ? 64  GLY A N     1 
ATOM   531  C CA    . GLY A 1 64  ? 2.557   -9.817  -0.199  1.00 53.58  ? 64  GLY A CA    1 
ATOM   532  C C     . GLY A 1 64  ? 1.048   -9.957  -0.164  1.00 59.01  ? 64  GLY A C     1 
ATOM   533  O O     . GLY A 1 64  ? 0.419   -10.205 -1.190  1.00 72.81  ? 64  GLY A O     1 
ATOM   534  N N     . THR A 1 65  ? 0.460   -9.800  1.017   1.00 54.57  ? 65  THR A N     1 
ATOM   535  C CA    . THR A 1 65  ? -0.990  -9.894  1.159   1.00 65.84  ? 65  THR A CA    1 
ATOM   536  C C     . THR A 1 65  ? -1.625  -8.534  1.428   1.00 59.91  ? 65  THR A C     1 
ATOM   537  O O     . THR A 1 65  ? -0.936  -7.569  1.745   1.00 58.94  ? 65  THR A O     1 
ATOM   538  C CB    . THR A 1 65  ? -1.399  -10.877 2.280   1.00 72.15  ? 65  THR A CB    1 
ATOM   539  O OG1   . THR A 1 65  ? -0.923  -10.400 3.545   1.00 67.94  ? 65  THR A OG1   1 
ATOM   540  C CG2   . THR A 1 65  ? -0.826  -12.259 2.013   1.00 79.73  ? 65  THR A CG2   1 
ATOM   541  N N     . ILE A 1 66  ? -2.945  -8.464  1.284   1.00 62.12  ? 66  ILE A N     1 
ATOM   542  C CA    . ILE A 1 66  ? -3.685  -7.247  1.588   1.00 57.92  ? 66  ILE A CA    1 
ATOM   543  C C     . ILE A 1 66  ? -4.056  -7.229  3.059   1.00 56.66  ? 66  ILE A C     1 
ATOM   544  O O     . ILE A 1 66  ? -4.685  -8.158  3.563   1.00 61.28  ? 66  ILE A O     1 
ATOM   545  C CB    . ILE A 1 66  ? -4.967  -7.138  0.757   1.00 57.04  ? 66  ILE A CB    1 
ATOM   546  C CG1   . ILE A 1 66  ? -4.631  -7.086  -0.732  1.00 50.13  ? 66  ILE A CG1   1 
ATOM   547  C CG2   . ILE A 1 66  ? -5.761  -5.908  1.169   1.00 54.75  ? 66  ILE A CG2   1 
ATOM   548  C CD1   . ILE A 1 66  ? -5.842  -6.932  -1.615  1.00 66.65  ? 66  ILE A CD1   1 
ATOM   549  N N     . SER A 1 67  ? -3.669  -6.165  3.749   1.00 54.25  ? 67  SER A N     1 
ATOM   550  C CA    . SER A 1 67  ? -3.864  -6.107  5.183   1.00 54.99  ? 67  SER A CA    1 
ATOM   551  C C     . SER A 1 67  ? -5.335  -5.954  5.557   1.00 59.72  ? 67  SER A C     1 
ATOM   552  O O     . SER A 1 67  ? -6.091  -5.234  4.904   1.00 56.45  ? 67  SER A O     1 
ATOM   553  C CB    . SER A 1 67  ? -3.029  -4.980  5.784   1.00 55.61  ? 67  SER A CB    1 
ATOM   554  O OG    . SER A 1 67  ? -1.658  -5.174  5.488   1.00 62.68  ? 67  SER A OG    1 
ATOM   555  N N     . LYS A 1 68  ? -5.737  -6.655  6.608   1.00 61.67  ? 68  LYS A N     1 
ATOM   556  C CA    . LYS A 1 68  ? -7.083  -6.518  7.134   1.00 67.54  ? 68  LYS A CA    1 
ATOM   557  C C     . LYS A 1 68  ? -7.141  -5.277  8.011   1.00 66.98  ? 68  LYS A C     1 
ATOM   558  O O     . LYS A 1 68  ? -6.208  -4.999  8.767   1.00 63.69  ? 68  LYS A O     1 
ATOM   559  C CB    . LYS A 1 68  ? -7.472  -7.759  7.941   1.00 76.89  ? 68  LYS A CB    1 
ATOM   560  C CG    . LYS A 1 68  ? -7.546  -9.032  7.113   1.00 87.76  ? 68  LYS A CG    1 
ATOM   561  C CD    . LYS A 1 68  ? -8.009  -10.214 7.949   1.00 89.95  ? 68  LYS A CD    1 
ATOM   562  C CE    . LYS A 1 68  ? -8.188  -11.454 7.085   1.00 98.86  ? 68  LYS A CE    1 
ATOM   563  N NZ    . LYS A 1 68  ? -9.198  -11.241 6.010   1.00 94.69  ? 68  LYS A NZ    1 
ATOM   564  N N     . ARG A 1 69  ? -8.234  -4.528  7.900   1.00 69.54  ? 69  ARG A N     1 
ATOM   565  C CA    . ARG A 1 69  ? -8.407  -3.315  8.688   1.00 67.99  ? 69  ARG A CA    1 
ATOM   566  C C     . ARG A 1 69  ? -9.798  -3.205  9.291   1.00 79.78  ? 69  ARG A C     1 
ATOM   567  O O     . ARG A 1 69  ? -10.679 -4.021  9.007   1.00 84.09  ? 69  ARG A O     1 
ATOM   568  C CB    . ARG A 1 69  ? -8.106  -2.069  7.849   1.00 65.98  ? 69  ARG A CB    1 
ATOM   569  C CG    . ARG A 1 69  ? -8.778  -2.031  6.492   1.00 55.85  ? 69  ARG A CG    1 
ATOM   570  C CD    . ARG A 1 69  ? -7.848  -2.581  5.427   1.00 67.89  ? 69  ARG A CD    1 
ATOM   571  N NE    . ARG A 1 69  ? -7.762  -1.705  4.266   1.00 65.73  ? 69  ARG A NE    1 
ATOM   572  C CZ    . ARG A 1 69  ? -6.872  -1.850  3.291   1.00 61.44  ? 69  ARG A CZ    1 
ATOM   573  N NH1   . ARG A 1 69  ? -5.986  -2.833  3.342   1.00 55.65  ? 69  ARG A NH1   1 
ATOM   574  N NH2   . ARG A 1 69  ? -6.863  -1.008  2.266   1.00 69.75  ? 69  ARG A NH2   1 
ATOM   575  N N     . ASP A 1 70  ? -9.987  -2.185  10.124  1.00 79.25  ? 70  ASP A N     1 
ATOM   576  C CA    . ASP A 1 70  ? -11.283 -1.920  10.732  1.00 83.55  ? 70  ASP A CA    1 
ATOM   577  C C     . ASP A 1 70  ? -12.349 -1.721  9.657   1.00 94.88  ? 70  ASP A C     1 
ATOM   578  O O     . ASP A 1 70  ? -13.424 -2.318  9.717   1.00 99.37  ? 70  ASP A O     1 
ATOM   579  C CB    . ASP A 1 70  ? -11.209 -0.692  11.636  1.00 81.09  ? 70  ASP A CB    1 
ATOM   580  C CG    . ASP A 1 70  ? -11.731 -0.965  13.033  1.00 102.56 ? 70  ASP A CG    1 
ATOM   581  O OD1   . ASP A 1 70  ? -12.214 -0.015  13.684  1.00 112.86 ? 70  ASP A OD1   1 
ATOM   582  O OD2   . ASP A 1 70  ? -11.659 -2.131  13.481  1.00 98.95  ? 70  ASP A OD2   1 
ATOM   583  N N     . ILE A 1 71  ? -12.041 -0.884  8.671   1.00 84.60  ? 71  ILE A N     1 
ATOM   584  C CA    . ILE A 1 71  ? -12.948 -0.654  7.550   1.00 75.65  ? 71  ILE A CA    1 
ATOM   585  C C     . ILE A 1 71  ? -12.734 -1.711  6.467   1.00 73.87  ? 71  ILE A C     1 
ATOM   586  O O     . ILE A 1 71  ? -11.933 -1.530  5.551   1.00 63.66  ? 71  ILE A O     1 
ATOM   587  C CB    . ILE A 1 71  ? -12.783 0.765   6.960   1.00 69.79  ? 71  ILE A CB    1 
ATOM   588  C CG1   . ILE A 1 71  ? -13.410 1.809   7.891   1.00 66.88  ? 71  ILE A CG1   1 
ATOM   589  C CG2   . ILE A 1 71  ? -13.435 0.864   5.588   1.00 68.29  ? 71  ILE A CG2   1 
ATOM   590  C CD1   . ILE A 1 71  ? -12.833 1.835   9.295   1.00 80.62  ? 71  ILE A CD1   1 
ATOM   591  N N     . SER A 1 72  ? -13.459 -2.820  6.584   1.00 84.63  ? 72  SER A N     1 
ATOM   592  C CA    . SER A 1 72  ? -13.298 -3.952  5.675   1.00 74.14  ? 72  SER A CA    1 
ATOM   593  C C     . SER A 1 72  ? -13.501 -3.565  4.213   1.00 68.91  ? 72  SER A C     1 
ATOM   594  O O     . SER A 1 72  ? -12.956 -4.203  3.314   1.00 76.20  ? 72  SER A O     1 
ATOM   595  C CB    . SER A 1 72  ? -14.259 -5.079  6.050   1.00 69.72  ? 72  SER A CB    1 
ATOM   596  O OG    . SER A 1 72  ? -13.960 -5.599  7.333   1.00 92.57  ? 72  SER A OG    1 
ATOM   597  N N     . ALA A 1 73  ? -14.289 -2.524  3.978   1.00 62.87  ? 73  ALA A N     1 
ATOM   598  C CA    . ALA A 1 73  ? -14.556 -2.076  2.618   1.00 71.14  ? 73  ALA A CA    1 
ATOM   599  C C     . ALA A 1 73  ? -13.259 -1.827  1.849   1.00 75.83  ? 73  ALA A C     1 
ATOM   600  O O     . ALA A 1 73  ? -13.144 -2.182  0.674   1.00 69.98  ? 73  ALA A O     1 
ATOM   601  C CB    . ALA A 1 73  ? -15.419 -0.823  2.633   1.00 92.37  ? 73  ALA A CB    1 
ATOM   602  N N     . GLY A 1 74  ? -12.286 -1.214  2.518   1.00 72.59  ? 74  GLY A N     1 
ATOM   603  C CA    . GLY A 1 74  ? -11.023 -0.881  1.883   1.00 80.60  ? 74  GLY A CA    1 
ATOM   604  C C     . GLY A 1 74  ? -10.296 -2.120  1.405   1.00 77.41  ? 74  GLY A C     1 
ATOM   605  O O     . GLY A 1 74  ? -9.874  -2.211  0.247   1.00 61.72  ? 74  GLY A O     1 
ATOM   606  N N     . GLU A 1 75  ? -10.147 -3.075  2.314   1.00 73.34  ? 75  GLU A N     1 
ATOM   607  C CA    . GLU A 1 75  ? -9.579  -4.368  1.982   1.00 68.38  ? 75  GLU A CA    1 
ATOM   608  C C     . GLU A 1 75  ? -10.145 -4.863  0.658   1.00 70.27  ? 75  GLU A C     1 
ATOM   609  O O     . GLU A 1 75  ? -9.412  -5.342  -0.205  1.00 76.75  ? 75  GLU A O     1 
ATOM   610  C CB    . GLU A 1 75  ? -9.904  -5.366  3.084   1.00 65.79  ? 75  GLU A CB    1 
ATOM   611  C CG    . GLU A 1 75  ? -9.545  -6.793  2.748   1.00 76.78  ? 75  GLU A CG    1 
ATOM   612  C CD    . GLU A 1 75  ? -9.848  -7.736  3.887   1.00 85.94  ? 75  GLU A CD    1 
ATOM   613  O OE1   . GLU A 1 75  ? -9.580  -8.947  3.744   1.00 87.70  ? 75  GLU A OE1   1 
ATOM   614  O OE2   . GLU A 1 75  ? -10.354 -7.260  4.927   1.00 84.09  ? 75  GLU A OE2   1 
ATOM   615  N N     . GLN A 1 76  ? -11.457 -4.733  0.501   1.00 73.79  ? 76  GLN A N     1 
ATOM   616  C CA    . GLN A 1 76  ? -12.126 -5.195  -0.706  1.00 74.87  ? 76  GLN A CA    1 
ATOM   617  C C     . GLN A 1 76  ? -11.812 -4.293  -1.889  1.00 69.34  ? 76  GLN A C     1 
ATOM   618  O O     . GLN A 1 76  ? -11.554 -4.765  -2.995  1.00 64.71  ? 76  GLN A O     1 
ATOM   619  C CB    . GLN A 1 76  ? -13.637 -5.252  -0.492  1.00 77.51  ? 76  GLN A CB    1 
ATOM   620  C CG    . GLN A 1 76  ? -14.325 -6.247  -1.399  1.00 76.87  ? 76  GLN A CG    1 
ATOM   621  C CD    . GLN A 1 76  ? -13.899 -7.667  -1.098  1.00 78.34  ? 76  GLN A CD    1 
ATOM   622  O OE1   . GLN A 1 76  ? -13.642 -8.458  -2.005  1.00 83.65  ? 76  GLN A OE1   1 
ATOM   623  N NE2   . GLN A 1 76  ? -13.816 -7.996  0.186   1.00 75.93  ? 76  GLN A NE2   1 
ATOM   624  N N     . ARG A 1 77  ? -11.841 -2.989  -1.651  1.00 76.68  ? 77  ARG A N     1 
ATOM   625  C CA    . ARG A 1 77  ? -11.618 -2.026  -2.718  1.00 78.06  ? 77  ARG A CA    1 
ATOM   626  C C     . ARG A 1 77  ? -10.191 -2.127  -3.235  1.00 81.06  ? 77  ARG A C     1 
ATOM   627  O O     . ARG A 1 77  ? -9.948  -2.014  -4.439  1.00 69.91  ? 77  ARG A O     1 
ATOM   628  C CB    . ARG A 1 77  ? -11.900 -0.615  -2.220  1.00 70.37  ? 77  ARG A CB    1 
ATOM   629  C CG    . ARG A 1 77  ? -12.217 0.372   -3.326  1.00 89.60  ? 77  ARG A CG    1 
ATOM   630  C CD    . ARG A 1 77  ? -12.444 1.765   -2.763  1.00 98.37  ? 77  ARG A CD    1 
ATOM   631  N NE    . ARG A 1 77  ? -12.842 1.733   -1.357  1.00 100.62 ? 77  ARG A NE    1 
ATOM   632  C CZ    . ARG A 1 77  ? -14.027 1.320   -0.918  1.00 97.51  ? 77  ARG A CZ    1 
ATOM   633  N NH1   . ARG A 1 77  ? -14.944 0.888   -1.774  1.00 88.93  ? 77  ARG A NH1   1 
ATOM   634  N NH2   . ARG A 1 77  ? -14.293 1.330   0.381   1.00 88.44  ? 77  ARG A NH2   1 
ATOM   635  N N     . GLN A 1 78  ? -9.250  -2.334  -2.318  1.00 71.58  ? 78  GLN A N     1 
ATOM   636  C CA    . GLN A 1 78  ? -7.849  -2.471  -2.685  1.00 60.75  ? 78  GLN A CA    1 
ATOM   637  C C     . GLN A 1 78  ? -7.684  -3.634  -3.653  1.00 70.72  ? 78  GLN A C     1 
ATOM   638  O O     . GLN A 1 78  ? -7.067  -3.492  -4.707  1.00 72.05  ? 78  GLN A O     1 
ATOM   639  C CB    . GLN A 1 78  ? -6.973  -2.668  -1.445  1.00 64.12  ? 78  GLN A CB    1 
ATOM   640  C CG    . GLN A 1 78  ? -5.479  -2.594  -1.738  1.00 64.28  ? 78  GLN A CG    1 
ATOM   641  C CD    . GLN A 1 78  ? -4.626  -2.512  -0.484  1.00 58.73  ? 78  GLN A CD    1 
ATOM   642  O OE1   . GLN A 1 78  ? -5.129  -2.593  0.635   1.00 56.52  ? 78  GLN A OE1   1 
ATOM   643  N NE2   . GLN A 1 78  ? -3.323  -2.347  -0.672  1.00 55.85  ? 78  GLN A NE2   1 
ATOM   644  N N     . LYS A 1 79  ? -8.251  -4.782  -3.293  1.00 75.89  ? 79  LYS A N     1 
ATOM   645  C CA    . LYS A 1 79  ? -8.240  -5.946  -4.170  1.00 74.37  ? 79  LYS A CA    1 
ATOM   646  C C     . LYS A 1 79  ? -8.800  -5.600  -5.545  1.00 82.11  ? 79  LYS A C     1 
ATOM   647  O O     . LYS A 1 79  ? -8.203  -5.921  -6.571  1.00 87.25  ? 79  LYS A O     1 
ATOM   648  C CB    . LYS A 1 79  ? -9.053  -7.087  -3.563  1.00 81.10  ? 79  LYS A CB    1 
ATOM   649  C CG    . LYS A 1 79  ? -9.692  -7.997  -4.606  1.00 93.33  ? 79  LYS A CG    1 
ATOM   650  C CD    . LYS A 1 79  ? -10.476 -9.129  -3.967  1.00 87.93  ? 79  LYS A CD    1 
ATOM   651  C CE    . LYS A 1 79  ? -11.558 -9.641  -4.905  1.00 91.56  ? 79  LYS A CE    1 
ATOM   652  N NZ    . LYS A 1 79  ? -11.023 -9.940  -6.261  1.00 96.26  ? 79  LYS A NZ    1 
ATOM   653  N N     . ASP A 1 80  ? -9.953  -4.942  -5.557  1.00 84.13  ? 80  ASP A N     1 
ATOM   654  C CA    . ASP A 1 80  ? -10.616 -4.601  -6.808  1.00 88.14  ? 80  ASP A CA    1 
ATOM   655  C C     . ASP A 1 80  ? -9.765  -3.659  -7.657  1.00 83.41  ? 80  ASP A C     1 
ATOM   656  O O     . ASP A 1 80  ? -9.521  -3.924  -8.833  1.00 88.29  ? 80  ASP A O     1 
ATOM   657  C CB    . ASP A 1 80  ? -11.995 -3.997  -6.534  1.00 96.51  ? 80  ASP A CB    1 
ATOM   658  C CG    . ASP A 1 80  ? -12.920 -4.961  -5.808  1.00 106.08 ? 80  ASP A CG    1 
ATOM   659  O OD1   . ASP A 1 80  ? -12.774 -6.186  -6.007  1.00 101.38 ? 80  ASP A OD1   1 
ATOM   660  O OD2   . ASP A 1 80  ? -13.790 -4.499  -5.038  1.00 106.32 ? 80  ASP A OD2   1 
ATOM   661  N N     . ARG A 1 81  ? -9.305  -2.569  -7.054  1.00 79.67  ? 81  ARG A N     1 
ATOM   662  C CA    . ARG A 1 81  ? -8.475  -1.598  -7.762  1.00 83.58  ? 81  ARG A CA    1 
ATOM   663  C C     . ARG A 1 81  ? -7.217  -2.230  -8.350  1.00 80.91  ? 81  ARG A C     1 
ATOM   664  O O     . ARG A 1 81  ? -6.821  -1.915  -9.471  1.00 72.61  ? 81  ARG A O     1 
ATOM   665  C CB    . ARG A 1 81  ? -8.089  -0.440  -6.842  1.00 74.52  ? 81  ARG A CB    1 
ATOM   666  C CG    . ARG A 1 81  ? -9.209  0.544   -6.584  1.00 74.48  ? 81  ARG A CG    1 
ATOM   667  C CD    . ARG A 1 81  ? -8.667  1.820   -5.977  1.00 82.60  ? 81  ARG A CD    1 
ATOM   668  N NE    . ARG A 1 81  ? -9.670  2.877   -5.933  1.00 85.49  ? 81  ARG A NE    1 
ATOM   669  C CZ    . ARG A 1 81  ? -9.413  4.129   -5.569  1.00 81.62  ? 81  ARG A CZ    1 
ATOM   670  N NH1   . ARG A 1 81  ? -8.181  4.478   -5.222  1.00 81.55  ? 81  ARG A NH1   1 
ATOM   671  N NH2   . ARG A 1 81  ? -10.383 5.032   -5.556  1.00 92.55  ? 81  ARG A NH2   1 
ATOM   672  N N     . LEU A 1 82  ? -6.592  -3.117  -7.584  1.00 80.74  ? 82  LEU A N     1 
ATOM   673  C CA    . LEU A 1 82  ? -5.386  -3.798  -8.034  1.00 83.71  ? 82  LEU A CA    1 
ATOM   674  C C     . LEU A 1 82  ? -5.679  -4.701  -9.220  1.00 87.28  ? 82  LEU A C     1 
ATOM   675  O O     . LEU A 1 82  ? -4.879  -4.802  -10.152 1.00 89.31  ? 82  LEU A O     1 
ATOM   676  C CB    . LEU A 1 82  ? -4.784  -4.629  -6.902  1.00 77.69  ? 82  LEU A CB    1 
ATOM   677  C CG    . LEU A 1 82  ? -4.071  -3.868  -5.787  1.00 72.13  ? 82  LEU A CG    1 
ATOM   678  C CD1   . LEU A 1 82  ? -3.671  -4.820  -4.676  1.00 54.29  ? 82  LEU A CD1   1 
ATOM   679  C CD2   . LEU A 1 82  ? -2.858  -3.139  -6.341  1.00 78.59  ? 82  LEU A CD2   1 
ATOM   680  N N     . GLU A 1 83  ? -6.827  -5.364  -9.178  1.00 84.05  ? 83  GLU A N     1 
ATOM   681  C CA    . GLU A 1 83  ? -7.188  -6.286  -10.243 1.00 86.63  ? 83  GLU A CA    1 
ATOM   682  C C     . GLU A 1 83  ? -7.443  -5.510  -11.527 1.00 86.95  ? 83  GLU A C     1 
ATOM   683  O O     . GLU A 1 83  ? -7.095  -5.965  -12.615 1.00 85.86  ? 83  GLU A O     1 
ATOM   684  C CB    . GLU A 1 83  ? -8.404  -7.125  -9.851  1.00 86.01  ? 83  GLU A CB    1 
ATOM   685  C CG    . GLU A 1 83  ? -8.471  -8.464  -10.565 1.00 101.56 ? 83  GLU A CG    1 
ATOM   686  C CD    . GLU A 1 83  ? -8.869  -9.600  -9.640  1.00 115.63 ? 83  GLU A CD    1 
ATOM   687  O OE1   . GLU A 1 83  ? -8.560  -10.768 -9.965  1.00 110.05 ? 83  GLU A OE1   1 
ATOM   688  O OE2   . GLU A 1 83  ? -9.487  -9.328  -8.589  1.00 101.87 ? 83  GLU A OE2   1 
ATOM   689  N N     . GLU A 1 84  ? -8.038  -4.328  -11.391 1.00 84.44  ? 84  GLU A N     1 
ATOM   690  C CA    . GLU A 1 84  ? -8.262  -3.450  -12.535 1.00 84.99  ? 84  GLU A CA    1 
ATOM   691  C C     . GLU A 1 84  ? -6.926  -3.048  -13.136 1.00 84.66  ? 84  GLU A C     1 
ATOM   692  O O     . GLU A 1 84  ? -6.829  -2.748  -14.325 1.00 83.73  ? 84  GLU A O     1 
ATOM   693  C CB    . GLU A 1 84  ? -9.042  -2.205  -12.112 1.00 83.80  ? 84  GLU A CB    1 
ATOM   694  C CG    . GLU A 1 84  ? -10.375 -2.511  -11.447 1.00 99.09  ? 84  GLU A CG    1 
ATOM   695  C CD    . GLU A 1 84  ? -11.144 -1.260  -11.068 1.00 99.94  ? 84  GLU A CD    1 
ATOM   696  O OE1   . GLU A 1 84  ? -12.031 -1.346  -10.192 1.00 85.86  ? 84  GLU A OE1   1 
ATOM   697  O OE2   . GLU A 1 84  ? -10.865 -0.191  -11.652 1.00 106.69 ? 84  GLU A OE2   1 
ATOM   698  N N     . GLU A 1 85  ? -5.898  -3.048  -12.294 1.00 90.12  ? 85  GLU A N     1 
ATOM   699  C CA    . GLU A 1 85  ? -4.548  -2.697  -12.711 1.00 88.11  ? 85  GLU A CA    1 
ATOM   700  C C     . GLU A 1 85  ? -3.881  -3.892  -13.372 1.00 90.23  ? 85  GLU A C     1 
ATOM   701  O O     . GLU A 1 85  ? -2.698  -3.846  -13.708 1.00 93.19  ? 85  GLU A O     1 
ATOM   702  C CB    . GLU A 1 85  ? -3.729  -2.252  -11.501 1.00 94.04  ? 85  GLU A CB    1 
ATOM   703  C CG    . GLU A 1 85  ? -4.376  -1.144  -10.692 1.00 80.78  ? 85  GLU A CG    1 
ATOM   704  C CD    . GLU A 1 85  ? -3.701  0.191   -10.897 1.00 88.91  ? 85  GLU A CD    1 
ATOM   705  O OE1   . GLU A 1 85  ? -2.656  0.224   -11.579 1.00 90.42  ? 85  GLU A OE1   1 
ATOM   706  O OE2   . GLU A 1 85  ? -4.208  1.206   -10.375 1.00 90.42  ? 85  GLU A OE2   1 
ATOM   707  N N     . GLY A 1 86  ? -4.648  -4.963  -13.552 1.00 89.15  ? 86  GLY A N     1 
ATOM   708  C CA    . GLY A 1 86  ? -4.142  -6.173  -14.176 1.00 94.71  ? 86  GLY A CA    1 
ATOM   709  C C     . GLY A 1 86  ? -3.178  -6.922  -13.277 1.00 90.64  ? 86  GLY A C     1 
ATOM   710  O O     . GLY A 1 86  ? -2.151  -7.427  -13.730 1.00 85.86  ? 86  GLY A O     1 
ATOM   711  N N     . VAL A 1 87  ? -3.513  -6.991  -11.994 1.00 90.52  ? 87  VAL A N     1 
ATOM   712  C CA    . VAL A 1 87  ? -2.661  -7.658  -11.019 1.00 91.49  ? 87  VAL A CA    1 
ATOM   713  C C     . VAL A 1 87  ? -3.285  -8.965  -10.543 1.00 85.70  ? 87  VAL A C     1 
ATOM   714  O O     . VAL A 1 87  ? -4.309  -8.961  -9.857  1.00 80.41  ? 87  VAL A O     1 
ATOM   715  C CB    . VAL A 1 87  ? -2.386  -6.753  -9.802  1.00 85.39  ? 87  VAL A CB    1 
ATOM   716  C CG1   . VAL A 1 87  ? -1.568  -7.497  -8.760  1.00 80.56  ? 87  VAL A CG1   1 
ATOM   717  C CG2   . VAL A 1 87  ? -1.678  -5.481  -10.239 1.00 83.07  ? 87  VAL A CG2   1 
ATOM   718  N N     . GLU A 1 88  ? -2.660  -10.079 -10.909 1.00 82.52  ? 88  GLU A N     1 
ATOM   719  C CA    . GLU A 1 88  ? -3.154  -11.396 -10.524 1.00 87.38  ? 88  GLU A CA    1 
ATOM   720  C C     . GLU A 1 88  ? -3.158  -11.570 -9.012  1.00 79.45  ? 88  GLU A C     1 
ATOM   721  O O     . GLU A 1 88  ? -2.107  -11.576 -8.373  1.00 81.53  ? 88  GLU A O     1 
ATOM   722  C CB    . GLU A 1 88  ? -2.322  -12.500 -11.177 1.00 104.24 ? 88  GLU A CB    1 
ATOM   723  C CG    . GLU A 1 88  ? -2.605  -12.702 -12.658 1.00 118.55 ? 88  GLU A CG    1 
ATOM   724  C CD    . GLU A 1 88  ? -1.754  -13.798 -13.271 1.00 123.93 ? 88  GLU A CD    1 
ATOM   725  O OE1   . GLU A 1 88  ? -2.312  -14.663 -13.977 1.00 127.75 ? 88  GLU A OE1   1 
ATOM   726  O OE2   . GLU A 1 88  ? -0.524  -13.792 -13.050 1.00 118.08 ? 88  GLU A OE2   1 
ATOM   727  N N     . ILE A 1 89  ? -4.351  -11.713 -8.448  1.00 80.05  ? 89  ILE A N     1 
ATOM   728  C CA    . ILE A 1 89  ? -4.498  -11.876 -7.008  1.00 79.31  ? 89  ILE A CA    1 
ATOM   729  C C     . ILE A 1 89  ? -5.305  -13.124 -6.681  1.00 86.75  ? 89  ILE A C     1 
ATOM   730  O O     . ILE A 1 89  ? -6.484  -13.217 -7.024  1.00 91.66  ? 89  ILE A O     1 
ATOM   731  C CB    . ILE A 1 89  ? -5.191  -10.658 -6.373  1.00 85.68  ? 89  ILE A CB    1 
ATOM   732  C CG1   . ILE A 1 89  ? -4.388  -9.388  -6.647  1.00 85.73  ? 89  ILE A CG1   1 
ATOM   733  C CG2   . ILE A 1 89  ? -5.370  -10.865 -4.872  1.00 80.62  ? 89  ILE A CG2   1 
ATOM   734  C CD1   . ILE A 1 89  ? -4.970  -8.157  -6.007  1.00 80.66  ? 89  ILE A CD1   1 
ATOM   735  N N     . TYR A 1 90  ? -4.668  -14.084 -6.021  1.00 81.64  ? 90  TYR A N     1 
ATOM   736  C CA    . TYR A 1 90  ? -5.362  -15.294 -5.607  1.00 81.07  ? 90  TYR A CA    1 
ATOM   737  C C     . TYR A 1 90  ? -5.791  -15.201 -4.150  1.00 81.33  ? 90  TYR A C     1 
ATOM   738  O O     . TYR A 1 90  ? -5.313  -14.346 -3.405  1.00 79.35  ? 90  TYR A O     1 
ATOM   739  C CB    . TYR A 1 90  ? -4.504  -16.537 -5.846  1.00 84.15  ? 90  TYR A CB    1 
ATOM   740  C CG    . TYR A 1 90  ? -3.195  -16.562 -5.091  1.00 80.50  ? 90  TYR A CG    1 
ATOM   741  C CD1   . TYR A 1 90  ? -2.061  -15.947 -5.608  1.00 77.47  ? 90  TYR A CD1   1 
ATOM   742  C CD2   . TYR A 1 90  ? -3.088  -17.217 -3.872  1.00 70.41  ? 90  TYR A CD2   1 
ATOM   743  C CE1   . TYR A 1 90  ? -0.858  -15.975 -4.926  1.00 81.94  ? 90  TYR A CE1   1 
ATOM   744  C CE2   . TYR A 1 90  ? -1.889  -17.252 -3.183  1.00 83.68  ? 90  TYR A CE2   1 
ATOM   745  C CZ    . TYR A 1 90  ? -0.777  -16.629 -3.714  1.00 92.18  ? 90  TYR A CZ    1 
ATOM   746  O OH    . TYR A 1 90  ? 0.419   -16.660 -3.032  1.00 86.54  ? 90  TYR A OH    1 
ATOM   747  N N     . GLN A 1 91  ? -6.697  -16.085 -3.751  1.00 85.17  ? 91  GLN A N     1 
ATOM   748  C CA    . GLN A 1 91  ? -7.301  -15.998 -2.430  1.00 78.45  ? 91  GLN A CA    1 
ATOM   749  C C     . GLN A 1 91  ? -6.986  -17.208 -1.563  1.00 81.28  ? 91  GLN A C     1 
ATOM   750  O O     . GLN A 1 91  ? -7.492  -18.305 -1.788  1.00 97.75  ? 91  GLN A O     1 
ATOM   751  C CB    . GLN A 1 91  ? -8.811  -15.817 -2.551  1.00 79.33  ? 91  GLN A CB    1 
ATOM   752  C CG    . GLN A 1 91  ? -9.502  -15.597 -1.228  1.00 91.48  ? 91  GLN A CG    1 
ATOM   753  C CD    . GLN A 1 91  ? -10.980 -15.347 -1.395  1.00 101.11 ? 91  GLN A CD    1 
ATOM   754  O OE1   . GLN A 1 91  ? -11.502 -15.374 -2.511  1.00 96.53  ? 91  GLN A OE1   1 
ATOM   755  N NE2   . GLN A 1 91  ? -11.667 -15.101 -0.286  1.00 99.15  ? 91  GLN A NE2   1 
ATOM   756  N N     . THR A 1 92  ? -6.140  -16.987 -0.567  1.00 91.13  ? 92  THR A N     1 
ATOM   757  C CA    . THR A 1 92  ? -5.779  -18.010 0.396   1.00 91.87  ? 92  THR A CA    1 
ATOM   758  C C     . THR A 1 92  ? -7.020  -18.598 1.050   1.00 96.49  ? 92  THR A C     1 
ATOM   759  O O     . THR A 1 92  ? -8.015  -17.901 1.237   1.00 105.77 ? 92  THR A O     1 
ATOM   760  C CB    . THR A 1 92  ? -4.889  -17.407 1.502   1.00 85.04  ? 92  THR A CB    1 
ATOM   761  O OG1   . THR A 1 92  ? -3.732  -16.799 0.914   1.00 85.17  ? 92  THR A OG1   1 
ATOM   762  C CG2   . THR A 1 92  ? -4.451  -18.470 2.489   1.00 102.38 ? 92  THR A CG2   1 
ATOM   763  N N     . SER A 1 93  ? -6.969  -19.886 1.384   1.00 97.82  ? 93  SER A N     1 
ATOM   764  C CA    . SER A 1 93  ? -7.997  -20.480 2.238   1.00 100.55 ? 93  SER A CA    1 
ATOM   765  C C     . SER A 1 93  ? -7.862  -19.830 3.610   1.00 104.66 ? 93  SER A C     1 
ATOM   766  O O     . SER A 1 93  ? -6.749  -19.531 4.050   1.00 104.34 ? 93  SER A O     1 
ATOM   767  C CB    . SER A 1 93  ? -7.821  -21.993 2.331   1.00 90.32  ? 93  SER A CB    1 
ATOM   768  O OG    . SER A 1 93  ? -6.572  -22.335 2.898   1.00 91.90  ? 93  SER A OG    1 
ATOM   769  N N     . LEU A 1 94  ? -8.986  -19.616 4.287   1.00 108.54 ? 94  LEU A N     1 
ATOM   770  C CA    . LEU A 1 94  ? -9.024  -18.657 5.381   1.00 121.76 ? 94  LEU A CA    1 
ATOM   771  C C     . LEU A 1 94  ? -8.909  -17.280 4.725   1.00 98.59  ? 94  LEU A C     1 
ATOM   772  O O     . LEU A 1 94  ? -8.086  -16.447 5.097   1.00 103.99 ? 94  LEU A O     1 
ATOM   773  C CB    . LEU A 1 94  ? -7.905  -18.910 6.388   1.00 112.73 ? 94  LEU A CB    1 
ATOM   774  C CG    . LEU A 1 94  ? -7.959  -20.266 7.091   1.00 122.01 ? 94  LEU A CG    1 
ATOM   775  C CD1   . LEU A 1 94  ? -6.695  -20.492 7.892   1.00 109.00 ? 94  LEU A CD1   1 
ATOM   776  C CD2   . LEU A 1 94  ? -9.187  -20.377 7.988   1.00 132.72 ? 94  LEU A CD2   1 
ATOM   777  N N     . GLY A 1 95  ? -9.764  -17.083 3.725   1.00 102.98 ? 95  GLY A N     1 
ATOM   778  C CA    . GLY A 1 95  ? -9.729  -15.962 2.799   1.00 97.52  ? 95  GLY A CA    1 
ATOM   779  C C     . GLY A 1 95  ? -8.882  -14.737 3.081   1.00 100.76 ? 95  GLY A C     1 
ATOM   780  O O     . GLY A 1 95  ? -9.403  -13.703 3.498   1.00 108.49 ? 95  GLY A O     1 
ATOM   781  N N     . GLU A 1 96  ? -7.579  -14.844 2.841   1.00 102.98 ? 96  GLU A N     1 
ATOM   782  C CA    . GLU A 1 96  ? -6.719  -13.664 2.777   1.00 90.46  ? 96  GLU A CA    1 
ATOM   783  C C     . GLU A 1 96  ? -6.282  -13.462 1.329   1.00 82.09  ? 96  GLU A C     1 
ATOM   784  O O     . GLU A 1 96  ? -5.988  -14.426 0.624   1.00 85.54  ? 96  GLU A O     1 
ATOM   785  C CB    . GLU A 1 96  ? -5.497  -13.804 3.691   1.00 87.51  ? 96  GLU A CB    1 
ATOM   786  C CG    . GLU A 1 96  ? -4.651  -12.543 3.783   1.00 96.13  ? 96  GLU A CG    1 
ATOM   787  C CD    . GLU A 1 96  ? -3.443  -12.707 4.686   1.00 100.28 ? 96  GLU A CD    1 
ATOM   788  O OE1   . GLU A 1 96  ? -2.815  -11.684 5.034   1.00 95.23  ? 96  GLU A OE1   1 
ATOM   789  O OE2   . GLU A 1 96  ? -3.120  -13.861 5.045   1.00 78.99  ? 96  GLU A OE2   1 
ATOM   790  N N     . TYR A 1 97  ? -6.257  -12.213 0.878   1.00 78.79  ? 97  TYR A N     1 
ATOM   791  C CA    . TYR A 1 97  ? -5.864  -11.925 -0.497  1.00 77.05  ? 97  TYR A CA    1 
ATOM   792  C C     . TYR A 1 97  ? -4.353  -11.865 -0.604  1.00 76.65  ? 97  TYR A C     1 
ATOM   793  O O     . TYR A 1 97  ? -3.692  -11.231 0.216   1.00 69.35  ? 97  TYR A O     1 
ATOM   794  C CB    . TYR A 1 97  ? -6.483  -10.614 -0.976  1.00 76.55  ? 97  TYR A CB    1 
ATOM   795  C CG    . TYR A 1 97  ? -7.990  -10.643 -1.004  1.00 86.29  ? 97  TYR A CG    1 
ATOM   796  C CD1   . TYR A 1 97  ? -8.671  -11.826 -1.243  1.00 80.62  ? 97  TYR A CD1   1 
ATOM   797  C CD2   . TYR A 1 97  ? -8.732  -9.492  -0.778  1.00 96.81  ? 97  TYR A CD2   1 
ATOM   798  C CE1   . TYR A 1 97  ? -10.047 -11.862 -1.265  1.00 84.60  ? 97  TYR A CE1   1 
ATOM   799  C CE2   . TYR A 1 97  ? -10.110 -9.519  -0.796  1.00 91.14  ? 97  TYR A CE2   1 
ATOM   800  C CZ    . TYR A 1 97  ? -10.763 -10.707 -1.042  1.00 86.20  ? 97  TYR A CZ    1 
ATOM   801  O OH    . TYR A 1 97  ? -12.136 -10.736 -1.063  1.00 81.88  ? 97  TYR A OH    1 
ATOM   802  N N     . LYS A 1 98  ? -3.811  -12.522 -1.623  1.00 79.18  ? 98  LYS A N     1 
ATOM   803  C CA    . LYS A 1 98  ? -2.373  -12.691 -1.746  1.00 71.67  ? 98  LYS A CA    1 
ATOM   804  C C     . LYS A 1 98  ? -1.936  -12.470 -3.187  1.00 75.15  ? 98  LYS A C     1 
ATOM   805  O O     . LYS A 1 98  ? -2.758  -12.505 -4.101  1.00 75.73  ? 98  LYS A O     1 
ATOM   806  C CB    . LYS A 1 98  ? -1.984  -14.099 -1.290  1.00 72.43  ? 98  LYS A CB    1 
ATOM   807  C CG    . LYS A 1 98  ? -0.520  -14.282 -0.950  1.00 75.24  ? 98  LYS A CG    1 
ATOM   808  C CD    . LYS A 1 98  ? -0.327  -15.543 -0.122  1.00 79.27  ? 98  LYS A CD    1 
ATOM   809  C CE    . LYS A 1 98  ? 1.139   -15.794 0.189   1.00 89.90  ? 98  LYS A CE    1 
ATOM   810  N NZ    . LYS A 1 98  ? 1.745   -14.668 0.949   1.00 90.27  ? 98  LYS A NZ    1 
ATOM   811  N N     . LEU A 1 99  ? -0.643  -12.237 -3.384  1.00 75.16  ? 99  LEU A N     1 
ATOM   812  C CA    . LEU A 1 99  ? -0.097  -12.063 -4.725  1.00 74.90  ? 99  LEU A CA    1 
ATOM   813  C C     . LEU A 1 99  ? 1.402   -12.333 -4.735  1.00 76.16  ? 99  LEU A C     1 
ATOM   814  O O     . LEU A 1 99  ? 2.049   -12.314 -3.685  1.00 58.18  ? 99  LEU A O     1 
ATOM   815  C CB    . LEU A 1 99  ? -0.394  -10.654 -5.246  1.00 66.51  ? 99  LEU A CB    1 
ATOM   816  C CG    . LEU A 1 99  ? 0.291   -9.485  -4.531  1.00 71.60  ? 99  LEU A CG    1 
ATOM   817  C CD1   . LEU A 1 99  ? 1.713   -9.303  -5.037  1.00 70.11  ? 99  LEU A CD1   1 
ATOM   818  C CD2   . LEU A 1 99  ? -0.500  -8.200  -4.722  1.00 69.13  ? 99  LEU A CD2   1 
ATOM   819  N N     . ASN A 1 100 ? 1.949   -12.585 -5.921  1.00 80.80  ? 100 ASN A N     1 
ATOM   820  C CA    . ASN A 1 100 ? 3.382   -12.814 -6.067  1.00 72.86  ? 100 ASN A CA    1 
ATOM   821  C C     . ASN A 1 100 ? 4.166   -11.524 -5.860  1.00 69.03  ? 100 ASN A C     1 
ATOM   822  O O     . ASN A 1 100 ? 4.314   -10.718 -6.780  1.00 74.44  ? 100 ASN A O     1 
ATOM   823  C CB    . ASN A 1 100 ? 3.695   -13.422 -7.439  1.00 76.36  ? 100 ASN A CB    1 
ATOM   824  C CG    . ASN A 1 100 ? 5.179   -13.686 -7.640  1.00 82.85  ? 100 ASN A CG    1 
ATOM   825  O OD1   . ASN A 1 100 ? 6.020   -12.815 -7.399  1.00 82.71  ? 100 ASN A OD1   1 
ATOM   826  N ND2   . ASN A 1 100 ? 5.507   -14.896 -8.079  1.00 66.61  ? 100 ASN A ND2   1 
ATOM   827  N N     . LEU A 1 101 ? 4.670   -11.339 -4.646  1.00 66.80  ? 101 LEU A N     1 
ATOM   828  C CA    . LEU A 1 101 ? 5.343   -10.097 -4.284  1.00 73.23  ? 101 LEU A CA    1 
ATOM   829  C C     . LEU A 1 101 ? 6.583   -9.796  -5.135  1.00 80.52  ? 101 LEU A C     1 
ATOM   830  O O     . LEU A 1 101 ? 6.731   -8.682  -5.637  1.00 69.87  ? 101 LEU A O     1 
ATOM   831  C CB    . LEU A 1 101 ? 5.694   -10.086 -2.794  1.00 68.26  ? 101 LEU A CB    1 
ATOM   832  C CG    . LEU A 1 101 ? 6.156   -8.741  -2.230  1.00 78.51  ? 101 LEU A CG    1 
ATOM   833  C CD1   . LEU A 1 101 ? 5.093   -7.678  -2.456  1.00 72.55  ? 101 LEU A CD1   1 
ATOM   834  C CD2   . LEU A 1 101 ? 6.495   -8.860  -0.751  1.00 68.28  ? 101 LEU A CD2   1 
ATOM   835  N N     . PRO A 1 102 ? 7.479   -10.784 -5.298  1.00 80.78  ? 102 PRO A N     1 
ATOM   836  C CA    . PRO A 1 102 ? 8.698   -10.545 -6.076  1.00 75.97  ? 102 PRO A CA    1 
ATOM   837  C C     . PRO A 1 102 ? 8.410   -9.944  -7.449  1.00 80.09  ? 102 PRO A C     1 
ATOM   838  O O     . PRO A 1 102 ? 9.140   -9.060  -7.897  1.00 70.93  ? 102 PRO A O     1 
ATOM   839  C CB    . PRO A 1 102 ? 9.287   -11.945 -6.230  1.00 68.63  ? 102 PRO A CB    1 
ATOM   840  C CG    . PRO A 1 102 ? 8.822   -12.667 -5.022  1.00 78.64  ? 102 PRO A CG    1 
ATOM   841  C CD    . PRO A 1 102 ? 7.439   -12.152 -4.750  1.00 75.57  ? 102 PRO A CD    1 
ATOM   842  N N     . GLU A 1 103 ? 7.354   -10.416 -8.104  1.00 70.42  ? 103 GLU A N     1 
ATOM   843  C CA    . GLU A 1 103 ? 7.023   -9.940  -9.441  1.00 73.73  ? 103 GLU A CA    1 
ATOM   844  C C     . GLU A 1 103 ? 6.530   -8.499  -9.448  1.00 80.76  ? 103 GLU A C     1 
ATOM   845  O O     . GLU A 1 103 ? 7.104   -7.640  -10.117 1.00 82.47  ? 103 GLU A O     1 
ATOM   846  C CB    . GLU A 1 103 ? 5.963   -10.829 -10.084 1.00 80.83  ? 103 GLU A CB    1 
ATOM   847  C CG    . GLU A 1 103 ? 5.491   -10.312 -11.429 1.00 86.69  ? 103 GLU A CG    1 
ATOM   848  C CD    . GLU A 1 103 ? 4.298   -11.074 -11.965 1.00 95.95  ? 103 GLU A CD    1 
ATOM   849  O OE1   . GLU A 1 103 ? 3.838   -10.743 -13.078 1.00 89.23  ? 103 GLU A OE1   1 
ATOM   850  O OE2   . GLU A 1 103 ? 3.820   -11.999 -11.274 1.00 91.37  ? 103 GLU A OE2   1 
ATOM   851  N N     . TYR A 1 104 ? 5.460   -8.246  -8.702  1.00 83.92  ? 104 TYR A N     1 
ATOM   852  C CA    . TYR A 1 104 ? 4.794   -6.945  -8.719  1.00 77.90  ? 104 TYR A CA    1 
ATOM   853  C C     . TYR A 1 104 ? 5.515   -5.859  -7.913  1.00 68.63  ? 104 TYR A C     1 
ATOM   854  O O     . TYR A 1 104 ? 5.232   -4.670  -8.069  1.00 71.36  ? 104 TYR A O     1 
ATOM   855  C CB    . TYR A 1 104 ? 3.348   -7.089  -8.236  1.00 67.31  ? 104 TYR A CB    1 
ATOM   856  C CG    . TYR A 1 104 ? 2.475   -7.929  -9.142  1.00 80.91  ? 104 TYR A CG    1 
ATOM   857  C CD1   . TYR A 1 104 ? 2.247   -9.273  -8.873  1.00 83.83  ? 104 TYR A CD1   1 
ATOM   858  C CD2   . TYR A 1 104 ? 1.875   -7.376  -10.267 1.00 84.21  ? 104 TYR A CD2   1 
ATOM   859  C CE1   . TYR A 1 104 ? 1.445   -10.043 -9.701  1.00 89.11  ? 104 TYR A CE1   1 
ATOM   860  C CE2   . TYR A 1 104 ? 1.073   -8.137  -11.101 1.00 90.41  ? 104 TYR A CE2   1 
ATOM   861  C CZ    . TYR A 1 104 ? 0.862   -9.468  -10.814 1.00 92.22  ? 104 TYR A CZ    1 
ATOM   862  O OH    . TYR A 1 104 ? 0.063   -10.222 -11.644 1.00 89.46  ? 104 TYR A OH    1 
ATOM   863  N N     . MET A 1 105 ? 6.446   -6.271  -7.057  1.00 67.70  ? 105 MET A N     1 
ATOM   864  C CA    . MET A 1 105 ? 7.183   -5.334  -6.213  1.00 71.30  ? 105 MET A CA    1 
ATOM   865  C C     . MET A 1 105 ? 7.835   -4.221  -7.024  1.00 64.09  ? 105 MET A C     1 
ATOM   866  O O     . MET A 1 105 ? 8.361   -4.459  -8.107  1.00 75.40  ? 105 MET A O     1 
ATOM   867  C CB    . MET A 1 105 ? 8.247   -6.071  -5.401  1.00 72.54  ? 105 MET A CB    1 
ATOM   868  C CG    . MET A 1 105 ? 8.965   -5.190  -4.401  1.00 73.20  ? 105 MET A CG    1 
ATOM   869  S SD    . MET A 1 105 ? 7.855   -4.581  -3.118  1.00 77.11  ? 105 MET A SD    1 
ATOM   870  C CE    . MET A 1 105 ? 8.976   -3.578  -2.143  1.00 57.96  ? 105 MET A CE    1 
ATOM   871  N N     . TRP A 1 106 ? 7.806   -3.003  -6.491  1.00 63.03  ? 106 TRP A N     1 
ATOM   872  C CA    . TRP A 1 106 ? 8.398   -1.858  -7.173  1.00 63.51  ? 106 TRP A CA    1 
ATOM   873  C C     . TRP A 1 106 ? 9.786   -1.517  -6.642  1.00 72.16  ? 106 TRP A C     1 
ATOM   874  O O     . TRP A 1 106 ? 9.968   -1.289  -5.445  1.00 68.13  ? 106 TRP A O     1 
ATOM   875  C CB    . TRP A 1 106 ? 7.489   -0.633  -7.075  1.00 64.80  ? 106 TRP A CB    1 
ATOM   876  C CG    . TRP A 1 106 ? 8.126   0.607   -7.613  1.00 70.94  ? 106 TRP A CG    1 
ATOM   877  C CD1   . TRP A 1 106 ? 8.514   0.835   -8.901  1.00 81.66  ? 106 TRP A CD1   1 
ATOM   878  C CD2   . TRP A 1 106 ? 8.451   1.792   -6.879  1.00 68.15  ? 106 TRP A CD2   1 
ATOM   879  N NE1   . TRP A 1 106 ? 9.059   2.090   -9.015  1.00 75.63  ? 106 TRP A NE1   1 
ATOM   880  C CE2   . TRP A 1 106 ? 9.033   2.700   -7.787  1.00 79.73  ? 106 TRP A CE2   1 
ATOM   881  C CE3   . TRP A 1 106 ? 8.308   2.176   -5.543  1.00 80.28  ? 106 TRP A CE3   1 
ATOM   882  C CZ2   . TRP A 1 106 ? 9.473   3.966   -7.402  1.00 78.89  ? 106 TRP A CZ2   1 
ATOM   883  C CZ3   . TRP A 1 106 ? 8.745   3.437   -5.161  1.00 75.06  ? 106 TRP A CZ3   1 
ATOM   884  C CH2   . TRP A 1 106 ? 9.319   4.315   -6.089  1.00 71.08  ? 106 TRP A CH2   1 
ATOM   885  N N     . LYS A 1 107 ? 10.759  -1.475  -7.546  1.00 85.02  ? 107 LYS A N     1 
ATOM   886  C CA    . LYS A 1 107 ? 12.146  -1.203  -7.185  1.00 86.95  ? 107 LYS A CA    1 
ATOM   887  C C     . LYS A 1 107 ? 12.672  -0.007  -7.971  1.00 84.55  ? 107 LYS A C     1 
ATOM   888  O O     . LYS A 1 107 ? 12.950  -0.120  -9.164  1.00 84.34  ? 107 LYS A O     1 
ATOM   889  C CB    . LYS A 1 107 ? 13.012  -2.435  -7.464  1.00 87.34  ? 107 LYS A CB    1 
ATOM   890  C CG    . LYS A 1 107 ? 12.220  -3.733  -7.573  1.00 90.23  ? 107 LYS A CG    1 
ATOM   891  C CD    . LYS A 1 107 ? 13.129  -4.948  -7.705  1.00 113.18 ? 107 LYS A CD    1 
ATOM   892  C CE    . LYS A 1 107 ? 12.318  -6.228  -7.886  1.00 107.51 ? 107 LYS A CE    1 
ATOM   893  N NZ    . LYS A 1 107 ? 13.172  -7.451  -7.889  1.00 93.45  ? 107 LYS A NZ    1 
ATOM   894  N N     . PRO A 1 108 ? 12.811  1.148   -7.300  1.00 90.54  ? 108 PRO A N     1 
ATOM   895  C CA    . PRO A 1 108 ? 13.263  2.393   -7.936  1.00 100.70 ? 108 PRO A CA    1 
ATOM   896  C C     . PRO A 1 108 ? 14.550  2.224   -8.744  1.00 97.87  ? 108 PRO A C     1 
ATOM   897  O O     . PRO A 1 108 ? 15.296  1.274   -8.509  1.00 96.34  ? 108 PRO A O     1 
ATOM   898  C CB    . PRO A 1 108 ? 13.510  3.320   -6.743  1.00 98.33  ? 108 PRO A CB    1 
ATOM   899  C CG    . PRO A 1 108 ? 12.569  2.828   -5.696  1.00 90.72  ? 108 PRO A CG    1 
ATOM   900  C CD    . PRO A 1 108 ? 12.523  1.332   -5.866  1.00 76.50  ? 108 PRO A CD    1 
ATOM   901  O "O5'" . DG  B 2 1   ? 5.189   10.241  31.380  1.00 85.27  ? 1   DG  B "O5'" 1 
ATOM   902  C "C5'" . DG  B 2 1   ? 5.168   10.047  32.789  1.00 87.94  ? 1   DG  B "C5'" 1 
ATOM   903  C "C4'" . DG  B 2 1   ? 3.778   9.661   33.262  1.00 95.39  ? 1   DG  B "C4'" 1 
ATOM   904  O "O4'" . DG  B 2 1   ? 2.846   10.757  33.082  1.00 88.36  ? 1   DG  B "O4'" 1 
ATOM   905  C "C3'" . DG  B 2 1   ? 3.149   8.503   32.505  1.00 84.70  ? 1   DG  B "C3'" 1 
ATOM   906  O "O3'" . DG  B 2 1   ? 3.611   7.292   33.075  1.00 91.13  ? 1   DG  B "O3'" 1 
ATOM   907  C "C2'" . DG  B 2 1   ? 1.663   8.720   32.771  1.00 77.65  ? 1   DG  B "C2'" 1 
ATOM   908  C "C1'" . DG  B 2 1   ? 1.555   10.243  32.815  1.00 81.39  ? 1   DG  B "C1'" 1 
ATOM   909  N N9    . DG  B 2 1   ? 1.064   10.823  31.569  1.00 66.16  ? 1   DG  B N9    1 
ATOM   910  C C8    . DG  B 2 1   ? 1.793   11.455  30.591  1.00 62.01  ? 1   DG  B C8    1 
ATOM   911  N N7    . DG  B 2 1   ? 1.064   11.866  29.589  1.00 63.07  ? 1   DG  B N7    1 
ATOM   912  C C5    . DG  B 2 1   ? -0.229  11.481  29.923  1.00 54.93  ? 1   DG  B C5    1 
ATOM   913  C C6    . DG  B 2 1   ? -1.446  11.657  29.220  1.00 61.92  ? 1   DG  B C6    1 
ATOM   914  O O6    . DG  B 2 1   ? -1.629  12.206  28.121  1.00 62.96  ? 1   DG  B O6    1 
ATOM   915  N N1    . DG  B 2 1   ? -2.524  11.117  29.920  1.00 57.95  ? 1   DG  B N1    1 
ATOM   916  C C2    . DG  B 2 1   ? -2.434  10.487  31.140  1.00 66.20  ? 1   DG  B C2    1 
ATOM   917  N N2    . DG  B 2 1   ? -3.583  10.028  31.662  1.00 63.18  ? 1   DG  B N2    1 
ATOM   918  N N3    . DG  B 2 1   ? -1.300  10.317  31.808  1.00 64.76  ? 1   DG  B N3    1 
ATOM   919  C C4    . DG  B 2 1   ? -0.244  10.838  31.140  1.00 59.68  ? 1   DG  B C4    1 
ATOM   920  P P     . DC  B 2 2   ? 3.684   5.957   32.187  1.00 97.00  ? 2   DC  B P     1 
ATOM   921  O OP1   . DC  B 2 2   ? 4.618   5.023   32.849  1.00 103.33 ? 2   DC  B OP1   1 
ATOM   922  O OP2   . DC  B 2 2   ? 3.914   6.354   30.782  1.00 90.56  ? 2   DC  B OP2   1 
ATOM   923  O "O5'" . DC  B 2 2   ? 2.206   5.361   32.292  1.00 84.80  ? 2   DC  B "O5'" 1 
ATOM   924  C "C5'" . DC  B 2 2   ? 1.546   5.363   33.549  1.00 86.90  ? 2   DC  B "C5'" 1 
ATOM   925  C "C4'" . DC  B 2 2   ? 0.092   5.012   33.332  1.00 89.55  ? 2   DC  B "C4'" 1 
ATOM   926  O "O4'" . DC  B 2 2   ? -0.571  6.107   32.651  1.00 95.48  ? 2   DC  B "O4'" 1 
ATOM   927  C "C3'" . DC  B 2 2   ? -0.071  3.782   32.455  1.00 94.65  ? 2   DC  B "C3'" 1 
ATOM   928  O "O3'" . DC  B 2 2   ? -0.970  2.857   33.028  1.00 102.07 ? 2   DC  B "O3'" 1 
ATOM   929  C "C2'" . DC  B 2 2   ? -0.609  4.317   31.134  1.00 96.41  ? 2   DC  B "C2'" 1 
ATOM   930  C "C1'" . DC  B 2 2   ? -1.284  5.620   31.534  1.00 88.19  ? 2   DC  B "C1'" 1 
ATOM   931  N N1    . DC  B 2 2   ? -1.214  6.614   30.433  1.00 79.47  ? 2   DC  B N1    1 
ATOM   932  C C2    . DC  B 2 2   ? -2.367  6.934   29.704  1.00 71.80  ? 2   DC  B C2    1 
ATOM   933  O O2    . DC  B 2 2   ? -3.444  6.396   29.994  1.00 73.38  ? 2   DC  B O2    1 
ATOM   934  N N3    . DC  B 2 2   ? -2.272  7.836   28.696  1.00 62.39  ? 2   DC  B N3    1 
ATOM   935  C C4    . DC  B 2 2   ? -1.093  8.396   28.411  1.00 71.77  ? 2   DC  B C4    1 
ATOM   936  N N4    . DC  B 2 2   ? -1.047  9.280   27.408  1.00 70.52  ? 2   DC  B N4    1 
ATOM   937  C C5    . DC  B 2 2   ? 0.091   8.076   29.141  1.00 68.77  ? 2   DC  B C5    1 
ATOM   938  C C6    . DC  B 2 2   ? -0.013  7.186   30.133  1.00 71.07  ? 2   DC  B C6    1 
ATOM   939  P P     . DC  B 2 3   ? -1.007  1.347   32.492  1.00 114.63 ? 3   DC  B P     1 
ATOM   940  O OP1   . DC  B 2 3   ? -1.596  0.501   33.554  1.00 111.07 ? 3   DC  B OP1   1 
ATOM   941  O OP2   . DC  B 2 3   ? 0.329   1.032   31.935  1.00 96.22  ? 3   DC  B OP2   1 
ATOM   942  O "O5'" . DC  B 2 3   ? -2.038  1.407   31.276  1.00 87.90  ? 3   DC  B "O5'" 1 
ATOM   943  C "C5'" . DC  B 2 3   ? -3.417  1.550   31.561  1.00 94.30  ? 3   DC  B "C5'" 1 
ATOM   944  C "C4'" . DC  B 2 3   ? -4.166  1.855   30.285  1.00 95.27  ? 3   DC  B "C4'" 1 
ATOM   945  O "O4'" . DC  B 2 3   ? -3.672  3.097   29.741  1.00 90.05  ? 3   DC  B "O4'" 1 
ATOM   946  C "C3'" . DC  B 2 3   ? -3.936  0.842   29.174  1.00 86.70  ? 3   DC  B "C3'" 1 
ATOM   947  O "O3'" . DC  B 2 3   ? -4.940  -0.156  29.228  1.00 92.41  ? 3   DC  B "O3'" 1 
ATOM   948  C "C2'" . DC  B 2 3   ? -4.043  1.660   27.889  1.00 84.72  ? 3   DC  B "C2'" 1 
ATOM   949  C "C1'" . DC  B 2 3   ? -3.972  3.110   28.361  1.00 87.05  ? 3   DC  B "C1'" 1 
ATOM   950  N N1    . DC  B 2 3   ? -2.944  3.922   27.664  1.00 77.01  ? 3   DC  B N1    1 
ATOM   951  C C2    . DC  B 2 3   ? -3.301  4.602   26.498  1.00 71.76  ? 3   DC  B C2    1 
ATOM   952  O O2    . DC  B 2 3   ? -4.463  4.495   26.088  1.00 66.42  ? 3   DC  B O2    1 
ATOM   953  N N3    . DC  B 2 3   ? -2.364  5.350   25.862  1.00 67.14  ? 3   DC  B N3    1 
ATOM   954  C C4    . DC  B 2 3   ? -1.124  5.428   26.355  1.00 72.54  ? 3   DC  B C4    1 
ATOM   955  N N4    . DC  B 2 3   ? -0.235  6.178   25.693  1.00 70.95  ? 3   DC  B N4    1 
ATOM   956  C C5    . DC  B 2 3   ? -0.743  4.741   27.546  1.00 72.67  ? 3   DC  B C5    1 
ATOM   957  C C6    . DC  B 2 3   ? -1.677  4.007   28.161  1.00 81.55  ? 3   DC  B C6    1 
ATOM   958  P P     . DA  B 2 4   ? -4.888  -1.408  28.223  1.00 112.09 ? 4   DA  B P     1 
ATOM   959  O OP1   . DA  B 2 4   ? -5.715  -2.490  28.803  1.00 95.28  ? 4   DA  B OP1   1 
ATOM   960  O OP2   . DA  B 2 4   ? -3.468  -1.663  27.885  1.00 91.39  ? 4   DA  B OP2   1 
ATOM   961  O "O5'" . DA  B 2 4   ? -5.617  -0.863  26.909  1.00 76.52  ? 4   DA  B "O5'" 1 
ATOM   962  C "C5'" . DA  B 2 4   ? -6.963  -0.424  26.995  1.00 70.67  ? 4   DA  B "C5'" 1 
ATOM   963  C "C4'" . DA  B 2 4   ? -7.420  0.164   25.674  1.00 78.18  ? 4   DA  B "C4'" 1 
ATOM   964  O "O4'" . DA  B 2 4   ? -6.584  1.302   25.337  1.00 86.67  ? 4   DA  B "O4'" 1 
ATOM   965  C "C3'" . DA  B 2 4   ? -7.336  -0.785  24.484  1.00 74.90  ? 4   DA  B "C3'" 1 
ATOM   966  O "O3'" . DA  B 2 4   ? -8.451  -0.576  23.625  1.00 86.35  ? 4   DA  B "O3'" 1 
ATOM   967  C "C2'" . DA  B 2 4   ? -6.027  -0.370  23.821  1.00 76.99  ? 4   DA  B "C2'" 1 
ATOM   968  C "C1'" . DA  B 2 4   ? -6.066  1.138   24.032  1.00 76.58  ? 4   DA  B "C1'" 1 
ATOM   969  N N9    . DA  B 2 4   ? -4.758  1.787   23.963  1.00 69.38  ? 4   DA  B N9    1 
ATOM   970  C C8    . DA  B 2 4   ? -3.658  1.503   24.725  1.00 67.35  ? 4   DA  B C8    1 
ATOM   971  N N7    . DA  B 2 4   ? -2.614  2.249   24.450  1.00 63.99  ? 4   DA  B N7    1 
ATOM   972  C C5    . DA  B 2 4   ? -3.057  3.087   23.440  1.00 56.51  ? 4   DA  B C5    1 
ATOM   973  C C6    . DA  B 2 4   ? -2.424  4.116   22.711  1.00 56.51  ? 4   DA  B C6    1 
ATOM   974  N N6    . DA  B 2 4   ? -1.153  4.484   22.905  1.00 52.07  ? 4   DA  B N6    1 
ATOM   975  N N1    . DA  B 2 4   ? -3.150  4.753   21.768  1.00 57.20  ? 4   DA  B N1    1 
ATOM   976  C C2    . DA  B 2 4   ? -4.424  4.385   21.576  1.00 60.18  ? 4   DA  B C2    1 
ATOM   977  N N3    . DA  B 2 4   ? -5.126  3.435   22.197  1.00 65.71  ? 4   DA  B N3    1 
ATOM   978  C C4    . DA  B 2 4   ? -4.377  2.816   23.127  1.00 63.12  ? 4   DA  B C4    1 
ATOM   979  P P     . DT  B 2 5   ? -8.916  -1.728  22.605  1.00 110.93 ? 5   DT  B P     1 
ATOM   980  O OP1   . DT  B 2 5   ? -10.349 -2.010  22.848  1.00 85.97  ? 5   DT  B OP1   1 
ATOM   981  O OP2   . DT  B 2 5   ? -7.917  -2.821  22.662  1.00 96.85  ? 5   DT  B OP2   1 
ATOM   982  O "O5'" . DT  B 2 5   ? -8.784  -1.031  21.181  1.00 88.74  ? 5   DT  B "O5'" 1 
ATOM   983  C "C5'" . DT  B 2 5   ? -7.648  -0.233  20.951  1.00 78.03  ? 5   DT  B "C5'" 1 
ATOM   984  C "C4'" . DT  B 2 5   ? -7.863  0.606   19.718  1.00 80.95  ? 5   DT  B "C4'" 1 
ATOM   985  O "O4'" . DT  B 2 5   ? -6.845  1.629   19.677  1.00 85.18  ? 5   DT  B "O4'" 1 
ATOM   986  C "C3'" . DT  B 2 5   ? -7.715  -0.162  18.419  1.00 77.26  ? 5   DT  B "C3'" 1 
ATOM   987  O "O3'" . DT  B 2 5   ? -8.397  0.532   17.390  1.00 83.31  ? 5   DT  B "O3'" 1 
ATOM   988  C "C2'" . DT  B 2 5   ? -6.202  -0.136  18.234  1.00 70.22  ? 5   DT  B "C2'" 1 
ATOM   989  C "C1'" . DT  B 2 5   ? -5.835  1.248   18.766  1.00 65.47  ? 5   DT  B "C1'" 1 
ATOM   990  N N1    . DT  B 2 5   ? -4.514  1.305   19.460  1.00 60.74  ? 5   DT  B N1    1 
ATOM   991  C C2    . DT  B 2 5   ? -3.621  2.278   19.070  1.00 55.52  ? 5   DT  B C2    1 
ATOM   992  O O2    . DT  B 2 5   ? -3.867  3.088   18.195  1.00 58.82  ? 5   DT  B O2    1 
ATOM   993  N N3    . DT  B 2 5   ? -2.430  2.266   19.749  1.00 49.60  ? 5   DT  B N3    1 
ATOM   994  C C4    . DT  B 2 5   ? -2.050  1.397   20.755  1.00 52.86  ? 5   DT  B C4    1 
ATOM   995  O O4    . DT  B 2 5   ? -0.952  1.468   21.305  1.00 54.90  ? 5   DT  B O4    1 
ATOM   996  C C5    . DT  B 2 5   ? -3.029  0.405   21.114  1.00 56.91  ? 5   DT  B C5    1 
ATOM   997  C C7    . DT  B 2 5   ? -2.712  -0.586  22.196  1.00 61.73  ? 5   DT  B C7    1 
ATOM   998  C C6    . DT  B 2 5   ? -4.202  0.403   20.460  1.00 57.04  ? 5   DT  B C6    1 
ATOM   999  P P     . DG  B 2 6   ? -8.940  -0.263  16.106  1.00 101.98 ? 6   DG  B P     1 
ATOM   1000 O OP1   . DG  B 2 6   ? -10.131 0.453   15.593  1.00 87.65  ? 6   DG  B OP1   1 
ATOM   1001 O OP2   . DG  B 2 6   ? -9.014  -1.702  16.456  1.00 73.62  ? 6   DG  B OP2   1 
ATOM   1002 O "O5'" . DG  B 2 6   ? -7.769  -0.086  15.042  1.00 85.95  ? 6   DG  B "O5'" 1 
ATOM   1003 C "C5'" . DG  B 2 6   ? -7.468  1.207   14.545  1.00 76.64  ? 6   DG  B "C5'" 1 
ATOM   1004 C "C4'" . DG  B 2 6   ? -6.135  1.143   13.836  1.00 74.21  ? 6   DG  B "C4'" 1 
ATOM   1005 O "O4'" . DG  B 2 6   ? -5.065  1.244   14.811  1.00 75.74  ? 6   DG  B "O4'" 1 
ATOM   1006 C "C3'" . DG  B 2 6   ? -5.916  -0.176  13.101  1.00 64.27  ? 6   DG  B "C3'" 1 
ATOM   1007 O "O3'" . DG  B 2 6   ? -5.400  0.074   11.812  1.00 58.82  ? 6   DG  B "O3'" 1 
ATOM   1008 C "C2'" . DG  B 2 6   ? -4.896  -0.901  13.968  1.00 59.38  ? 6   DG  B "C2'" 1 
ATOM   1009 C "C1'" . DG  B 2 6   ? -4.090  0.289   14.462  1.00 65.15  ? 6   DG  B "C1'" 1 
ATOM   1010 N N9    . DG  B 2 6   ? -3.260  -0.013  15.617  1.00 57.42  ? 6   DG  B N9    1 
ATOM   1011 C C8    . DG  B 2 6   ? -3.491  -0.954  16.587  1.00 50.33  ? 6   DG  B C8    1 
ATOM   1012 N N7    . DG  B 2 6   ? -2.554  -0.991  17.496  1.00 58.44  ? 6   DG  B N7    1 
ATOM   1013 C C5    . DG  B 2 6   ? -1.647  -0.014  17.096  1.00 45.35  ? 6   DG  B C5    1 
ATOM   1014 C C6    . DG  B 2 6   ? -0.431  0.399   17.685  1.00 44.94  ? 6   DG  B C6    1 
ATOM   1015 O O6    . DG  B 2 6   ? 0.108   -0.026  18.716  1.00 50.90  ? 6   DG  B O6    1 
ATOM   1016 N N1    . DG  B 2 6   ? 0.171   1.416   16.951  1.00 49.60  ? 6   DG  B N1    1 
ATOM   1017 C C2    . DG  B 2 6   ? -0.334  1.964   15.797  1.00 48.54  ? 6   DG  B C2    1 
ATOM   1018 N N2    . DG  B 2 6   ? 0.392   2.936   15.231  1.00 47.74  ? 6   DG  B N2    1 
ATOM   1019 N N3    . DG  B 2 6   ? -1.473  1.587   15.233  1.00 49.79  ? 6   DG  B N3    1 
ATOM   1020 C C4    . DG  B 2 6   ? -2.069  0.595   15.938  1.00 55.08  ? 6   DG  B C4    1 
HETATM 1021 P P     . 2PR B 2 7   ? -6.343  -0.087  10.523  1.00 70.15  ? 7   2PR B P     1 
HETATM 1022 O OP1   . 2PR B 2 7   ? -7.792  -0.292  10.121  1.00 70.90  ? 7   2PR B OP1   1 
HETATM 1023 O OP2   . 2PR B 2 7   ? -5.997  1.432   10.764  1.00 72.42  ? 7   2PR B OP2   1 
HETATM 1024 O "O5'" . 2PR B 2 7   ? -5.366  -0.581  9.415   1.00 71.53  ? 7   2PR B "O5'" 1 
HETATM 1025 C "C5'" . 2PR B 2 7   ? -4.656  -1.793  9.557   1.00 37.18  ? 7   2PR B "C5'" 1 
HETATM 1026 C "C4'" . 2PR B 2 7   ? -3.896  -2.230  8.388   1.00 52.56  ? 7   2PR B "C4'" 1 
HETATM 1027 O "O4'" . 2PR B 2 7   ? -4.589  -1.817  7.228   1.00 51.67  ? 7   2PR B "O4'" 1 
HETATM 1028 C "C3'" . 2PR B 2 7   ? -2.601  -1.579  8.357   1.00 50.91  ? 7   2PR B "C3'" 1 
HETATM 1029 O "O3'" . 2PR B 2 7   ? -1.690  -2.395  7.730   1.00 47.73  ? 7   2PR B "O3'" 1 
HETATM 1030 C "C2'" . 2PR B 2 7   ? -2.814  -0.429  7.521   1.00 49.75  ? 7   2PR B "C2'" 1 
HETATM 1031 C "C1'" . 2PR B 2 7   ? -3.762  -0.928  6.534   1.00 48.64  ? 7   2PR B "C1'" 1 
HETATM 1032 N N9    . 2PR B 2 7   ? -4.598  0.124   5.945   1.00 52.77  ? 7   2PR B N9    1 
HETATM 1033 C C8    . 2PR B 2 7   ? -5.618  0.793   6.554   1.00 52.80  ? 7   2PR B C8    1 
HETATM 1034 N N7    . 2PR B 2 7   ? -6.140  1.687   5.654   1.00 51.03  ? 7   2PR B N7    1 
HETATM 1035 C C5    . 2PR B 2 7   ? -5.431  1.575   4.458   1.00 45.53  ? 7   2PR B C5    1 
HETATM 1036 C C6    . 2PR B 2 7   ? -5.491  2.229   3.146   1.00 55.61  ? 7   2PR B C6    1 
HETATM 1037 N N1    . 2PR B 2 7   ? -4.643  1.878   2.184   1.00 60.24  ? 7   2PR B N1    1 
HETATM 1038 C C2    . 2PR B 2 7   ? -3.719  0.915   2.418   1.00 47.95  ? 7   2PR B C2    1 
HETATM 1039 N N2    . 2PR B 2 7   ? -2.825  0.558   1.402   1.00 50.04  ? 7   2PR B N2    1 
HETATM 1040 N N3    . 2PR B 2 7   ? -3.625  0.279   3.620   1.00 46.91  ? 7   2PR B N3    1 
HETATM 1041 C C4    . 2PR B 2 7   ? -4.478  0.605   4.640   1.00 52.13  ? 7   2PR B C4    1 
ATOM   1042 P P     . DC  B 2 8   ? -0.885  -3.508  8.564   1.00 55.71  ? 8   DC  B P     1 
ATOM   1043 O OP1   . DC  B 2 8   ? -0.277  -4.450  7.597   1.00 52.24  ? 8   DC  B OP1   1 
ATOM   1044 O OP2   . DC  B 2 8   ? -1.773  -4.013  9.631   1.00 55.20  ? 8   DC  B OP2   1 
ATOM   1045 O "O5'" . DC  B 2 8   ? 0.266   -2.672  9.293   1.00 50.73  ? 8   DC  B "O5'" 1 
ATOM   1046 C "C5'" . DC  B 2 8   ? 0.998   -1.687  8.572   1.00 48.65  ? 8   DC  B "C5'" 1 
ATOM   1047 C "C4'" . DC  B 2 8   ? 2.478   -1.967  8.706   1.00 51.70  ? 8   DC  B "C4'" 1 
ATOM   1048 O "O4'" . DC  B 2 8   ? 2.806   -2.072  10.113  1.00 49.72  ? 8   DC  B "O4'" 1 
ATOM   1049 C "C3'" . DC  B 2 8   ? 2.928   -3.275  8.070   1.00 51.95  ? 8   DC  B "C3'" 1 
ATOM   1050 O "O3'" . DC  B 2 8   ? 4.130   -3.044  7.357   1.00 62.68  ? 8   DC  B "O3'" 1 
ATOM   1051 C "C2'" . DC  B 2 8   ? 3.146   -4.214  9.251   1.00 43.44  ? 8   DC  B "C2'" 1 
ATOM   1052 C "C1'" . DC  B 2 8   ? 3.544   -3.249  10.351  1.00 44.40  ? 8   DC  B "C1'" 1 
ATOM   1053 N N1    . DC  B 2 8   ? 3.157   -3.732  11.691  1.00 53.26  ? 8   DC  B N1    1 
ATOM   1054 C C2    . DC  B 2 8   ? 4.141   -3.935  12.664  1.00 57.40  ? 8   DC  B C2    1 
ATOM   1055 O O2    . DC  B 2 8   ? 5.328   -3.705  12.387  1.00 62.18  ? 8   DC  B O2    1 
ATOM   1056 N N3    . DC  B 2 8   ? 3.759   -4.378  13.889  1.00 54.63  ? 8   DC  B N3    1 
ATOM   1057 C C4    . DC  B 2 8   ? 2.469   -4.612  14.144  1.00 46.24  ? 8   DC  B C4    1 
ATOM   1058 N N4    . DC  B 2 8   ? 2.137   -5.046  15.363  1.00 48.47  ? 8   DC  B N4    1 
ATOM   1059 C C5    . DC  B 2 8   ? 1.460   -4.410  13.163  1.00 35.91  ? 8   DC  B C5    1 
ATOM   1060 C C6    . DC  B 2 8   ? 1.844   -3.973  11.961  1.00 46.92  ? 8   DC  B C6    1 
ATOM   1061 P P     . DT  B 2 9   ? 4.880   -4.257  6.616   1.00 48.67  ? 9   DT  B P     1 
ATOM   1062 O OP1   . DT  B 2 9   ? 5.746   -3.677  5.571   1.00 39.41  ? 9   DT  B OP1   1 
ATOM   1063 O OP2   . DT  B 2 9   ? 3.866   -5.272  6.251   1.00 49.67  ? 9   DT  B OP2   1 
ATOM   1064 O "O5'" . DT  B 2 9   ? 5.809   -4.878  7.760   1.00 46.93  ? 9   DT  B "O5'" 1 
ATOM   1065 C "C5'" . DT  B 2 9   ? 6.835   -4.076  8.316   1.00 52.79  ? 9   DT  B "C5'" 1 
ATOM   1066 C "C4'" . DT  B 2 9   ? 7.900   -4.939  8.960   1.00 52.35  ? 9   DT  B "C4'" 1 
ATOM   1067 O "O4'" . DT  B 2 9   ? 7.504   -5.303  10.306  1.00 57.10  ? 9   DT  B "O4'" 1 
ATOM   1068 C "C3'" . DT  B 2 9   ? 8.166   -6.254  8.247   1.00 62.65  ? 9   DT  B "C3'" 1 
ATOM   1069 O "O3'" . DT  B 2 9   ? 9.543   -6.554  8.380   1.00 73.65  ? 9   DT  B "O3'" 1 
ATOM   1070 C "C2'" . DT  B 2 9   ? 7.299   -7.233  9.034   1.00 56.61  ? 9   DT  B "C2'" 1 
ATOM   1071 C "C1'" . DT  B 2 9   ? 7.525   -6.707  10.443  1.00 49.92  ? 9   DT  B "C1'" 1 
ATOM   1072 N N1    . DT  B 2 9   ? 6.463   -7.070  11.409  1.00 49.42  ? 9   DT  B N1    1 
ATOM   1073 C C2    . DT  B 2 9   ? 6.799   -7.301  12.727  1.00 58.30  ? 9   DT  B C2    1 
ATOM   1074 O O2    . DT  B 2 9   ? 7.939   -7.233  13.151  1.00 59.07  ? 9   DT  B O2    1 
ATOM   1075 N N3    . DT  B 2 9   ? 5.741   -7.619  13.541  1.00 54.38  ? 9   DT  B N3    1 
ATOM   1076 C C4    . DT  B 2 9   ? 4.412   -7.723  13.174  1.00 54.55  ? 9   DT  B C4    1 
ATOM   1077 O O4    . DT  B 2 9   ? 3.535   -8.019  13.982  1.00 51.04  ? 9   DT  B O4    1 
ATOM   1078 C C5    . DT  B 2 9   ? 4.134   -7.464  11.781  1.00 58.29  ? 9   DT  B C5    1 
ATOM   1079 C C7    . DT  B 2 9   ? 2.729   -7.547  11.261  1.00 44.27  ? 9   DT  B C7    1 
ATOM   1080 C C6    . DT  B 2 9   ? 5.158   -7.154  10.974  1.00 49.22  ? 9   DT  B C6    1 
ATOM   1081 P P     . DA  B 2 10  ? 10.247  -7.589  7.374   1.00 68.30  ? 10  DA  B P     1 
ATOM   1082 O OP1   . DA  B 2 10  ? 10.894  -6.808  6.297   1.00 71.33  ? 10  DA  B OP1   1 
ATOM   1083 O OP2   . DA  B 2 10  ? 9.261   -8.638  7.033   1.00 54.61  ? 10  DA  B OP2   1 
ATOM   1084 O "O5'" . DA  B 2 10  ? 11.376  -8.265  8.276   1.00 63.95  ? 10  DA  B "O5'" 1 
ATOM   1085 C "C5'" . DA  B 2 10  ? 12.104  -7.458  9.188   1.00 76.18  ? 10  DA  B "C5'" 1 
ATOM   1086 C "C4'" . DA  B 2 10  ? 12.496  -8.289  10.395  1.00 81.31  ? 10  DA  B "C4'" 1 
ATOM   1087 O "O4'" . DA  B 2 10  ? 11.333  -8.529  11.230  1.00 71.55  ? 10  DA  B "O4'" 1 
ATOM   1088 C "C3'" . DA  B 2 10  ? 13.074  -9.655  10.042  1.00 78.86  ? 10  DA  B "C3'" 1 
ATOM   1089 O "O3'" . DA  B 2 10  ? 14.249  -9.854  10.822  1.00 86.46  ? 10  DA  B "O3'" 1 
ATOM   1090 C "C2'" . DA  B 2 10  ? 11.950  -10.639 10.370  1.00 67.76  ? 10  DA  B "C2'" 1 
ATOM   1091 C "C1'" . DA  B 2 10  ? 11.129  -9.916  11.434  1.00 71.93  ? 10  DA  B "C1'" 1 
ATOM   1092 N N9    . DA  B 2 10  ? 9.692   -10.189 11.352  1.00 59.81  ? 10  DA  B N9    1 
ATOM   1093 C C8    . DA  B 2 10  ? 8.948   -10.284 10.209  1.00 55.83  ? 10  DA  B C8    1 
ATOM   1094 N N7    . DA  B 2 10  ? 7.677   -10.527 10.419  1.00 50.55  ? 10  DA  B N7    1 
ATOM   1095 C C5    . DA  B 2 10  ? 7.575   -10.597 11.799  1.00 58.84  ? 10  DA  B C5    1 
ATOM   1096 C C6    . DA  B 2 10  ? 6.476   -10.831 12.655  1.00 62.81  ? 10  DA  B C6    1 
ATOM   1097 N N6    . DA  B 2 10  ? 5.233   -11.047 12.203  1.00 55.46  ? 10  DA  B N6    1 
ATOM   1098 N N1    . DA  B 2 10  ? 6.709   -10.833 13.988  1.00 56.64  ? 10  DA  B N1    1 
ATOM   1099 C C2    . DA  B 2 10  ? 7.958   -10.617 14.421  1.00 58.63  ? 10  DA  B C2    1 
ATOM   1100 N N3    . DA  B 2 10  ? 9.065   -10.386 13.711  1.00 58.55  ? 10  DA  B N3    1 
ATOM   1101 C C4    . DA  B 2 10  ? 8.807   -10.389 12.392  1.00 52.56  ? 10  DA  B C4    1 
ATOM   1102 P P     . DG  B 2 11  ? 15.065  -11.235 10.726  1.00 76.27  ? 11  DG  B P     1 
ATOM   1103 O OP1   . DG  B 2 11  ? 16.497  -10.929 10.918  1.00 77.78  ? 11  DG  B OP1   1 
ATOM   1104 O OP2   . DG  B 2 11  ? 14.621  -11.949 9.509   1.00 62.00  ? 11  DG  B OP2   1 
ATOM   1105 O "O5'" . DG  B 2 11  ? 14.563  -12.046 12.004  1.00 68.90  ? 11  DG  B "O5'" 1 
ATOM   1106 C "C5'" . DG  B 2 11  ? 14.646  -11.408 13.271  1.00 63.47  ? 11  DG  B "C5'" 1 
ATOM   1107 C "C4'" . DG  B 2 11  ? 13.973  -12.260 14.326  1.00 73.13  ? 11  DG  B "C4'" 1 
ATOM   1108 O "O4'" . DG  B 2 11  ? 12.532  -12.239 14.126  1.00 79.20  ? 11  DG  B "O4'" 1 
ATOM   1109 C "C3'" . DG  B 2 11  ? 14.383  -13.727 14.286  1.00 73.01  ? 11  DG  B "C3'" 1 
ATOM   1110 O "O3'" . DG  B 2 11  ? 14.462  -14.224 15.612  1.00 79.39  ? 11  DG  B "O3'" 1 
ATOM   1111 C "C2'" . DG  B 2 11  ? 13.229  -14.358 13.515  1.00 65.50  ? 11  DG  B "C2'" 1 
ATOM   1112 C "C1'" . DG  B 2 11  ? 12.071  -13.572 14.110  1.00 62.15  ? 11  DG  B "C1'" 1 
ATOM   1113 N N9    . DG  B 2 11  ? 10.837  -13.706 13.344  1.00 62.42  ? 11  DG  B N9    1 
ATOM   1114 C C8    . DG  B 2 11  ? 10.675  -13.647 11.981  1.00 58.47  ? 11  DG  B C8    1 
ATOM   1115 N N7    . DG  B 2 11  ? 9.440   -13.823 11.600  1.00 51.64  ? 11  DG  B N7    1 
ATOM   1116 C C5    . DG  B 2 11  ? 8.739   -14.016 12.786  1.00 55.83  ? 11  DG  B C5    1 
ATOM   1117 C C6    . DG  B 2 11  ? 7.362   -14.255 13.011  1.00 54.50  ? 11  DG  B C6    1 
ATOM   1118 O O6    . DG  B 2 11  ? 6.447   -14.345 12.180  1.00 57.00  ? 11  DG  B O6    1 
ATOM   1119 N N1    . DG  B 2 11  ? 7.081   -14.395 14.367  1.00 51.58  ? 11  DG  B N1    1 
ATOM   1120 C C2    . DG  B 2 11  ? 8.007   -14.312 15.380  1.00 60.48  ? 11  DG  B C2    1 
ATOM   1121 N N2    . DG  B 2 11  ? 7.543   -14.473 16.626  1.00 63.43  ? 11  DG  B N2    1 
ATOM   1122 N N3    . DG  B 2 11  ? 9.298   -14.088 15.184  1.00 61.85  ? 11  DG  B N3    1 
ATOM   1123 C C4    . DG  B 2 11  ? 9.588   -13.951 13.867  1.00 63.09  ? 11  DG  B C4    1 
ATOM   1124 P P     . DT  B 2 12  ? 15.029  -15.701 15.892  1.00 91.37  ? 12  DT  B P     1 
ATOM   1125 O OP1   . DT  B 2 12  ? 16.504  -15.634 15.859  1.00 68.04  ? 12  DT  B OP1   1 
ATOM   1126 O OP2   . DT  B 2 12  ? 14.317  -16.645 14.996  1.00 82.23  ? 12  DT  B OP2   1 
ATOM   1127 O "O5'" . DT  B 2 12  ? 14.555  -16.000 17.391  1.00 84.15  ? 12  DT  B "O5'" 1 
ATOM   1128 C "C5'" . DT  B 2 12  ? 13.280  -15.542 17.840  1.00 79.88  ? 12  DT  B "C5'" 1 
ATOM   1129 C "C4'" . DT  B 2 12  ? 12.172  -16.580 17.687  1.00 89.07  ? 12  DT  B "C4'" 1 
ATOM   1130 O "O4'" . DT  B 2 12  ? 11.365  -16.337 16.508  1.00 83.38  ? 12  DT  B "O4'" 1 
ATOM   1131 C "C3'" . DT  B 2 12  ? 12.591  -18.048 17.581  1.00 87.82  ? 12  DT  B "C3'" 1 
ATOM   1132 O "O3'" . DT  B 2 12  ? 12.353  -18.681 18.842  1.00 107.26 ? 12  DT  B "O3'" 1 
ATOM   1133 C "C2'" . DT  B 2 12  ? 11.708  -18.612 16.462  1.00 76.28  ? 12  DT  B "C2'" 1 
ATOM   1134 C "C1'" . DT  B 2 12  ? 10.644  -17.531 16.303  1.00 72.46  ? 12  DT  B "C1'" 1 
ATOM   1135 N N1    . DT  B 2 12  ? 9.959   -17.500 14.973  1.00 65.77  ? 12  DT  B N1    1 
ATOM   1136 C C2    . DT  B 2 12  ? 8.594   -17.689 14.917  1.00 63.49  ? 12  DT  B C2    1 
ATOM   1137 O O2    . DT  B 2 12  ? 7.898   -17.881 15.897  1.00 63.66  ? 12  DT  B O2    1 
ATOM   1138 N N3    . DT  B 2 12  ? 8.062   -17.645 13.656  1.00 60.62  ? 12  DT  B N3    1 
ATOM   1139 C C4    . DT  B 2 12  ? 8.733   -17.437 12.465  1.00 65.17  ? 12  DT  B C4    1 
ATOM   1140 O O4    . DT  B 2 12  ? 8.152   -17.417 11.380  1.00 56.87  ? 12  DT  B O4    1 
ATOM   1141 C C5    . DT  B 2 12  ? 10.159  -17.248 12.598  1.00 57.14  ? 12  DT  B C5    1 
ATOM   1142 C C7    . DT  B 2 12  ? 11.012  -17.012 11.386  1.00 52.61  ? 12  DT  B C7    1 
ATOM   1143 C C6    . DT  B 2 12  ? 10.695  -17.289 13.825  1.00 57.56  ? 12  DT  B C6    1 
ATOM   1144 P P     . DA  B 2 13  ? 12.335  -20.285 18.960  1.00 111.70 ? 13  DA  B P     1 
ATOM   1145 O OP1   . DA  B 2 13  ? 12.455  -20.639 20.391  1.00 92.30  ? 13  DA  B OP1   1 
ATOM   1146 O OP2   . DA  B 2 13  ? 13.299  -20.831 17.977  1.00 84.14  ? 13  DA  B OP2   1 
ATOM   1147 O "O5'" . DA  B 2 13  ? 10.866  -20.677 18.480  1.00 89.87  ? 13  DA  B "O5'" 1 
ATOM   1148 C "C5'" . DA  B 2 13  ? 10.375  -21.971 18.751  1.00 77.54  ? 13  DA  B "C5'" 1 
ATOM   1149 C "C4'" . DA  B 2 13  ? 8.865   -21.939 18.691  1.00 85.14  ? 13  DA  B "C4'" 1 
ATOM   1150 O "O4'" . DA  B 2 13  ? 8.451   -21.157 17.537  1.00 85.06  ? 13  DA  B "O4'" 1 
ATOM   1151 C "C3'" . DA  B 2 13  ? 8.226   -23.309 18.526  1.00 93.13  ? 13  DA  B "C3'" 1 
ATOM   1152 O "O3'" . DA  B 2 13  ? 6.972   -23.350 19.197  1.00 102.91 ? 13  DA  B "O3'" 1 
ATOM   1153 C "C2'" . DA  B 2 13  ? 8.063   -23.379 17.011  1.00 89.88  ? 13  DA  B "C2'" 1 
ATOM   1154 C "C1'" . DA  B 2 13  ? 7.626   -21.953 16.713  1.00 77.84  ? 13  DA  B "C1'" 1 
ATOM   1155 N N9    . DA  B 2 13  ? 7.800   -21.578 15.312  1.00 72.73  ? 13  DA  B N9    1 
ATOM   1156 C C8    . DA  B 2 13  ? 8.973   -21.324 14.656  1.00 68.72  ? 13  DA  B C8    1 
ATOM   1157 N N7    . DA  B 2 13  ? 8.818   -21.012 13.390  1.00 60.07  ? 13  DA  B N7    1 
ATOM   1158 C C5    . DA  B 2 13  ? 7.449   -21.065 13.200  1.00 57.11  ? 13  DA  B C5    1 
ATOM   1159 C C6    . DA  B 2 13  ? 6.638   -20.836 12.072  1.00 56.52  ? 13  DA  B C6    1 
ATOM   1160 N N6    . DA  B 2 13  ? 7.124   -20.495 10.878  1.00 59.54  ? 13  DA  B N6    1 
ATOM   1161 N N1    . DA  B 2 13  ? 5.303   -20.975 12.217  1.00 56.63  ? 13  DA  B N1    1 
ATOM   1162 C C2    . DA  B 2 13  ? 4.822   -21.318 13.418  1.00 68.73  ? 13  DA  B C2    1 
ATOM   1163 N N3    . DA  B 2 13  ? 5.485   -21.558 14.553  1.00 72.31  ? 13  DA  B N3    1 
ATOM   1164 C C4    . DA  B 2 13  ? 6.807   -21.413 14.373  1.00 68.18  ? 13  DA  B C4    1 
ATOM   1165 O "O5'" . DC  C 3 1   ? 3.015   -19.871 2.584   1.00 79.38  ? 14  DC  C "O5'" 1 
ATOM   1166 C "C5'" . DC  C 3 1   ? 2.065   -20.719 1.942   1.00 84.35  ? 14  DC  C "C5'" 1 
ATOM   1167 C "C4'" . DC  C 3 1   ? 1.509   -21.747 2.914   1.00 79.20  ? 14  DC  C "C4'" 1 
ATOM   1168 O "O4'" . DC  C 3 1   ? 2.554   -22.679 3.280   1.00 78.84  ? 14  DC  C "O4'" 1 
ATOM   1169 C "C3'" . DC  C 3 1   ? 1.010   -21.176 4.235   1.00 82.14  ? 14  DC  C "C3'" 1 
ATOM   1170 O "O3'" . DC  C 3 1   ? -0.362  -20.828 4.137   1.00 81.01  ? 14  DC  C "O3'" 1 
ATOM   1171 C "C2'" . DC  C 3 1   ? 1.205   -22.331 5.210   1.00 65.62  ? 14  DC  C "C2'" 1 
ATOM   1172 C "C1'" . DC  C 3 1   ? 2.435   -23.034 4.647   1.00 70.07  ? 14  DC  C "C1'" 1 
ATOM   1173 N N1    . DC  C 3 1   ? 3.703   -22.687 5.356   1.00 61.82  ? 14  DC  C N1    1 
ATOM   1174 C C2    . DC  C 3 1   ? 3.839   -22.993 6.716   1.00 58.95  ? 14  DC  C C2    1 
ATOM   1175 O O2    . DC  C 3 1   ? 2.898   -23.536 7.310   1.00 57.22  ? 14  DC  C O2    1 
ATOM   1176 N N3    . DC  C 3 1   ? 4.997   -22.678 7.348   1.00 50.19  ? 14  DC  C N3    1 
ATOM   1177 C C4    . DC  C 3 1   ? 5.986   -22.090 6.671   1.00 54.33  ? 14  DC  C C4    1 
ATOM   1178 N N4    . DC  C 3 1   ? 7.109   -21.797 7.336   1.00 49.34  ? 14  DC  C N4    1 
ATOM   1179 C C5    . DC  C 3 1   ? 5.868   -21.777 5.284   1.00 50.70  ? 14  DC  C C5    1 
ATOM   1180 C C6    . DC  C 3 1   ? 4.721   -22.089 4.671   1.00 51.74  ? 14  DC  C C6    1 
ATOM   1181 P P     . DT  C 3 2   ? -0.936  -19.578 4.963   1.00 83.30  ? 15  DT  C P     1 
ATOM   1182 O OP1   . DT  C 3 2   ? -2.299  -19.294 4.467   1.00 81.71  ? 15  DT  C OP1   1 
ATOM   1183 O OP2   . DT  C 3 2   ? 0.097   -18.519 4.957   1.00 72.67  ? 15  DT  C OP2   1 
ATOM   1184 O "O5'" . DT  C 3 2   ? -1.057  -20.134 6.460   1.00 72.09  ? 15  DT  C "O5'" 1 
ATOM   1185 C "C5'" . DT  C 3 2   ? -2.024  -21.136 6.761   1.00 77.58  ? 15  DT  C "C5'" 1 
ATOM   1186 C "C4'" . DT  C 3 2   ? -1.980  -21.506 8.231   1.00 84.08  ? 15  DT  C "C4'" 1 
ATOM   1187 O "O4'" . DT  C 3 2   ? -0.610  -21.830 8.592   1.00 84.54  ? 15  DT  C "O4'" 1 
ATOM   1188 C "C3'" . DT  C 3 2   ? -2.388  -20.390 9.181   1.00 82.55  ? 15  DT  C "C3'" 1 
ATOM   1189 O "O3'" . DT  C 3 2   ? -2.890  -20.926 10.404  1.00 98.94  ? 15  DT  C "O3'" 1 
ATOM   1190 C "C2'" . DT  C 3 2   ? -1.052  -19.696 9.398   1.00 76.54  ? 15  DT  C "C2'" 1 
ATOM   1191 C "C1'" . DT  C 3 2   ? -0.166  -20.920 9.579   1.00 72.08  ? 15  DT  C "C1'" 1 
ATOM   1192 N N1    . DT  C 3 2   ? 1.279   -20.623 9.383   1.00 68.37  ? 15  DT  C N1    1 
ATOM   1193 C C2    . DT  C 3 2   ? 2.160   -20.806 10.429  1.00 67.70  ? 15  DT  C C2    1 
ATOM   1194 O O2    . DT  C 3 2   ? 1.827   -21.213 11.529  1.00 74.68  ? 15  DT  C O2    1 
ATOM   1195 N N3    . DT  C 3 2   ? 3.463   -20.493 10.138  1.00 62.74  ? 15  DT  C N3    1 
ATOM   1196 C C4    . DT  C 3 2   ? 3.958   -20.023 8.935   1.00 62.24  ? 15  DT  C C4    1 
ATOM   1197 O O4    . DT  C 3 2   ? 5.149   -19.770 8.771   1.00 56.99  ? 15  DT  C O4    1 
ATOM   1198 C C5    . DT  C 3 2   ? 2.979   -19.853 7.887   1.00 54.64  ? 15  DT  C C5    1 
ATOM   1199 C C7    . DT  C 3 2   ? 3.392   -19.349 6.536   1.00 54.95  ? 15  DT  C C7    1 
ATOM   1200 C C6    . DT  C 3 2   ? 1.705   -20.153 8.158   1.00 59.87  ? 15  DT  C C6    1 
ATOM   1201 P P     . DA  C 3 3   ? -3.678  -19.979 11.440  1.00 123.06 ? 16  DA  C P     1 
ATOM   1202 O OP1   . DA  C 3 3   ? -4.357  -20.850 12.426  1.00 117.34 ? 16  DA  C OP1   1 
ATOM   1203 O OP2   . DA  C 3 3   ? -4.462  -18.999 10.656  1.00 86.37  ? 16  DA  C OP2   1 
ATOM   1204 O "O5'" . DA  C 3 3   ? -2.510  -19.189 12.189  1.00 83.91  ? 16  DA  C "O5'" 1 
ATOM   1205 C "C5'" . DA  C 3 3   ? -1.374  -19.917 12.619  1.00 87.32  ? 16  DA  C "C5'" 1 
ATOM   1206 C "C4'" . DA  C 3 3   ? -1.257  -19.882 14.123  1.00 93.32  ? 16  DA  C "C4'" 1 
ATOM   1207 O "O4'" . DA  C 3 3   ? 0.139   -19.782 14.479  1.00 101.42 ? 16  DA  C "O4'" 1 
ATOM   1208 C "C3'" . DA  C 3 3   ? -1.867  -18.650 14.757  1.00 93.80  ? 16  DA  C "C3'" 1 
ATOM   1209 O "O3'" . DA  C 3 3   ? -2.048  -18.904 16.135  1.00 96.02  ? 16  DA  C "O3'" 1 
ATOM   1210 C "C2'" . DA  C 3 3   ? -0.792  -17.598 14.510  1.00 87.84  ? 16  DA  C "C2'" 1 
ATOM   1211 C "C1'" . DA  C 3 3   ? 0.498   -18.414 14.544  1.00 87.45  ? 16  DA  C "C1'" 1 
ATOM   1212 N N9    . DA  C 3 3   ? 1.399   -18.119 13.431  1.00 74.25  ? 16  DA  C N9    1 
ATOM   1213 C C8    . DA  C 3 3   ? 1.069   -17.914 12.119  1.00 68.15  ? 16  DA  C C8    1 
ATOM   1214 N N7    . DA  C 3 3   ? 2.102   -17.672 11.345  1.00 63.02  ? 16  DA  C N7    1 
ATOM   1215 C C5    . DA  C 3 3   ? 3.186   -17.723 12.209  1.00 63.31  ? 16  DA  C C5    1 
ATOM   1216 C C6    . DA  C 3 3   ? 4.574   -17.553 12.018  1.00 61.11  ? 16  DA  C C6    1 
ATOM   1217 N N6    . DA  C 3 3   ? 5.141   -17.282 10.836  1.00 59.66  ? 16  DA  C N6    1 
ATOM   1218 N N1    . DA  C 3 3   ? 5.371   -17.672 13.101  1.00 59.78  ? 16  DA  C N1    1 
ATOM   1219 C C2    . DA  C 3 3   ? 4.820   -17.944 14.288  1.00 68.53  ? 16  DA  C C2    1 
ATOM   1220 N N3    . DA  C 3 3   ? 3.534   -18.123 14.590  1.00 69.62  ? 16  DA  C N3    1 
ATOM   1221 C C4    . DA  C 3 3   ? 2.766   -17.999 13.496  1.00 65.29  ? 16  DA  C C4    1 
ATOM   1222 P P     . DC  C 3 4   ? -2.748  -17.806 17.071  1.00 108.75 ? 17  DC  C P     1 
ATOM   1223 O OP1   . DC  C 3 4   ? -3.484  -18.522 18.135  1.00 96.42  ? 17  DC  C OP1   1 
ATOM   1224 O OP2   . DC  C 3 4   ? -3.452  -16.841 16.194  1.00 94.21  ? 17  DC  C OP2   1 
ATOM   1225 O "O5'" . DC  C 3 4   ? -1.514  -17.047 17.742  1.00 93.08  ? 17  DC  C "O5'" 1 
ATOM   1226 C "C5'" . DC  C 3 4   ? -0.719  -17.745 18.684  1.00 90.52  ? 17  DC  C "C5'" 1 
ATOM   1227 C "C4'" . DC  C 3 4   ? 0.615   -17.052 18.840  1.00 80.68  ? 17  DC  C "C4'" 1 
ATOM   1228 O "O4'" . DC  C 3 4   ? 1.284   -17.046 17.563  1.00 79.71  ? 17  DC  C "O4'" 1 
ATOM   1229 C "C3'" . DC  C 3 4   ? 0.523   -15.576 19.197  1.00 90.25  ? 17  DC  C "C3'" 1 
ATOM   1230 O "O3'" . DC  C 3 4   ? 0.403   -15.427 20.622  1.00 91.39  ? 17  DC  C "O3'" 1 
ATOM   1231 C "C2'" . DC  C 3 4   ? 1.816   -15.005 18.608  1.00 92.96  ? 17  DC  C "C2'" 1 
ATOM   1232 C "C1'" . DC  C 3 4   ? 2.313   -16.085 17.647  1.00 81.56  ? 17  DC  C "C1'" 1 
ATOM   1233 N N1    . DC  C 3 4   ? 2.623   -15.600 16.272  1.00 75.13  ? 17  DC  C N1    1 
ATOM   1234 C C2    . DC  C 3 4   ? 3.945   -15.303 15.926  1.00 68.58  ? 17  DC  C C2    1 
ATOM   1235 O O2    . DC  C 3 4   ? 4.839   -15.450 16.769  1.00 74.08  ? 17  DC  C O2    1 
ATOM   1236 N N3    . DC  C 3 4   ? 4.212   -14.865 14.672  1.00 57.42  ? 17  DC  C N3    1 
ATOM   1237 C C4    . DC  C 3 4   ? 3.220   -14.723 13.793  1.00 59.64  ? 17  DC  C C4    1 
ATOM   1238 N N4    . DC  C 3 4   ? 3.539   -14.288 12.572  1.00 58.65  ? 17  DC  C N4    1 
ATOM   1239 C C5    . DC  C 3 4   ? 1.865   -15.019 14.124  1.00 59.15  ? 17  DC  C C5    1 
ATOM   1240 C C6    . DC  C 3 4   ? 1.616   -15.450 15.364  1.00 67.97  ? 17  DC  C C6    1 
ATOM   1241 P P     . DT  C 3 5   ? 1.510   -14.610 21.459  1.00 117.62 ? 18  DT  C P     1 
ATOM   1242 O OP1   . DT  C 3 5   ? 1.152   -14.700 22.892  1.00 113.11 ? 18  DT  C OP1   1 
ATOM   1243 O OP2   . DT  C 3 5   ? 1.660   -13.273 20.840  1.00 100.86 ? 18  DT  C OP2   1 
ATOM   1244 O "O5'" . DT  C 3 5   ? 2.860   -15.436 21.210  1.00 101.84 ? 18  DT  C "O5'" 1 
ATOM   1245 C "C5'" . DT  C 3 5   ? 3.980   -15.303 22.087  1.00 100.19 ? 18  DT  C "C5'" 1 
ATOM   1246 C "C4'" . DT  C 3 5   ? 4.937   -14.187 21.687  1.00 96.47  ? 18  DT  C "C4'" 1 
ATOM   1247 O "O4'" . DT  C 3 5   ? 4.946   -13.976 20.252  1.00 92.47  ? 18  DT  C "O4'" 1 
ATOM   1248 C "C3'" . DT  C 3 5   ? 4.649   -12.818 22.302  1.00 92.88  ? 18  DT  C "C3'" 1 
ATOM   1249 O "O3'" . DT  C 3 5   ? 5.623   -12.564 23.322  1.00 99.71  ? 18  DT  C "O3'" 1 
ATOM   1250 C "C2'" . DT  C 3 5   ? 4.733   -11.841 21.124  1.00 97.05  ? 18  DT  C "C2'" 1 
ATOM   1251 C "C1'" . DT  C 3 5   ? 5.410   -12.661 20.032  1.00 89.40  ? 18  DT  C "C1'" 1 
ATOM   1252 N N1    . DT  C 3 5   ? 5.070   -12.258 18.630  1.00 79.21  ? 18  DT  C N1    1 
ATOM   1253 C C2    . DT  C 3 5   ? 6.066   -11.807 17.787  1.00 77.90  ? 18  DT  C C2    1 
ATOM   1254 O O2    . DT  C 3 5   ? 7.234   -11.704 18.119  1.00 79.18  ? 18  DT  C O2    1 
ATOM   1255 N N3    . DT  C 3 5   ? 5.641   -11.473 16.526  1.00 71.55  ? 18  DT  C N3    1 
ATOM   1256 C C4    . DT  C 3 5   ? 4.350   -11.544 16.032  1.00 67.05  ? 18  DT  C C4    1 
ATOM   1257 O O4    . DT  C 3 5   ? 4.060   -11.223 14.883  1.00 59.15  ? 18  DT  C O4    1 
ATOM   1258 C C5    . DT  C 3 5   ? 3.363   -12.023 16.964  1.00 69.02  ? 18  DT  C C5    1 
ATOM   1259 C C7    . DT  C 3 5   ? 1.931   -12.140 16.536  1.00 67.54  ? 18  DT  C C7    1 
ATOM   1260 C C6    . DT  C 3 5   ? 3.762   -12.353 18.199  1.00 73.07  ? 18  DT  C C6    1 
ATOM   1261 P P     . DA  C 3 6   ? 6.196   -11.079 23.554  1.00 122.66 ? 19  DA  C P     1 
ATOM   1262 O OP1   . DA  C 3 6   ? 6.994   -11.087 24.800  1.00 108.42 ? 19  DA  C OP1   1 
ATOM   1263 O OP2   . DA  C 3 6   ? 5.071   -10.126 23.416  1.00 102.04 ? 19  DA  C OP2   1 
ATOM   1264 O "O5'" . DA  C 3 6   ? 7.187   -10.862 22.318  1.00 107.28 ? 19  DA  C "O5'" 1 
ATOM   1265 C "C5'" . DA  C 3 6   ? 8.504   -11.399 22.342  1.00 102.67 ? 19  DA  C "C5'" 1 
ATOM   1266 C "C4'" . DA  C 3 6   ? 9.515   -10.335 21.949  1.00 104.33 ? 19  DA  C "C4'" 1 
ATOM   1267 O "O4'" . DA  C 3 6   ? 9.167   -9.784  20.653  1.00 98.35  ? 19  DA  C "O4'" 1 
ATOM   1268 C "C3'" . DA  C 3 6   ? 9.599   -9.127  22.872  1.00 90.45  ? 19  DA  C "C3'" 1 
ATOM   1269 O "O3'" . DA  C 3 6   ? 10.910  -8.580  22.779  1.00 91.95  ? 19  DA  C "O3'" 1 
ATOM   1270 C "C2'" . DA  C 3 6   ? 8.534   -8.200  22.292  1.00 83.54  ? 19  DA  C "C2'" 1 
ATOM   1271 C "C1'" . DA  C 3 6   ? 8.639   -8.477  20.795  1.00 84.44  ? 19  DA  C "C1'" 1 
ATOM   1272 N N9    . DA  C 3 6   ? 7.353   -8.445  20.103  1.00 80.73  ? 19  DA  C N9    1 
ATOM   1273 C C8    . DA  C 3 6   ? 6.115   -8.625  20.652  1.00 82.46  ? 19  DA  C C8    1 
ATOM   1274 N N7    . DA  C 3 6   ? 5.131   -8.549  19.785  1.00 81.39  ? 19  DA  C N7    1 
ATOM   1275 C C5    . DA  C 3 6   ? 5.769   -8.305  18.580  1.00 73.44  ? 19  DA  C C5    1 
ATOM   1276 C C6    . DA  C 3 6   ? 5.283   -8.122  17.271  1.00 65.44  ? 19  DA  C C6    1 
ATOM   1277 N N6    . DA  C 3 6   ? 3.986   -8.158  16.949  1.00 59.47  ? 19  DA  C N6    1 
ATOM   1278 N N1    . DA  C 3 6   ? 6.187   -7.894  16.295  1.00 66.69  ? 19  DA  C N1    1 
ATOM   1279 C C2    . DA  C 3 6   ? 7.486   -7.855  16.616  1.00 66.41  ? 19  DA  C C2    1 
ATOM   1280 N N3    . DA  C 3 6   ? 8.061   -8.014  17.808  1.00 70.99  ? 19  DA  C N3    1 
ATOM   1281 C C4    . DA  C 3 6   ? 7.139   -8.238  18.757  1.00 77.96  ? 19  DA  C C4    1 
ATOM   1282 P P     . DG  C 3 7   ? 11.208  -7.084  23.285  1.00 109.15 ? 20  DG  C P     1 
ATOM   1283 O OP1   . DG  C 3 7   ? 12.630  -7.017  23.691  1.00 89.91  ? 20  DG  C OP1   1 
ATOM   1284 O OP2   . DG  C 3 7   ? 10.150  -6.708  24.250  1.00 98.08  ? 20  DG  C OP2   1 
ATOM   1285 O "O5'" . DG  C 3 7   ? 11.011  -6.194  21.969  1.00 101.39 ? 20  DG  C "O5'" 1 
ATOM   1286 C "C5'" . DG  C 3 7   ? 11.871  -6.388  20.847  1.00 89.24  ? 20  DG  C "C5'" 1 
ATOM   1287 C "C4'" . DG  C 3 7   ? 11.673  -5.298  19.806  1.00 81.64  ? 20  DG  C "C4'" 1 
ATOM   1288 O "O4'" . DG  C 3 7   ? 10.412  -5.489  19.111  1.00 78.58  ? 20  DG  C "O4'" 1 
ATOM   1289 C "C3'" . DG  C 3 7   ? 11.644  -3.878  20.366  1.00 69.06  ? 20  DG  C "C3'" 1 
ATOM   1290 O "O3'" . DG  C 3 7   ? 12.423  -3.031  19.530  1.00 71.79  ? 20  DG  C "O3'" 1 
ATOM   1291 C "C2'" . DG  C 3 7   ? 10.163  -3.514  20.321  1.00 68.53  ? 20  DG  C "C2'" 1 
ATOM   1292 C "C1'" . DG  C 3 7   ? 9.730   -4.251  19.061  1.00 71.74  ? 20  DG  C "C1'" 1 
ATOM   1293 N N9    . DG  C 3 7   ? 8.292   -4.497  18.990  1.00 64.38  ? 20  DG  C N9    1 
ATOM   1294 C C8    . DG  C 3 7   ? 7.434   -4.705  20.043  1.00 67.05  ? 20  DG  C C8    1 
ATOM   1295 N N7    . DG  C 3 7   ? 6.196   -4.900  19.678  1.00 65.21  ? 20  DG  C N7    1 
ATOM   1296 C C5    . DG  C 3 7   ? 6.235   -4.815  18.293  1.00 56.23  ? 20  DG  C C5    1 
ATOM   1297 C C6    . DG  C 3 7   ? 5.194   -4.941  17.345  1.00 57.50  ? 20  DG  C C6    1 
ATOM   1298 O O6    . DG  C 3 7   ? 3.994   -5.162  17.549  1.00 64.83  ? 20  DG  C O6    1 
ATOM   1299 N N1    . DG  C 3 7   ? 5.658   -4.786  16.044  1.00 52.55  ? 20  DG  C N1    1 
ATOM   1300 C C2    . DG  C 3 7   ? 6.964   -4.538  15.700  1.00 56.66  ? 20  DG  C C2    1 
ATOM   1301 N N2    . DG  C 3 7   ? 7.216   -4.419  14.387  1.00 54.55  ? 20  DG  C N2    1 
ATOM   1302 N N3    . DG  C 3 7   ? 7.953   -4.417  16.578  1.00 60.75  ? 20  DG  C N3    1 
ATOM   1303 C C4    . DG  C 3 7   ? 7.515   -4.566  17.852  1.00 61.45  ? 20  DG  C C4    1 
ATOM   1304 P P     . DC  C 3 8   ? 12.420  -1.440  19.759  1.00 88.32  ? 21  DC  C P     1 
ATOM   1305 O OP1   . DC  C 3 8   ? 13.666  -0.895  19.176  1.00 74.19  ? 21  DC  C OP1   1 
ATOM   1306 O OP2   . DC  C 3 8   ? 12.103  -1.178  21.181  1.00 62.08  ? 21  DC  C OP2   1 
ATOM   1307 O "O5'" . DC  C 3 8   ? 11.191  -0.938  18.869  1.00 71.71  ? 21  DC  C "O5'" 1 
ATOM   1308 C "C5'" . DC  C 3 8   ? 11.241  -1.096  17.458  1.00 58.18  ? 21  DC  C "C5'" 1 
ATOM   1309 C "C4'" . DC  C 3 8   ? 9.958   -0.583  16.839  1.00 57.83  ? 21  DC  C "C4'" 1 
ATOM   1310 O "O4'" . DC  C 3 8   ? 8.862   -1.443  17.217  1.00 65.65  ? 21  DC  C "O4'" 1 
ATOM   1311 C "C3'" . DC  C 3 8   ? 9.551   0.792   17.329  1.00 64.32  ? 21  DC  C "C3'" 1 
ATOM   1312 O "O3'" . DC  C 3 8   ? 10.147  1.761   16.486  1.00 60.82  ? 21  DC  C "O3'" 1 
ATOM   1313 C "C2'" . DC  C 3 8   ? 8.029   0.781   17.200  1.00 63.37  ? 21  DC  C "C2'" 1 
ATOM   1314 C "C1'" . DC  C 3 8   ? 7.665   -0.701  17.291  1.00 52.33  ? 21  DC  C "C1'" 1 
ATOM   1315 N N1    . DC  C 3 8   ? 7.000   -1.100  18.551  1.00 54.59  ? 21  DC  C N1    1 
ATOM   1316 C C2    . DC  C 3 8   ? 5.696   -1.599  18.499  1.00 60.36  ? 21  DC  C C2    1 
ATOM   1317 O O2    . DC  C 3 8   ? 5.130   -1.682  17.402  1.00 56.01  ? 21  DC  C O2    1 
ATOM   1318 N N3    . DC  C 3 8   ? 5.093   -1.975  19.657  1.00 72.12  ? 21  DC  C N3    1 
ATOM   1319 C C4    . DC  C 3 8   ? 5.747   -1.865  20.818  1.00 67.63  ? 21  DC  C C4    1 
ATOM   1320 N N4    . DC  C 3 8   ? 5.109   -2.246  21.929  1.00 74.52  ? 21  DC  C N4    1 
ATOM   1321 C C5    . DC  C 3 8   ? 7.080   -1.358  20.889  1.00 61.64  ? 21  DC  C C5    1 
ATOM   1322 C C6    . DC  C 3 8   ? 7.661   -0.994  19.740  1.00 68.02  ? 21  DC  C C6    1 
ATOM   1323 P P     . DC  C 3 9   ? 10.469  3.228   17.049  1.00 66.03  ? 22  DC  C P     1 
ATOM   1324 O OP1   . DC  C 3 9   ? 11.388  3.890   16.096  1.00 56.04  ? 22  DC  C OP1   1 
ATOM   1325 O OP2   . DC  C 3 9   ? 10.844  3.097   18.473  1.00 60.15  ? 22  DC  C OP2   1 
ATOM   1326 O "O5'" . DC  C 3 9   ? 9.061   3.969   16.971  1.00 60.44  ? 22  DC  C "O5'" 1 
ATOM   1327 C "C5'" . DC  C 3 9   ? 8.457   4.115   15.701  1.00 59.20  ? 22  DC  C "C5'" 1 
ATOM   1328 C "C4'" . DC  C 3 9   ? 7.090   4.744   15.862  1.00 58.79  ? 22  DC  C "C4'" 1 
ATOM   1329 O "O4'" . DC  C 3 9   ? 6.119   3.734   16.239  1.00 58.51  ? 22  DC  C "O4'" 1 
ATOM   1330 C "C3'" . DC  C 3 9   ? 7.020   5.817   16.940  1.00 58.80  ? 22  DC  C "C3'" 1 
ATOM   1331 O "O3'" . DC  C 3 9   ? 6.268   6.898   16.420  1.00 67.01  ? 22  DC  C "O3'" 1 
ATOM   1332 C "C2'" . DC  C 3 9   ? 6.287   5.109   18.078  1.00 49.28  ? 22  DC  C "C2'" 1 
ATOM   1333 C "C1'" . DC  C 3 9   ? 5.309   4.283   17.255  1.00 57.59  ? 22  DC  C "C1'" 1 
ATOM   1334 N N1    . DC  C 3 9   ? 4.634   3.187   17.999  1.00 53.79  ? 22  DC  C N1    1 
ATOM   1335 C C2    . DC  C 3 9   ? 3.420   2.688   17.517  1.00 51.18  ? 22  DC  C C2    1 
ATOM   1336 O O2    . DC  C 3 9   ? 2.942   3.169   16.483  1.00 51.76  ? 22  DC  C O2    1 
ATOM   1337 N N3    . DC  C 3 9   ? 2.802   1.691   18.197  1.00 55.63  ? 22  DC  C N3    1 
ATOM   1338 C C4    . DC  C 3 9   ? 3.351   1.201   19.312  1.00 65.83  ? 22  DC  C C4    1 
ATOM   1339 N N4    . DC  C 3 9   ? 2.702   0.215   19.949  1.00 64.55  ? 22  DC  C N4    1 
ATOM   1340 C C5    . DC  C 3 9   ? 4.591   1.699   19.820  1.00 57.06  ? 22  DC  C C5    1 
ATOM   1341 C C6    . DC  C 3 9   ? 5.190   2.684   19.138  1.00 62.07  ? 22  DC  C C6    1 
ATOM   1342 P P     . DA  C 3 10  ? 6.388   8.360   17.076  1.00 65.52  ? 23  DA  C P     1 
ATOM   1343 O OP1   . DA  C 3 10  ? 7.573   9.024   16.499  1.00 57.75  ? 23  DA  C OP1   1 
ATOM   1344 O OP2   . DA  C 3 10  ? 6.268   8.213   18.544  1.00 57.04  ? 23  DA  C OP2   1 
ATOM   1345 O "O5'" . DA  C 3 10  ? 5.085   9.112   16.540  1.00 58.42  ? 23  DA  C "O5'" 1 
ATOM   1346 C "C5'" . DA  C 3 10  ? 4.885   9.236   15.149  1.00 52.74  ? 23  DA  C "C5'" 1 
ATOM   1347 C "C4'" . DA  C 3 10  ? 3.422   8.999   14.864  1.00 52.12  ? 23  DA  C "C4'" 1 
ATOM   1348 O "O4'" . DA  C 3 10  ? 3.041   7.748   15.487  1.00 70.84  ? 23  DA  C "O4'" 1 
ATOM   1349 C "C3'" . DA  C 3 10  ? 2.498   10.054  15.453  1.00 54.64  ? 23  DA  C "C3'" 1 
ATOM   1350 O "O3'" . DA  C 3 10  ? 1.518   10.398  14.490  1.00 65.34  ? 23  DA  C "O3'" 1 
ATOM   1351 C "C2'" . DA  C 3 10  ? 1.875   9.376   16.671  1.00 52.54  ? 23  DA  C "C2'" 1 
ATOM   1352 C "C1'" . DA  C 3 10  ? 1.851   7.924   16.226  1.00 55.08  ? 23  DA  C "C1'" 1 
ATOM   1353 N N9    . DA  C 3 10  ? 1.862   6.973   17.330  1.00 52.11  ? 23  DA  C N9    1 
ATOM   1354 C C8    . DA  C 3 10  ? 2.868   6.772   18.235  1.00 53.84  ? 23  DA  C C8    1 
ATOM   1355 N N7    . DA  C 3 10  ? 2.598   5.843   19.124  1.00 47.04  ? 23  DA  C N7    1 
ATOM   1356 C C5    . DA  C 3 10  ? 1.329   5.406   18.773  1.00 44.92  ? 23  DA  C C5    1 
ATOM   1357 C C6    . DA  C 3 10  ? 0.474   4.427   19.320  1.00 52.10  ? 23  DA  C C6    1 
ATOM   1358 N N6    . DA  C 3 10  ? 0.790   3.682   20.388  1.00 53.84  ? 23  DA  C N6    1 
ATOM   1359 N N1    . DA  C 3 10  ? -0.722  4.241   18.725  1.00 50.03  ? 23  DA  C N1    1 
ATOM   1360 C C2    . DA  C 3 10  ? -1.039  4.982   17.658  1.00 44.13  ? 23  DA  C C2    1 
ATOM   1361 N N3    . DA  C 3 10  ? -0.322  5.928   17.056  1.00 52.78  ? 23  DA  C N3    1 
ATOM   1362 C C4    . DA  C 3 10  ? 0.862   6.091   17.668  1.00 45.58  ? 23  DA  C C4    1 
ATOM   1363 P P     . DT  C 3 11  ? 0.654   11.740  14.663  1.00 67.06  ? 24  DT  C P     1 
ATOM   1364 O OP1   . DT  C 3 11  ? 0.261   12.210  13.315  1.00 65.45  ? 24  DT  C OP1   1 
ATOM   1365 O OP2   . DT  C 3 11  ? 1.393   12.646  15.578  1.00 50.83  ? 24  DT  C OP2   1 
ATOM   1366 O "O5'" . DT  C 3 11  ? -0.659  11.232  15.402  1.00 54.18  ? 24  DT  C "O5'" 1 
ATOM   1367 C "C5'" . DT  C 3 11  ? -1.521  10.361  14.706  1.00 57.79  ? 24  DT  C "C5'" 1 
ATOM   1368 C "C4'" . DT  C 3 11  ? -2.589  9.859   15.651  1.00 64.15  ? 24  DT  C "C4'" 1 
ATOM   1369 O "O4'" . DT  C 3 11  ? -1.993  8.973   16.618  1.00 59.76  ? 24  DT  C "O4'" 1 
ATOM   1370 C "C3'" . DT  C 3 11  ? -3.257  10.956  16.470  1.00 69.89  ? 24  DT  C "C3'" 1 
ATOM   1371 O "O3'" . DT  C 3 11  ? -4.565  11.169  15.953  1.00 82.70  ? 24  DT  C "O3'" 1 
ATOM   1372 C "C2'" . DT  C 3 11  ? -3.267  10.432  17.908  1.00 63.67  ? 24  DT  C "C2'" 1 
ATOM   1373 C "C1'" . DT  C 3 11  ? -2.833  8.980   17.744  1.00 58.51  ? 24  DT  C "C1'" 1 
ATOM   1374 N N1    . DT  C 3 11  ? -2.040  8.436   18.863  1.00 49.30  ? 24  DT  C N1    1 
ATOM   1375 C C2    . DT  C 3 11  ? -2.545  7.373   19.569  1.00 53.60  ? 24  DT  C C2    1 
ATOM   1376 O O2    . DT  C 3 11  ? -3.625  6.867   19.317  1.00 59.94  ? 24  DT  C O2    1 
ATOM   1377 N N3    . DT  C 3 11  ? -1.733  6.930   20.583  1.00 46.66  ? 24  DT  C N3    1 
ATOM   1378 C C4    . DT  C 3 11  ? -0.496  7.437   20.941  1.00 49.87  ? 24  DT  C C4    1 
ATOM   1379 O O4    . DT  C 3 11  ? 0.158   6.964   21.870  1.00 52.03  ? 24  DT  C O4    1 
ATOM   1380 C C5    . DT  C 3 11  ? -0.029  8.552   20.150  1.00 44.35  ? 24  DT  C C5    1 
ATOM   1381 C C7    . DT  C 3 11  ? 1.300   9.187   20.437  1.00 34.74  ? 24  DT  C C7    1 
ATOM   1382 C C6    . DT  C 3 11  ? -0.811  8.991   19.158  1.00 47.49  ? 24  DT  C C6    1 
ATOM   1383 P P     . DG  C 3 12  ? -5.389  12.486  16.356  1.00 91.70  ? 25  DG  C P     1 
ATOM   1384 O OP1   . DG  C 3 12  ? -6.363  12.766  15.275  1.00 76.84  ? 25  DG  C OP1   1 
ATOM   1385 O OP2   . DG  C 3 12  ? -4.417  13.524  16.771  1.00 79.99  ? 25  DG  C OP2   1 
ATOM   1386 O "O5'" . DG  C 3 12  ? -6.194  12.032  17.650  1.00 77.16  ? 25  DG  C "O5'" 1 
ATOM   1387 C "C5'" . DG  C 3 12  ? -7.010  10.877  17.565  1.00 79.90  ? 25  DG  C "C5'" 1 
ATOM   1388 C "C4'" . DG  C 3 12  ? -7.341  10.392  18.959  1.00 80.44  ? 25  DG  C "C4'" 1 
ATOM   1389 O "O4'" . DG  C 3 12  ? -6.166  9.788   19.561  1.00 74.78  ? 25  DG  C "O4'" 1 
ATOM   1390 C "C3'" . DG  C 3 12  ? -7.774  11.501  19.911  1.00 79.56  ? 25  DG  C "C3'" 1 
ATOM   1391 O "O3'" . DG  C 3 12  ? -8.872  11.046  20.673  1.00 82.31  ? 25  DG  C "O3'" 1 
ATOM   1392 C "C2'" . DG  C 3 12  ? -6.545  11.696  20.793  1.00 74.19  ? 25  DG  C "C2'" 1 
ATOM   1393 C "C1'" . DG  C 3 12  ? -6.117  10.242  20.893  1.00 67.19  ? 25  DG  C "C1'" 1 
ATOM   1394 N N9    . DG  C 3 12  ? -4.798  10.031  21.484  1.00 67.68  ? 25  DG  C N9    1 
ATOM   1395 C C8    . DG  C 3 12  ? -3.630  10.730  21.289  1.00 65.73  ? 25  DG  C C8    1 
ATOM   1396 N N7    . DG  C 3 12  ? -2.631  10.270  21.999  1.00 60.07  ? 25  DG  C N7    1 
ATOM   1397 C C5    . DG  C 3 12  ? -3.178  9.203   22.707  1.00 54.36  ? 25  DG  C C5    1 
ATOM   1398 C C6    . DG  C 3 12  ? -2.592  8.316   23.638  1.00 57.57  ? 25  DG  C C6    1 
ATOM   1399 O O6    . DG  C 3 12  ? -1.420  8.288   24.044  1.00 57.43  ? 25  DG  C O6    1 
ATOM   1400 N N1    . DG  C 3 12  ? -3.518  7.386   24.112  1.00 55.92  ? 25  DG  C N1    1 
ATOM   1401 C C2    . DG  C 3 12  ? -4.842  7.322   23.735  1.00 66.36  ? 25  DG  C C2    1 
ATOM   1402 N N2    . DG  C 3 12  ? -5.594  6.361   24.293  1.00 65.42  ? 25  DG  C N2    1 
ATOM   1403 N N3    . DG  C 3 12  ? -5.402  8.145   22.863  1.00 59.59  ? 25  DG  C N3    1 
ATOM   1404 C C4    . DG  C 3 12  ? -4.509  9.051   22.398  1.00 53.36  ? 25  DG  C C4    1 
ATOM   1405 P P     . DG  C 3 13  ? -9.972  12.086  21.208  1.00 91.52  ? 26  DG  C P     1 
ATOM   1406 O OP1   . DG  C 3 13  ? -10.989 12.259  20.146  1.00 85.23  ? 26  DG  C OP1   1 
ATOM   1407 O OP2   . DG  C 3 13  ? -9.260  13.270  21.739  1.00 80.78  ? 26  DG  C OP2   1 
ATOM   1408 O "O5'" . DG  C 3 13  ? -10.629 11.323  22.449  1.00 72.15  ? 26  DG  C "O5'" 1 
ATOM   1409 C "C5'" . DG  C 3 13  ? -11.057 9.974   22.296  1.00 75.03  ? 26  DG  C "C5'" 1 
ATOM   1410 C "C4'" . DG  C 3 13  ? -10.942 9.221   23.609  1.00 65.80  ? 26  DG  C "C4'" 1 
ATOM   1411 O "O4'" . DG  C 3 13  ? -9.543  8.966   23.896  1.00 77.24  ? 26  DG  C "O4'" 1 
ATOM   1412 C "C3'" . DG  C 3 13  ? -11.498 9.961   24.823  1.00 74.60  ? 26  DG  C "C3'" 1 
ATOM   1413 O "O3'" . DG  C 3 13  ? -12.183 9.049   25.678  1.00 80.59  ? 26  DG  C "O3'" 1 
ATOM   1414 C "C2'" . DG  C 3 13  ? -10.250 10.532  25.492  1.00 70.32  ? 26  DG  C "C2'" 1 
ATOM   1415 C "C1'" . DG  C 3 13  ? -9.225  9.446   25.188  1.00 69.53  ? 26  DG  C "C1'" 1 
ATOM   1416 N N9    . DG  C 3 13  ? -7.842  9.918   25.191  1.00 64.50  ? 26  DG  C N9    1 
ATOM   1417 C C8    . DG  C 3 13  ? -7.295  10.937  24.442  1.00 62.51  ? 26  DG  C C8    1 
ATOM   1418 N N7    . DG  C 3 13  ? -6.022  11.123  24.670  1.00 54.46  ? 26  DG  C N7    1 
ATOM   1419 C C5    . DG  C 3 13  ? -5.703  10.165  25.626  1.00 58.90  ? 26  DG  C C5    1 
ATOM   1420 C C6    . DG  C 3 13  ? -4.470  9.880   26.263  1.00 58.48  ? 26  DG  C C6    1 
ATOM   1421 O O6    . DG  C 3 13  ? -3.372  10.434  26.102  1.00 60.61  ? 26  DG  C O6    1 
ATOM   1422 N N1    . DG  C 3 13  ? -4.591  8.828   27.171  1.00 58.43  ? 26  DG  C N1    1 
ATOM   1423 C C2    . DG  C 3 13  ? -5.754  8.137   27.433  1.00 64.26  ? 26  DG  C C2    1 
ATOM   1424 N N2    . DG  C 3 13  ? -5.673  7.154   28.343  1.00 54.00  ? 26  DG  C N2    1 
ATOM   1425 N N3    . DG  C 3 13  ? -6.917  8.396   26.842  1.00 62.53  ? 26  DG  C N3    1 
ATOM   1426 C C4    . DG  C 3 13  ? -6.814  9.418   25.955  1.00 62.52  ? 26  DG  C C4    1 
# 
loop_
_pdbx_poly_seq_scheme.asym_id 
_pdbx_poly_seq_scheme.entity_id 
_pdbx_poly_seq_scheme.seq_id 
_pdbx_poly_seq_scheme.mon_id 
_pdbx_poly_seq_scheme.ndb_seq_num 
_pdbx_poly_seq_scheme.pdb_seq_num 
_pdbx_poly_seq_scheme.auth_seq_num 
_pdbx_poly_seq_scheme.pdb_mon_id 
_pdbx_poly_seq_scheme.auth_mon_id 
_pdbx_poly_seq_scheme.pdb_strand_id 
_pdbx_poly_seq_scheme.pdb_ins_code 
_pdbx_poly_seq_scheme.hetero 
A 1 1   MET 1   1   1   MET MET A . n 
A 1 2   ARG 2   2   2   ARG ARG A . n 
A 1 3   MET 3   3   3   MET MET A . n 
A 1 4   ASP 4   4   4   ASP ASP A . n 
A 1 5   GLU 5   5   5   GLU GLU A . n 
A 1 6   PHE 6   6   6   PHE PHE A . n 
A 1 7   TYR 7   7   7   TYR TYR A . n 
A 1 8   THR 8   8   8   THR THR A . n 
A 1 9   LYS 9   9   9   LYS LYS A . n 
A 1 10  VAL 10  10  10  VAL VAL A . n 
A 1 11  TYR 11  11  11  TYR TYR A . n 
A 1 12  ASP 12  12  12  ASP ASP A . n 
A 1 13  ALA 13  13  13  ALA ALA A . n 
A 1 14  VAL 14  14  14  VAL VAL A . n 
A 1 15  CYS 15  15  15  CYS CYS A . n 
A 1 16  GLU 16  16  16  GLU GLU A . n 
A 1 17  ILE 17  17  17  ILE ILE A . n 
A 1 18  PRO 18  18  18  PRO PRO A . n 
A 1 19  TYR 19  19  19  TYR TYR A . n 
A 1 20  GLY 20  20  20  GLY GLY A . n 
A 1 21  LYS 21  21  21  LYS LYS A . n 
A 1 22  VAL 22  22  22  VAL VAL A . n 
A 1 23  SER 23  23  23  SER SER A . n 
A 1 24  THR 24  24  24  THR THR A . n 
A 1 25  TYR 25  25  25  TYR TYR A . n 
A 1 26  GLY 26  26  26  GLY GLY A . n 
A 1 27  GLU 27  27  27  GLU GLU A . n 
A 1 28  ILE 28  28  28  ILE ILE A . n 
A 1 29  ALA 29  29  29  ALA ALA A . n 
A 1 30  ARG 30  30  30  ARG ARG A . n 
A 1 31  TYR 31  31  31  TYR TYR A . n 
A 1 32  VAL 32  32  32  VAL VAL A . n 
A 1 33  GLY 33  33  33  GLY GLY A . n 
A 1 34  MET 34  34  34  MET MET A . n 
A 1 35  PRO 35  35  35  PRO PRO A . n 
A 1 36  SER 36  36  36  SER SER A . n 
A 1 37  TYR 37  37  37  TYR TYR A . n 
A 1 38  ALA 38  38  38  ALA ALA A . n 
A 1 39  ARG 39  39  39  ARG ARG A . n 
A 1 40  GLN 40  40  40  GLN GLN A . n 
A 1 41  VAL 41  41  41  VAL VAL A . n 
A 1 42  GLY 42  42  42  GLY GLY A . n 
A 1 43  GLN 43  43  43  GLN GLN A . n 
A 1 44  ALA 44  44  44  ALA ALA A . n 
A 1 45  MET 45  45  45  MET MET A . n 
A 1 46  LYS 46  46  46  LYS LYS A . n 
A 1 47  HIS 47  47  47  HIS HIS A . n 
A 1 48  LEU 48  48  48  LEU LEU A . n 
A 1 49  HIS 49  49  49  HIS HIS A . n 
A 1 50  PRO 50  50  50  PRO PRO A . n 
A 1 51  GLU 51  51  51  GLU GLU A . n 
A 1 52  THR 52  52  52  THR THR A . n 
A 1 53  HIS 53  53  53  HIS HIS A . n 
A 1 54  VAL 54  54  54  VAL VAL A . n 
A 1 55  PRO 55  55  55  PRO PRO A . n 
A 1 56  TRP 56  56  56  TRP TRP A . n 
A 1 57  HIS 57  57  57  HIS HIS A . n 
A 1 58  ARG 58  58  58  ARG ARG A . n 
A 1 59  VAL 59  59  59  VAL VAL A . n 
A 1 60  ILE 60  60  60  ILE ILE A . n 
A 1 61  ASN 61  61  61  ASN ASN A . n 
A 1 62  SER 62  62  62  SER SER A . n 
A 1 63  ARG 63  63  63  ARG ARG A . n 
A 1 64  GLY 64  64  64  GLY GLY A . n 
A 1 65  THR 65  65  65  THR THR A . n 
A 1 66  ILE 66  66  66  ILE ILE A . n 
A 1 67  SER 67  67  67  SER SER A . n 
A 1 68  LYS 68  68  68  LYS LYS A . n 
A 1 69  ARG 69  69  69  ARG ARG A . n 
A 1 70  ASP 70  70  70  ASP ASP A . n 
A 1 71  ILE 71  71  71  ILE ILE A . n 
A 1 72  SER 72  72  72  SER SER A . n 
A 1 73  ALA 73  73  73  ALA ALA A . n 
A 1 74  GLY 74  74  74  GLY GLY A . n 
A 1 75  GLU 75  75  75  GLU GLU A . n 
A 1 76  GLN 76  76  76  GLN GLN A . n 
A 1 77  ARG 77  77  77  ARG ARG A . n 
A 1 78  GLN 78  78  78  GLN GLN A . n 
A 1 79  LYS 79  79  79  LYS LYS A . n 
A 1 80  ASP 80  80  80  ASP ASP A . n 
A 1 81  ARG 81  81  81  ARG ARG A . n 
A 1 82  LEU 82  82  82  LEU LEU A . n 
A 1 83  GLU 83  83  83  GLU GLU A . n 
A 1 84  GLU 84  84  84  GLU GLU A . n 
A 1 85  GLU 85  85  85  GLU GLU A . n 
A 1 86  GLY 86  86  86  GLY GLY A . n 
A 1 87  VAL 87  87  87  VAL VAL A . n 
A 1 88  GLU 88  88  88  GLU GLU A . n 
A 1 89  ILE 89  89  89  ILE ILE A . n 
A 1 90  TYR 90  90  90  TYR TYR A . n 
A 1 91  GLN 91  91  91  GLN GLN A . n 
A 1 92  THR 92  92  92  THR THR A . n 
A 1 93  SER 93  93  93  SER SER A . n 
A 1 94  LEU 94  94  94  LEU LEU A . n 
A 1 95  GLY 95  95  95  GLY GLY A . n 
A 1 96  GLU 96  96  96  GLU GLU A . n 
A 1 97  TYR 97  97  97  TYR TYR A . n 
A 1 98  LYS 98  98  98  LYS LYS A . n 
A 1 99  LEU 99  99  99  LEU LEU A . n 
A 1 100 ASN 100 100 100 ASN ASN A . n 
A 1 101 LEU 101 101 101 LEU LEU A . n 
A 1 102 PRO 102 102 102 PRO PRO A . n 
A 1 103 GLU 103 103 103 GLU GLU A . n 
A 1 104 TYR 104 104 104 TYR TYR A . n 
A 1 105 MET 105 105 105 MET MET A . n 
A 1 106 TRP 106 106 106 TRP TRP A . n 
A 1 107 LYS 107 107 107 LYS LYS A . n 
A 1 108 PRO 108 108 108 PRO PRO A . n 
A 1 109 GLY 109 109 ?   ?   ?   A . n 
A 1 110 SER 110 110 ?   ?   ?   A . n 
A 1 111 HIS 111 111 ?   ?   ?   A . n 
A 1 112 HIS 112 112 ?   ?   ?   A . n 
A 1 113 HIS 113 113 ?   ?   ?   A . n 
A 1 114 HIS 114 114 ?   ?   ?   A . n 
A 1 115 HIS 115 115 ?   ?   ?   A . n 
A 1 116 HIS 116 116 ?   ?   ?   A . n 
B 2 1   DG  1   1   1   DG  DG  B . n 
B 2 2   DC  2   2   2   DC  DC  B . n 
B 2 3   DC  3   3   3   DC  DC  B . n 
B 2 4   DA  4   4   4   DA  DA  B . n 
B 2 5   DT  5   5   5   DT  DT  B . n 
B 2 6   DG  6   6   6   DG  DG  B . n 
B 2 7   2PR 7   7   7   2PR 2PR B . n 
B 2 8   DC  8   8   8   DC  DC  B . n 
B 2 9   DT  9   9   9   DT  DT  B . n 
B 2 10  DA  10  10  10  DA  DA  B . n 
B 2 11  DG  11  11  11  DG  DG  B . n 
B 2 12  DT  12  12  12  DT  DT  B . n 
B 2 13  DA  13  13  13  DA  DA  B . n 
C 3 1   DC  1   14  14  DC  DC  C . n 
C 3 2   DT  2   15  15  DT  DT  C . n 
C 3 3   DA  3   16  16  DA  DA  C . n 
C 3 4   DC  4   17  17  DC  DC  C . n 
C 3 5   DT  5   18  18  DT  DT  C . n 
C 3 6   DA  6   19  19  DA  DA  C . n 
C 3 7   DG  7   20  20  DG  DG  C . n 
C 3 8   DC  8   21  21  DC  DC  C . n 
C 3 9   DC  9   22  22  DC  DC  C . n 
C 3 10  DA  10  23  23  DA  DA  C . n 
C 3 11  DT  11  24  24  DT  DT  C . n 
C 3 12  DG  12  25  25  DG  DG  C . n 
C 3 13  DG  13  26  26  DG  DG  C . n 
# 
_pdbx_struct_mod_residue.id               1 
_pdbx_struct_mod_residue.label_asym_id    B 
_pdbx_struct_mod_residue.label_comp_id    2PR 
_pdbx_struct_mod_residue.label_seq_id     7 
_pdbx_struct_mod_residue.auth_asym_id     B 
_pdbx_struct_mod_residue.auth_comp_id     2PR 
_pdbx_struct_mod_residue.auth_seq_id      7 
_pdbx_struct_mod_residue.PDB_ins_code     ? 
_pdbx_struct_mod_residue.parent_comp_id   DG 
_pdbx_struct_mod_residue.details          ? 
# 
_pdbx_struct_assembly.id                   1 
_pdbx_struct_assembly.details              author_and_software_defined_assembly 
_pdbx_struct_assembly.method_details       PISA 
_pdbx_struct_assembly.oligomeric_details   trimeric 
_pdbx_struct_assembly.oligomeric_count     3 
# 
_pdbx_struct_assembly_gen.assembly_id       1 
_pdbx_struct_assembly_gen.oper_expression   1 
_pdbx_struct_assembly_gen.asym_id_list      A,B,C 
# 
loop_
_pdbx_struct_assembly_prop.biol_id 
_pdbx_struct_assembly_prop.type 
_pdbx_struct_assembly_prop.value 
_pdbx_struct_assembly_prop.details 
1 'ABSA (A^2)' 3550 ? 
1 MORE         -10  ? 
1 'SSA (A^2)'  9490 ? 
# 
_pdbx_struct_oper_list.id                   1 
_pdbx_struct_oper_list.type                 'identity operation' 
_pdbx_struct_oper_list.name                 1_555 
_pdbx_struct_oper_list.symmetry_operation   x,y,z 
_pdbx_struct_oper_list.matrix[1][1]         1.0000000000 
_pdbx_struct_oper_list.matrix[1][2]         0.0000000000 
_pdbx_struct_oper_list.matrix[1][3]         0.0000000000 
_pdbx_struct_oper_list.vector[1]            0.0000000000 
_pdbx_struct_oper_list.matrix[2][1]         0.0000000000 
_pdbx_struct_oper_list.matrix[2][2]         1.0000000000 
_pdbx_struct_oper_list.matrix[2][3]         0.0000000000 
_pdbx_struct_oper_list.vector[2]            0.0000000000 
_pdbx_struct_oper_list.matrix[3][1]         0.0000000000 
_pdbx_struct_oper_list.matrix[3][2]         0.0000000000 
_pdbx_struct_oper_list.matrix[3][3]         1.0000000000 
_pdbx_struct_oper_list.vector[3]            0.0000000000 
# 
loop_
_pdbx_audit_revision_history.ordinal 
_pdbx_audit_revision_history.data_content_type 
_pdbx_audit_revision_history.major_revision 
_pdbx_audit_revision_history.minor_revision 
_pdbx_audit_revision_history.revision_date 
1 'Structure model' 1 0 2012-12-26 
2 'Structure model' 1 1 2023-09-20 
# 
_pdbx_audit_revision_details.ordinal             1 
_pdbx_audit_revision_details.revision_ordinal    1 
_pdbx_audit_revision_details.data_content_type   'Structure model' 
_pdbx_audit_revision_details.provider            repository 
_pdbx_audit_revision_details.type                'Initial release' 
_pdbx_audit_revision_details.description         ? 
_pdbx_audit_revision_details.details             ? 
# 
loop_
_pdbx_audit_revision_group.ordinal 
_pdbx_audit_revision_group.revision_ordinal 
_pdbx_audit_revision_group.data_content_type 
_pdbx_audit_revision_group.group 
1 2 'Structure model' 'Data collection'        
2 2 'Structure model' 'Database references'    
3 2 'Structure model' 'Derived calculations'   
4 2 'Structure model' 'Refinement description' 
# 
loop_
_pdbx_audit_revision_category.ordinal 
_pdbx_audit_revision_category.revision_ordinal 
_pdbx_audit_revision_category.data_content_type 
_pdbx_audit_revision_category.category 
1 2 'Structure model' chem_comp_atom                
2 2 'Structure model' chem_comp_bond                
3 2 'Structure model' database_2                    
4 2 'Structure model' pdbx_initial_refinement_model 
5 2 'Structure model' struct_conn                   
6 2 'Structure model' struct_ref_seq_dif            
# 
loop_
_pdbx_audit_revision_item.ordinal 
_pdbx_audit_revision_item.revision_ordinal 
_pdbx_audit_revision_item.data_content_type 
_pdbx_audit_revision_item.item 
1 2 'Structure model' '_database_2.pdbx_DOI'                
2 2 'Structure model' '_database_2.pdbx_database_accession' 
3 2 'Structure model' '_struct_conn.pdbx_leaving_atom_flag' 
4 2 'Structure model' '_struct_ref_seq_dif.details'         
# 
loop_
_software.name 
_software.classification 
_software.version 
_software.citation_id 
_software.pdbx_ordinal 
HKL-2000 'data collection' .                            ? 1 
PHASER   phasing           .                            ? 2 
PHENIX   refinement        '(phenix.refine: 1.6.1_357)' ? 3 
HKL-2000 'data reduction'  .                            ? 4 
HKL-2000 'data scaling'    .                            ? 5 
# 
loop_
_pdbx_validate_rmsd_angle.id 
_pdbx_validate_rmsd_angle.PDB_model_num 
_pdbx_validate_rmsd_angle.auth_atom_id_1 
_pdbx_validate_rmsd_angle.auth_asym_id_1 
_pdbx_validate_rmsd_angle.auth_comp_id_1 
_pdbx_validate_rmsd_angle.auth_seq_id_1 
_pdbx_validate_rmsd_angle.PDB_ins_code_1 
_pdbx_validate_rmsd_angle.label_alt_id_1 
_pdbx_validate_rmsd_angle.auth_atom_id_2 
_pdbx_validate_rmsd_angle.auth_asym_id_2 
_pdbx_validate_rmsd_angle.auth_comp_id_2 
_pdbx_validate_rmsd_angle.auth_seq_id_2 
_pdbx_validate_rmsd_angle.PDB_ins_code_2 
_pdbx_validate_rmsd_angle.label_alt_id_2 
_pdbx_validate_rmsd_angle.auth_atom_id_3 
_pdbx_validate_rmsd_angle.auth_asym_id_3 
_pdbx_validate_rmsd_angle.auth_comp_id_3 
_pdbx_validate_rmsd_angle.auth_seq_id_3 
_pdbx_validate_rmsd_angle.PDB_ins_code_3 
_pdbx_validate_rmsd_angle.label_alt_id_3 
_pdbx_validate_rmsd_angle.angle_value 
_pdbx_validate_rmsd_angle.angle_target_value 
_pdbx_validate_rmsd_angle.angle_deviation 
_pdbx_validate_rmsd_angle.angle_standard_deviation 
_pdbx_validate_rmsd_angle.linker_flag 
1 1 "O3'" B DG 6  ? ? P     B 2PR 7  ? ? OP2 B 2PR 7  ? ? 69.63  105.20 -35.57 2.20 Y 
2 1 "O3'" B DG 6  ? ? P     B 2PR 7  ? ? OP1 B 2PR 7  ? ? 141.92 110.50 31.42  1.10 Y 
3 1 "O4'" B DG 11 ? ? "C1'" B DG  11 ? ? N9  B DG  11 ? ? 111.66 108.30 3.36   0.30 N 
4 1 "O4'" B DT 12 ? ? "C1'" B DT  12 ? ? N1  B DT  12 ? ? 110.23 108.30 1.93   0.30 N 
5 1 "O4'" B DA 13 ? ? "C1'" B DA  13 ? ? N9  B DA  13 ? ? 110.18 108.30 1.88   0.30 N 
6 1 "O4'" C DG 25 ? ? "C1'" C DG  25 ? ? N9  C DG  25 ? ? 111.62 108.30 3.32   0.30 N 
# 
loop_
_pdbx_validate_torsion.id 
_pdbx_validate_torsion.PDB_model_num 
_pdbx_validate_torsion.auth_comp_id 
_pdbx_validate_torsion.auth_asym_id 
_pdbx_validate_torsion.auth_seq_id 
_pdbx_validate_torsion.PDB_ins_code 
_pdbx_validate_torsion.label_alt_id 
_pdbx_validate_torsion.phi 
_pdbx_validate_torsion.psi 
1 1 TYR A 37 ? ? -94.07 30.35 
2 1 LEU A 94 ? ? 70.61  50.47 
# 
loop_
_pdbx_unobs_or_zero_occ_residues.id 
_pdbx_unobs_or_zero_occ_residues.PDB_model_num 
_pdbx_unobs_or_zero_occ_residues.polymer_flag 
_pdbx_unobs_or_zero_occ_residues.occupancy_flag 
_pdbx_unobs_or_zero_occ_residues.auth_asym_id 
_pdbx_unobs_or_zero_occ_residues.auth_comp_id 
_pdbx_unobs_or_zero_occ_residues.auth_seq_id 
_pdbx_unobs_or_zero_occ_residues.PDB_ins_code 
_pdbx_unobs_or_zero_occ_residues.label_asym_id 
_pdbx_unobs_or_zero_occ_residues.label_comp_id 
_pdbx_unobs_or_zero_occ_residues.label_seq_id 
1 1 Y 1 A GLY 109 ? A GLY 109 
2 1 Y 1 A SER 110 ? A SER 110 
3 1 Y 1 A HIS 111 ? A HIS 111 
4 1 Y 1 A HIS 112 ? A HIS 112 
5 1 Y 1 A HIS 113 ? A HIS 113 
6 1 Y 1 A HIS 114 ? A HIS 114 
7 1 Y 1 A HIS 115 ? A HIS 115 
8 1 Y 1 A HIS 116 ? A HIS 116 
# 
loop_
_chem_comp_atom.comp_id 
_chem_comp_atom.atom_id 
_chem_comp_atom.type_symbol 
_chem_comp_atom.pdbx_aromatic_flag 
_chem_comp_atom.pdbx_stereo_config 
_chem_comp_atom.pdbx_ordinal 
2PR OP3    O N N 1   
2PR P      P N N 2   
2PR OP1    O N N 3   
2PR OP2    O N N 4   
2PR "O5'"  O N N 5   
2PR "C5'"  C N N 6   
2PR "C4'"  C N R 7   
2PR "O4'"  O N N 8   
2PR "C3'"  C N S 9   
2PR "O3'"  O N N 10  
2PR "C2'"  C N N 11  
2PR "C1'"  C N R 12  
2PR N9     N Y N 13  
2PR C8     C Y N 14  
2PR N7     N Y N 15  
2PR C5     C Y N 16  
2PR C6     C Y N 17  
2PR N1     N Y N 18  
2PR C2     C Y N 19  
2PR N2     N N N 20  
2PR N3     N Y N 21  
2PR C4     C Y N 22  
2PR HOP3   H N N 23  
2PR HOP2   H N N 24  
2PR "H5'"  H N N 25  
2PR "H5''" H N N 26  
2PR "H4'"  H N N 27  
2PR "H3'"  H N N 28  
2PR "HO3'" H N N 29  
2PR "H2'"  H N N 30  
2PR "H2''" H N N 31  
2PR "H1'"  H N N 32  
2PR H8     H N N 33  
2PR H6     H N N 34  
2PR HN21   H N N 35  
2PR HN22   H N N 36  
ALA N      N N N 37  
ALA CA     C N S 38  
ALA C      C N N 39  
ALA O      O N N 40  
ALA CB     C N N 41  
ALA OXT    O N N 42  
ALA H      H N N 43  
ALA H2     H N N 44  
ALA HA     H N N 45  
ALA HB1    H N N 46  
ALA HB2    H N N 47  
ALA HB3    H N N 48  
ALA HXT    H N N 49  
ARG N      N N N 50  
ARG CA     C N S 51  
ARG C      C N N 52  
ARG O      O N N 53  
ARG CB     C N N 54  
ARG CG     C N N 55  
ARG CD     C N N 56  
ARG NE     N N N 57  
ARG CZ     C N N 58  
ARG NH1    N N N 59  
ARG NH2    N N N 60  
ARG OXT    O N N 61  
ARG H      H N N 62  
ARG H2     H N N 63  
ARG HA     H N N 64  
ARG HB2    H N N 65  
ARG HB3    H N N 66  
ARG HG2    H N N 67  
ARG HG3    H N N 68  
ARG HD2    H N N 69  
ARG HD3    H N N 70  
ARG HE     H N N 71  
ARG HH11   H N N 72  
ARG HH12   H N N 73  
ARG HH21   H N N 74  
ARG HH22   H N N 75  
ARG HXT    H N N 76  
ASN N      N N N 77  
ASN CA     C N S 78  
ASN C      C N N 79  
ASN O      O N N 80  
ASN CB     C N N 81  
ASN CG     C N N 82  
ASN OD1    O N N 83  
ASN ND2    N N N 84  
ASN OXT    O N N 85  
ASN H      H N N 86  
ASN H2     H N N 87  
ASN HA     H N N 88  
ASN HB2    H N N 89  
ASN HB3    H N N 90  
ASN HD21   H N N 91  
ASN HD22   H N N 92  
ASN HXT    H N N 93  
ASP N      N N N 94  
ASP CA     C N S 95  
ASP C      C N N 96  
ASP O      O N N 97  
ASP CB     C N N 98  
ASP CG     C N N 99  
ASP OD1    O N N 100 
ASP OD2    O N N 101 
ASP OXT    O N N 102 
ASP H      H N N 103 
ASP H2     H N N 104 
ASP HA     H N N 105 
ASP HB2    H N N 106 
ASP HB3    H N N 107 
ASP HD2    H N N 108 
ASP HXT    H N N 109 
CYS N      N N N 110 
CYS CA     C N R 111 
CYS C      C N N 112 
CYS O      O N N 113 
CYS CB     C N N 114 
CYS SG     S N N 115 
CYS OXT    O N N 116 
CYS H      H N N 117 
CYS H2     H N N 118 
CYS HA     H N N 119 
CYS HB2    H N N 120 
CYS HB3    H N N 121 
CYS HG     H N N 122 
CYS HXT    H N N 123 
DA  OP3    O N N 124 
DA  P      P N N 125 
DA  OP1    O N N 126 
DA  OP2    O N N 127 
DA  "O5'"  O N N 128 
DA  "C5'"  C N N 129 
DA  "C4'"  C N R 130 
DA  "O4'"  O N N 131 
DA  "C3'"  C N S 132 
DA  "O3'"  O N N 133 
DA  "C2'"  C N N 134 
DA  "C1'"  C N R 135 
DA  N9     N Y N 136 
DA  C8     C Y N 137 
DA  N7     N Y N 138 
DA  C5     C Y N 139 
DA  C6     C Y N 140 
DA  N6     N N N 141 
DA  N1     N Y N 142 
DA  C2     C Y N 143 
DA  N3     N Y N 144 
DA  C4     C Y N 145 
DA  HOP3   H N N 146 
DA  HOP2   H N N 147 
DA  "H5'"  H N N 148 
DA  "H5''" H N N 149 
DA  "H4'"  H N N 150 
DA  "H3'"  H N N 151 
DA  "HO3'" H N N 152 
DA  "H2'"  H N N 153 
DA  "H2''" H N N 154 
DA  "H1'"  H N N 155 
DA  H8     H N N 156 
DA  H61    H N N 157 
DA  H62    H N N 158 
DA  H2     H N N 159 
DC  OP3    O N N 160 
DC  P      P N N 161 
DC  OP1    O N N 162 
DC  OP2    O N N 163 
DC  "O5'"  O N N 164 
DC  "C5'"  C N N 165 
DC  "C4'"  C N R 166 
DC  "O4'"  O N N 167 
DC  "C3'"  C N S 168 
DC  "O3'"  O N N 169 
DC  "C2'"  C N N 170 
DC  "C1'"  C N R 171 
DC  N1     N N N 172 
DC  C2     C N N 173 
DC  O2     O N N 174 
DC  N3     N N N 175 
DC  C4     C N N 176 
DC  N4     N N N 177 
DC  C5     C N N 178 
DC  C6     C N N 179 
DC  HOP3   H N N 180 
DC  HOP2   H N N 181 
DC  "H5'"  H N N 182 
DC  "H5''" H N N 183 
DC  "H4'"  H N N 184 
DC  "H3'"  H N N 185 
DC  "HO3'" H N N 186 
DC  "H2'"  H N N 187 
DC  "H2''" H N N 188 
DC  "H1'"  H N N 189 
DC  H41    H N N 190 
DC  H42    H N N 191 
DC  H5     H N N 192 
DC  H6     H N N 193 
DG  OP3    O N N 194 
DG  P      P N N 195 
DG  OP1    O N N 196 
DG  OP2    O N N 197 
DG  "O5'"  O N N 198 
DG  "C5'"  C N N 199 
DG  "C4'"  C N R 200 
DG  "O4'"  O N N 201 
DG  "C3'"  C N S 202 
DG  "O3'"  O N N 203 
DG  "C2'"  C N N 204 
DG  "C1'"  C N R 205 
DG  N9     N Y N 206 
DG  C8     C Y N 207 
DG  N7     N Y N 208 
DG  C5     C Y N 209 
DG  C6     C N N 210 
DG  O6     O N N 211 
DG  N1     N N N 212 
DG  C2     C N N 213 
DG  N2     N N N 214 
DG  N3     N N N 215 
DG  C4     C Y N 216 
DG  HOP3   H N N 217 
DG  HOP2   H N N 218 
DG  "H5'"  H N N 219 
DG  "H5''" H N N 220 
DG  "H4'"  H N N 221 
DG  "H3'"  H N N 222 
DG  "HO3'" H N N 223 
DG  "H2'"  H N N 224 
DG  "H2''" H N N 225 
DG  "H1'"  H N N 226 
DG  H8     H N N 227 
DG  H1     H N N 228 
DG  H21    H N N 229 
DG  H22    H N N 230 
DT  OP3    O N N 231 
DT  P      P N N 232 
DT  OP1    O N N 233 
DT  OP2    O N N 234 
DT  "O5'"  O N N 235 
DT  "C5'"  C N N 236 
DT  "C4'"  C N R 237 
DT  "O4'"  O N N 238 
DT  "C3'"  C N S 239 
DT  "O3'"  O N N 240 
DT  "C2'"  C N N 241 
DT  "C1'"  C N R 242 
DT  N1     N N N 243 
DT  C2     C N N 244 
DT  O2     O N N 245 
DT  N3     N N N 246 
DT  C4     C N N 247 
DT  O4     O N N 248 
DT  C5     C N N 249 
DT  C7     C N N 250 
DT  C6     C N N 251 
DT  HOP3   H N N 252 
DT  HOP2   H N N 253 
DT  "H5'"  H N N 254 
DT  "H5''" H N N 255 
DT  "H4'"  H N N 256 
DT  "H3'"  H N N 257 
DT  "HO3'" H N N 258 
DT  "H2'"  H N N 259 
DT  "H2''" H N N 260 
DT  "H1'"  H N N 261 
DT  H3     H N N 262 
DT  H71    H N N 263 
DT  H72    H N N 264 
DT  H73    H N N 265 
DT  H6     H N N 266 
GLN N      N N N 267 
GLN CA     C N S 268 
GLN C      C N N 269 
GLN O      O N N 270 
GLN CB     C N N 271 
GLN CG     C N N 272 
GLN CD     C N N 273 
GLN OE1    O N N 274 
GLN NE2    N N N 275 
GLN OXT    O N N 276 
GLN H      H N N 277 
GLN H2     H N N 278 
GLN HA     H N N 279 
GLN HB2    H N N 280 
GLN HB3    H N N 281 
GLN HG2    H N N 282 
GLN HG3    H N N 283 
GLN HE21   H N N 284 
GLN HE22   H N N 285 
GLN HXT    H N N 286 
GLU N      N N N 287 
GLU CA     C N S 288 
GLU C      C N N 289 
GLU O      O N N 290 
GLU CB     C N N 291 
GLU CG     C N N 292 
GLU CD     C N N 293 
GLU OE1    O N N 294 
GLU OE2    O N N 295 
GLU OXT    O N N 296 
GLU H      H N N 297 
GLU H2     H N N 298 
GLU HA     H N N 299 
GLU HB2    H N N 300 
GLU HB3    H N N 301 
GLU HG2    H N N 302 
GLU HG3    H N N 303 
GLU HE2    H N N 304 
GLU HXT    H N N 305 
GLY N      N N N 306 
GLY CA     C N N 307 
GLY C      C N N 308 
GLY O      O N N 309 
GLY OXT    O N N 310 
GLY H      H N N 311 
GLY H2     H N N 312 
GLY HA2    H N N 313 
GLY HA3    H N N 314 
GLY HXT    H N N 315 
HIS N      N N N 316 
HIS CA     C N S 317 
HIS C      C N N 318 
HIS O      O N N 319 
HIS CB     C N N 320 
HIS CG     C Y N 321 
HIS ND1    N Y N 322 
HIS CD2    C Y N 323 
HIS CE1    C Y N 324 
HIS NE2    N Y N 325 
HIS OXT    O N N 326 
HIS H      H N N 327 
HIS H2     H N N 328 
HIS HA     H N N 329 
HIS HB2    H N N 330 
HIS HB3    H N N 331 
HIS HD1    H N N 332 
HIS HD2    H N N 333 
HIS HE1    H N N 334 
HIS HE2    H N N 335 
HIS HXT    H N N 336 
ILE N      N N N 337 
ILE CA     C N S 338 
ILE C      C N N 339 
ILE O      O N N 340 
ILE CB     C N S 341 
ILE CG1    C N N 342 
ILE CG2    C N N 343 
ILE CD1    C N N 344 
ILE OXT    O N N 345 
ILE H      H N N 346 
ILE H2     H N N 347 
ILE HA     H N N 348 
ILE HB     H N N 349 
ILE HG12   H N N 350 
ILE HG13   H N N 351 
ILE HG21   H N N 352 
ILE HG22   H N N 353 
ILE HG23   H N N 354 
ILE HD11   H N N 355 
ILE HD12   H N N 356 
ILE HD13   H N N 357 
ILE HXT    H N N 358 
LEU N      N N N 359 
LEU CA     C N S 360 
LEU C      C N N 361 
LEU O      O N N 362 
LEU CB     C N N 363 
LEU CG     C N N 364 
LEU CD1    C N N 365 
LEU CD2    C N N 366 
LEU OXT    O N N 367 
LEU H      H N N 368 
LEU H2     H N N 369 
LEU HA     H N N 370 
LEU HB2    H N N 371 
LEU HB3    H N N 372 
LEU HG     H N N 373 
LEU HD11   H N N 374 
LEU HD12   H N N 375 
LEU HD13   H N N 376 
LEU HD21   H N N 377 
LEU HD22   H N N 378 
LEU HD23   H N N 379 
LEU HXT    H N N 380 
LYS N      N N N 381 
LYS CA     C N S 382 
LYS C      C N N 383 
LYS O      O N N 384 
LYS CB     C N N 385 
LYS CG     C N N 386 
LYS CD     C N N 387 
LYS CE     C N N 388 
LYS NZ     N N N 389 
LYS OXT    O N N 390 
LYS H      H N N 391 
LYS H2     H N N 392 
LYS HA     H N N 393 
LYS HB2    H N N 394 
LYS HB3    H N N 395 
LYS HG2    H N N 396 
LYS HG3    H N N 397 
LYS HD2    H N N 398 
LYS HD3    H N N 399 
LYS HE2    H N N 400 
LYS HE3    H N N 401 
LYS HZ1    H N N 402 
LYS HZ2    H N N 403 
LYS HZ3    H N N 404 
LYS HXT    H N N 405 
MET N      N N N 406 
MET CA     C N S 407 
MET C      C N N 408 
MET O      O N N 409 
MET CB     C N N 410 
MET CG     C N N 411 
MET SD     S N N 412 
MET CE     C N N 413 
MET OXT    O N N 414 
MET H      H N N 415 
MET H2     H N N 416 
MET HA     H N N 417 
MET HB2    H N N 418 
MET HB3    H N N 419 
MET HG2    H N N 420 
MET HG3    H N N 421 
MET HE1    H N N 422 
MET HE2    H N N 423 
MET HE3    H N N 424 
MET HXT    H N N 425 
PHE N      N N N 426 
PHE CA     C N S 427 
PHE C      C N N 428 
PHE O      O N N 429 
PHE CB     C N N 430 
PHE CG     C Y N 431 
PHE CD1    C Y N 432 
PHE CD2    C Y N 433 
PHE CE1    C Y N 434 
PHE CE2    C Y N 435 
PHE CZ     C Y N 436 
PHE OXT    O N N 437 
PHE H      H N N 438 
PHE H2     H N N 439 
PHE HA     H N N 440 
PHE HB2    H N N 441 
PHE HB3    H N N 442 
PHE HD1    H N N 443 
PHE HD2    H N N 444 
PHE HE1    H N N 445 
PHE HE2    H N N 446 
PHE HZ     H N N 447 
PHE HXT    H N N 448 
PRO N      N N N 449 
PRO CA     C N S 450 
PRO C      C N N 451 
PRO O      O N N 452 
PRO CB     C N N 453 
PRO CG     C N N 454 
PRO CD     C N N 455 
PRO OXT    O N N 456 
PRO H      H N N 457 
PRO HA     H N N 458 
PRO HB2    H N N 459 
PRO HB3    H N N 460 
PRO HG2    H N N 461 
PRO HG3    H N N 462 
PRO HD2    H N N 463 
PRO HD3    H N N 464 
PRO HXT    H N N 465 
SER N      N N N 466 
SER CA     C N S 467 
SER C      C N N 468 
SER O      O N N 469 
SER CB     C N N 470 
SER OG     O N N 471 
SER OXT    O N N 472 
SER H      H N N 473 
SER H2     H N N 474 
SER HA     H N N 475 
SER HB2    H N N 476 
SER HB3    H N N 477 
SER HG     H N N 478 
SER HXT    H N N 479 
THR N      N N N 480 
THR CA     C N S 481 
THR C      C N N 482 
THR O      O N N 483 
THR CB     C N R 484 
THR OG1    O N N 485 
THR CG2    C N N 486 
THR OXT    O N N 487 
THR H      H N N 488 
THR H2     H N N 489 
THR HA     H N N 490 
THR HB     H N N 491 
THR HG1    H N N 492 
THR HG21   H N N 493 
THR HG22   H N N 494 
THR HG23   H N N 495 
THR HXT    H N N 496 
TRP N      N N N 497 
TRP CA     C N S 498 
TRP C      C N N 499 
TRP O      O N N 500 
TRP CB     C N N 501 
TRP CG     C Y N 502 
TRP CD1    C Y N 503 
TRP CD2    C Y N 504 
TRP NE1    N Y N 505 
TRP CE2    C Y N 506 
TRP CE3    C Y N 507 
TRP CZ2    C Y N 508 
TRP CZ3    C Y N 509 
TRP CH2    C Y N 510 
TRP OXT    O N N 511 
TRP H      H N N 512 
TRP H2     H N N 513 
TRP HA     H N N 514 
TRP HB2    H N N 515 
TRP HB3    H N N 516 
TRP HD1    H N N 517 
TRP HE1    H N N 518 
TRP HE3    H N N 519 
TRP HZ2    H N N 520 
TRP HZ3    H N N 521 
TRP HH2    H N N 522 
TRP HXT    H N N 523 
TYR N      N N N 524 
TYR CA     C N S 525 
TYR C      C N N 526 
TYR O      O N N 527 
TYR CB     C N N 528 
TYR CG     C Y N 529 
TYR CD1    C Y N 530 
TYR CD2    C Y N 531 
TYR CE1    C Y N 532 
TYR CE2    C Y N 533 
TYR CZ     C Y N 534 
TYR OH     O N N 535 
TYR OXT    O N N 536 
TYR H      H N N 537 
TYR H2     H N N 538 
TYR HA     H N N 539 
TYR HB2    H N N 540 
TYR HB3    H N N 541 
TYR HD1    H N N 542 
TYR HD2    H N N 543 
TYR HE1    H N N 544 
TYR HE2    H N N 545 
TYR HH     H N N 546 
TYR HXT    H N N 547 
VAL N      N N N 548 
VAL CA     C N S 549 
VAL C      C N N 550 
VAL O      O N N 551 
VAL CB     C N N 552 
VAL CG1    C N N 553 
VAL CG2    C N N 554 
VAL OXT    O N N 555 
VAL H      H N N 556 
VAL H2     H N N 557 
VAL HA     H N N 558 
VAL HB     H N N 559 
VAL HG11   H N N 560 
VAL HG12   H N N 561 
VAL HG13   H N N 562 
VAL HG21   H N N 563 
VAL HG22   H N N 564 
VAL HG23   H N N 565 
VAL HXT    H N N 566 
# 
loop_
_chem_comp_bond.comp_id 
_chem_comp_bond.atom_id_1 
_chem_comp_bond.atom_id_2 
_chem_comp_bond.value_order 
_chem_comp_bond.pdbx_aromatic_flag 
_chem_comp_bond.pdbx_stereo_config 
_chem_comp_bond.pdbx_ordinal 
2PR OP3   P      sing N N 1   
2PR OP3   HOP3   sing N N 2   
2PR P     OP1    doub N N 3   
2PR P     OP2    sing N N 4   
2PR P     "O5'"  sing N N 5   
2PR OP2   HOP2   sing N N 6   
2PR "O5'" "C5'"  sing N N 7   
2PR "C5'" "C4'"  sing N N 8   
2PR "C5'" "H5'"  sing N N 9   
2PR "C5'" "H5''" sing N N 10  
2PR "C4'" "O4'"  sing N N 11  
2PR "C4'" "C3'"  sing N N 12  
2PR "C4'" "H4'"  sing N N 13  
2PR "O4'" "C1'"  sing N N 14  
2PR "C3'" "O3'"  sing N N 15  
2PR "C3'" "C2'"  sing N N 16  
2PR "C3'" "H3'"  sing N N 17  
2PR "O3'" "HO3'" sing N N 18  
2PR "C2'" "C1'"  sing N N 19  
2PR "C2'" "H2'"  sing N N 20  
2PR "C2'" "H2''" sing N N 21  
2PR "C1'" N9     sing N N 22  
2PR "C1'" "H1'"  sing N N 23  
2PR N9    C8     sing Y N 24  
2PR N9    C4     sing Y N 25  
2PR C8    N7     doub Y N 26  
2PR C8    H8     sing N N 27  
2PR N7    C5     sing Y N 28  
2PR C5    C6     sing Y N 29  
2PR C5    C4     doub Y N 30  
2PR C6    N1     doub Y N 31  
2PR C6    H6     sing N N 32  
2PR N1    C2     sing Y N 33  
2PR C2    N2     sing N N 34  
2PR C2    N3     doub Y N 35  
2PR N2    HN21   sing N N 36  
2PR N2    HN22   sing N N 37  
2PR N3    C4     sing Y N 38  
ALA N     CA     sing N N 39  
ALA N     H      sing N N 40  
ALA N     H2     sing N N 41  
ALA CA    C      sing N N 42  
ALA CA    CB     sing N N 43  
ALA CA    HA     sing N N 44  
ALA C     O      doub N N 45  
ALA C     OXT    sing N N 46  
ALA CB    HB1    sing N N 47  
ALA CB    HB2    sing N N 48  
ALA CB    HB3    sing N N 49  
ALA OXT   HXT    sing N N 50  
ARG N     CA     sing N N 51  
ARG N     H      sing N N 52  
ARG N     H2     sing N N 53  
ARG CA    C      sing N N 54  
ARG CA    CB     sing N N 55  
ARG CA    HA     sing N N 56  
ARG C     O      doub N N 57  
ARG C     OXT    sing N N 58  
ARG CB    CG     sing N N 59  
ARG CB    HB2    sing N N 60  
ARG CB    HB3    sing N N 61  
ARG CG    CD     sing N N 62  
ARG CG    HG2    sing N N 63  
ARG CG    HG3    sing N N 64  
ARG CD    NE     sing N N 65  
ARG CD    HD2    sing N N 66  
ARG CD    HD3    sing N N 67  
ARG NE    CZ     sing N N 68  
ARG NE    HE     sing N N 69  
ARG CZ    NH1    sing N N 70  
ARG CZ    NH2    doub N N 71  
ARG NH1   HH11   sing N N 72  
ARG NH1   HH12   sing N N 73  
ARG NH2   HH21   sing N N 74  
ARG NH2   HH22   sing N N 75  
ARG OXT   HXT    sing N N 76  
ASN N     CA     sing N N 77  
ASN N     H      sing N N 78  
ASN N     H2     sing N N 79  
ASN CA    C      sing N N 80  
ASN CA    CB     sing N N 81  
ASN CA    HA     sing N N 82  
ASN C     O      doub N N 83  
ASN C     OXT    sing N N 84  
ASN CB    CG     sing N N 85  
ASN CB    HB2    sing N N 86  
ASN CB    HB3    sing N N 87  
ASN CG    OD1    doub N N 88  
ASN CG    ND2    sing N N 89  
ASN ND2   HD21   sing N N 90  
ASN ND2   HD22   sing N N 91  
ASN OXT   HXT    sing N N 92  
ASP N     CA     sing N N 93  
ASP N     H      sing N N 94  
ASP N     H2     sing N N 95  
ASP CA    C      sing N N 96  
ASP CA    CB     sing N N 97  
ASP CA    HA     sing N N 98  
ASP C     O      doub N N 99  
ASP C     OXT    sing N N 100 
ASP CB    CG     sing N N 101 
ASP CB    HB2    sing N N 102 
ASP CB    HB3    sing N N 103 
ASP CG    OD1    doub N N 104 
ASP CG    OD2    sing N N 105 
ASP OD2   HD2    sing N N 106 
ASP OXT   HXT    sing N N 107 
CYS N     CA     sing N N 108 
CYS N     H      sing N N 109 
CYS N     H2     sing N N 110 
CYS CA    C      sing N N 111 
CYS CA    CB     sing N N 112 
CYS CA    HA     sing N N 113 
CYS C     O      doub N N 114 
CYS C     OXT    sing N N 115 
CYS CB    SG     sing N N 116 
CYS CB    HB2    sing N N 117 
CYS CB    HB3    sing N N 118 
CYS SG    HG     sing N N 119 
CYS OXT   HXT    sing N N 120 
DA  OP3   P      sing N N 121 
DA  OP3   HOP3   sing N N 122 
DA  P     OP1    doub N N 123 
DA  P     OP2    sing N N 124 
DA  P     "O5'"  sing N N 125 
DA  OP2   HOP2   sing N N 126 
DA  "O5'" "C5'"  sing N N 127 
DA  "C5'" "C4'"  sing N N 128 
DA  "C5'" "H5'"  sing N N 129 
DA  "C5'" "H5''" sing N N 130 
DA  "C4'" "O4'"  sing N N 131 
DA  "C4'" "C3'"  sing N N 132 
DA  "C4'" "H4'"  sing N N 133 
DA  "O4'" "C1'"  sing N N 134 
DA  "C3'" "O3'"  sing N N 135 
DA  "C3'" "C2'"  sing N N 136 
DA  "C3'" "H3'"  sing N N 137 
DA  "O3'" "HO3'" sing N N 138 
DA  "C2'" "C1'"  sing N N 139 
DA  "C2'" "H2'"  sing N N 140 
DA  "C2'" "H2''" sing N N 141 
DA  "C1'" N9     sing N N 142 
DA  "C1'" "H1'"  sing N N 143 
DA  N9    C8     sing Y N 144 
DA  N9    C4     sing Y N 145 
DA  C8    N7     doub Y N 146 
DA  C8    H8     sing N N 147 
DA  N7    C5     sing Y N 148 
DA  C5    C6     sing Y N 149 
DA  C5    C4     doub Y N 150 
DA  C6    N6     sing N N 151 
DA  C6    N1     doub Y N 152 
DA  N6    H61    sing N N 153 
DA  N6    H62    sing N N 154 
DA  N1    C2     sing Y N 155 
DA  C2    N3     doub Y N 156 
DA  C2    H2     sing N N 157 
DA  N3    C4     sing Y N 158 
DC  OP3   P      sing N N 159 
DC  OP3   HOP3   sing N N 160 
DC  P     OP1    doub N N 161 
DC  P     OP2    sing N N 162 
DC  P     "O5'"  sing N N 163 
DC  OP2   HOP2   sing N N 164 
DC  "O5'" "C5'"  sing N N 165 
DC  "C5'" "C4'"  sing N N 166 
DC  "C5'" "H5'"  sing N N 167 
DC  "C5'" "H5''" sing N N 168 
DC  "C4'" "O4'"  sing N N 169 
DC  "C4'" "C3'"  sing N N 170 
DC  "C4'" "H4'"  sing N N 171 
DC  "O4'" "C1'"  sing N N 172 
DC  "C3'" "O3'"  sing N N 173 
DC  "C3'" "C2'"  sing N N 174 
DC  "C3'" "H3'"  sing N N 175 
DC  "O3'" "HO3'" sing N N 176 
DC  "C2'" "C1'"  sing N N 177 
DC  "C2'" "H2'"  sing N N 178 
DC  "C2'" "H2''" sing N N 179 
DC  "C1'" N1     sing N N 180 
DC  "C1'" "H1'"  sing N N 181 
DC  N1    C2     sing N N 182 
DC  N1    C6     sing N N 183 
DC  C2    O2     doub N N 184 
DC  C2    N3     sing N N 185 
DC  N3    C4     doub N N 186 
DC  C4    N4     sing N N 187 
DC  C4    C5     sing N N 188 
DC  N4    H41    sing N N 189 
DC  N4    H42    sing N N 190 
DC  C5    C6     doub N N 191 
DC  C5    H5     sing N N 192 
DC  C6    H6     sing N N 193 
DG  OP3   P      sing N N 194 
DG  OP3   HOP3   sing N N 195 
DG  P     OP1    doub N N 196 
DG  P     OP2    sing N N 197 
DG  P     "O5'"  sing N N 198 
DG  OP2   HOP2   sing N N 199 
DG  "O5'" "C5'"  sing N N 200 
DG  "C5'" "C4'"  sing N N 201 
DG  "C5'" "H5'"  sing N N 202 
DG  "C5'" "H5''" sing N N 203 
DG  "C4'" "O4'"  sing N N 204 
DG  "C4'" "C3'"  sing N N 205 
DG  "C4'" "H4'"  sing N N 206 
DG  "O4'" "C1'"  sing N N 207 
DG  "C3'" "O3'"  sing N N 208 
DG  "C3'" "C2'"  sing N N 209 
DG  "C3'" "H3'"  sing N N 210 
DG  "O3'" "HO3'" sing N N 211 
DG  "C2'" "C1'"  sing N N 212 
DG  "C2'" "H2'"  sing N N 213 
DG  "C2'" "H2''" sing N N 214 
DG  "C1'" N9     sing N N 215 
DG  "C1'" "H1'"  sing N N 216 
DG  N9    C8     sing Y N 217 
DG  N9    C4     sing Y N 218 
DG  C8    N7     doub Y N 219 
DG  C8    H8     sing N N 220 
DG  N7    C5     sing Y N 221 
DG  C5    C6     sing N N 222 
DG  C5    C4     doub Y N 223 
DG  C6    O6     doub N N 224 
DG  C6    N1     sing N N 225 
DG  N1    C2     sing N N 226 
DG  N1    H1     sing N N 227 
DG  C2    N2     sing N N 228 
DG  C2    N3     doub N N 229 
DG  N2    H21    sing N N 230 
DG  N2    H22    sing N N 231 
DG  N3    C4     sing N N 232 
DT  OP3   P      sing N N 233 
DT  OP3   HOP3   sing N N 234 
DT  P     OP1    doub N N 235 
DT  P     OP2    sing N N 236 
DT  P     "O5'"  sing N N 237 
DT  OP2   HOP2   sing N N 238 
DT  "O5'" "C5'"  sing N N 239 
DT  "C5'" "C4'"  sing N N 240 
DT  "C5'" "H5'"  sing N N 241 
DT  "C5'" "H5''" sing N N 242 
DT  "C4'" "O4'"  sing N N 243 
DT  "C4'" "C3'"  sing N N 244 
DT  "C4'" "H4'"  sing N N 245 
DT  "O4'" "C1'"  sing N N 246 
DT  "C3'" "O3'"  sing N N 247 
DT  "C3'" "C2'"  sing N N 248 
DT  "C3'" "H3'"  sing N N 249 
DT  "O3'" "HO3'" sing N N 250 
DT  "C2'" "C1'"  sing N N 251 
DT  "C2'" "H2'"  sing N N 252 
DT  "C2'" "H2''" sing N N 253 
DT  "C1'" N1     sing N N 254 
DT  "C1'" "H1'"  sing N N 255 
DT  N1    C2     sing N N 256 
DT  N1    C6     sing N N 257 
DT  C2    O2     doub N N 258 
DT  C2    N3     sing N N 259 
DT  N3    C4     sing N N 260 
DT  N3    H3     sing N N 261 
DT  C4    O4     doub N N 262 
DT  C4    C5     sing N N 263 
DT  C5    C7     sing N N 264 
DT  C5    C6     doub N N 265 
DT  C7    H71    sing N N 266 
DT  C7    H72    sing N N 267 
DT  C7    H73    sing N N 268 
DT  C6    H6     sing N N 269 
GLN N     CA     sing N N 270 
GLN N     H      sing N N 271 
GLN N     H2     sing N N 272 
GLN CA    C      sing N N 273 
GLN CA    CB     sing N N 274 
GLN CA    HA     sing N N 275 
GLN C     O      doub N N 276 
GLN C     OXT    sing N N 277 
GLN CB    CG     sing N N 278 
GLN CB    HB2    sing N N 279 
GLN CB    HB3    sing N N 280 
GLN CG    CD     sing N N 281 
GLN CG    HG2    sing N N 282 
GLN CG    HG3    sing N N 283 
GLN CD    OE1    doub N N 284 
GLN CD    NE2    sing N N 285 
GLN NE2   HE21   sing N N 286 
GLN NE2   HE22   sing N N 287 
GLN OXT   HXT    sing N N 288 
GLU N     CA     sing N N 289 
GLU N     H      sing N N 290 
GLU N     H2     sing N N 291 
GLU CA    C      sing N N 292 
GLU CA    CB     sing N N 293 
GLU CA    HA     sing N N 294 
GLU C     O      doub N N 295 
GLU C     OXT    sing N N 296 
GLU CB    CG     sing N N 297 
GLU CB    HB2    sing N N 298 
GLU CB    HB3    sing N N 299 
GLU CG    CD     sing N N 300 
GLU CG    HG2    sing N N 301 
GLU CG    HG3    sing N N 302 
GLU CD    OE1    doub N N 303 
GLU CD    OE2    sing N N 304 
GLU OE2   HE2    sing N N 305 
GLU OXT   HXT    sing N N 306 
GLY N     CA     sing N N 307 
GLY N     H      sing N N 308 
GLY N     H2     sing N N 309 
GLY CA    C      sing N N 310 
GLY CA    HA2    sing N N 311 
GLY CA    HA3    sing N N 312 
GLY C     O      doub N N 313 
GLY C     OXT    sing N N 314 
GLY OXT   HXT    sing N N 315 
HIS N     CA     sing N N 316 
HIS N     H      sing N N 317 
HIS N     H2     sing N N 318 
HIS CA    C      sing N N 319 
HIS CA    CB     sing N N 320 
HIS CA    HA     sing N N 321 
HIS C     O      doub N N 322 
HIS C     OXT    sing N N 323 
HIS CB    CG     sing N N 324 
HIS CB    HB2    sing N N 325 
HIS CB    HB3    sing N N 326 
HIS CG    ND1    sing Y N 327 
HIS CG    CD2    doub Y N 328 
HIS ND1   CE1    doub Y N 329 
HIS ND1   HD1    sing N N 330 
HIS CD2   NE2    sing Y N 331 
HIS CD2   HD2    sing N N 332 
HIS CE1   NE2    sing Y N 333 
HIS CE1   HE1    sing N N 334 
HIS NE2   HE2    sing N N 335 
HIS OXT   HXT    sing N N 336 
ILE N     CA     sing N N 337 
ILE N     H      sing N N 338 
ILE N     H2     sing N N 339 
ILE CA    C      sing N N 340 
ILE CA    CB     sing N N 341 
ILE CA    HA     sing N N 342 
ILE C     O      doub N N 343 
ILE C     OXT    sing N N 344 
ILE CB    CG1    sing N N 345 
ILE CB    CG2    sing N N 346 
ILE CB    HB     sing N N 347 
ILE CG1   CD1    sing N N 348 
ILE CG1   HG12   sing N N 349 
ILE CG1   HG13   sing N N 350 
ILE CG2   HG21   sing N N 351 
ILE CG2   HG22   sing N N 352 
ILE CG2   HG23   sing N N 353 
ILE CD1   HD11   sing N N 354 
ILE CD1   HD12   sing N N 355 
ILE CD1   HD13   sing N N 356 
ILE OXT   HXT    sing N N 357 
LEU N     CA     sing N N 358 
LEU N     H      sing N N 359 
LEU N     H2     sing N N 360 
LEU CA    C      sing N N 361 
LEU CA    CB     sing N N 362 
LEU CA    HA     sing N N 363 
LEU C     O      doub N N 364 
LEU C     OXT    sing N N 365 
LEU CB    CG     sing N N 366 
LEU CB    HB2    sing N N 367 
LEU CB    HB3    sing N N 368 
LEU CG    CD1    sing N N 369 
LEU CG    CD2    sing N N 370 
LEU CG    HG     sing N N 371 
LEU CD1   HD11   sing N N 372 
LEU CD1   HD12   sing N N 373 
LEU CD1   HD13   sing N N 374 
LEU CD2   HD21   sing N N 375 
LEU CD2   HD22   sing N N 376 
LEU CD2   HD23   sing N N 377 
LEU OXT   HXT    sing N N 378 
LYS N     CA     sing N N 379 
LYS N     H      sing N N 380 
LYS N     H2     sing N N 381 
LYS CA    C      sing N N 382 
LYS CA    CB     sing N N 383 
LYS CA    HA     sing N N 384 
LYS C     O      doub N N 385 
LYS C     OXT    sing N N 386 
LYS CB    CG     sing N N 387 
LYS CB    HB2    sing N N 388 
LYS CB    HB3    sing N N 389 
LYS CG    CD     sing N N 390 
LYS CG    HG2    sing N N 391 
LYS CG    HG3    sing N N 392 
LYS CD    CE     sing N N 393 
LYS CD    HD2    sing N N 394 
LYS CD    HD3    sing N N 395 
LYS CE    NZ     sing N N 396 
LYS CE    HE2    sing N N 397 
LYS CE    HE3    sing N N 398 
LYS NZ    HZ1    sing N N 399 
LYS NZ    HZ2    sing N N 400 
LYS NZ    HZ3    sing N N 401 
LYS OXT   HXT    sing N N 402 
MET N     CA     sing N N 403 
MET N     H      sing N N 404 
MET N     H2     sing N N 405 
MET CA    C      sing N N 406 
MET CA    CB     sing N N 407 
MET CA    HA     sing N N 408 
MET C     O      doub N N 409 
MET C     OXT    sing N N 410 
MET CB    CG     sing N N 411 
MET CB    HB2    sing N N 412 
MET CB    HB3    sing N N 413 
MET CG    SD     sing N N 414 
MET CG    HG2    sing N N 415 
MET CG    HG3    sing N N 416 
MET SD    CE     sing N N 417 
MET CE    HE1    sing N N 418 
MET CE    HE2    sing N N 419 
MET CE    HE3    sing N N 420 
MET OXT   HXT    sing N N 421 
PHE N     CA     sing N N 422 
PHE N     H      sing N N 423 
PHE N     H2     sing N N 424 
PHE CA    C      sing N N 425 
PHE CA    CB     sing N N 426 
PHE CA    HA     sing N N 427 
PHE C     O      doub N N 428 
PHE C     OXT    sing N N 429 
PHE CB    CG     sing N N 430 
PHE CB    HB2    sing N N 431 
PHE CB    HB3    sing N N 432 
PHE CG    CD1    doub Y N 433 
PHE CG    CD2    sing Y N 434 
PHE CD1   CE1    sing Y N 435 
PHE CD1   HD1    sing N N 436 
PHE CD2   CE2    doub Y N 437 
PHE CD2   HD2    sing N N 438 
PHE CE1   CZ     doub Y N 439 
PHE CE1   HE1    sing N N 440 
PHE CE2   CZ     sing Y N 441 
PHE CE2   HE2    sing N N 442 
PHE CZ    HZ     sing N N 443 
PHE OXT   HXT    sing N N 444 
PRO N     CA     sing N N 445 
PRO N     CD     sing N N 446 
PRO N     H      sing N N 447 
PRO CA    C      sing N N 448 
PRO CA    CB     sing N N 449 
PRO CA    HA     sing N N 450 
PRO C     O      doub N N 451 
PRO C     OXT    sing N N 452 
PRO CB    CG     sing N N 453 
PRO CB    HB2    sing N N 454 
PRO CB    HB3    sing N N 455 
PRO CG    CD     sing N N 456 
PRO CG    HG2    sing N N 457 
PRO CG    HG3    sing N N 458 
PRO CD    HD2    sing N N 459 
PRO CD    HD3    sing N N 460 
PRO OXT   HXT    sing N N 461 
SER N     CA     sing N N 462 
SER N     H      sing N N 463 
SER N     H2     sing N N 464 
SER CA    C      sing N N 465 
SER CA    CB     sing N N 466 
SER CA    HA     sing N N 467 
SER C     O      doub N N 468 
SER C     OXT    sing N N 469 
SER CB    OG     sing N N 470 
SER CB    HB2    sing N N 471 
SER CB    HB3    sing N N 472 
SER OG    HG     sing N N 473 
SER OXT   HXT    sing N N 474 
THR N     CA     sing N N 475 
THR N     H      sing N N 476 
THR N     H2     sing N N 477 
THR CA    C      sing N N 478 
THR CA    CB     sing N N 479 
THR CA    HA     sing N N 480 
THR C     O      doub N N 481 
THR C     OXT    sing N N 482 
THR CB    OG1    sing N N 483 
THR CB    CG2    sing N N 484 
THR CB    HB     sing N N 485 
THR OG1   HG1    sing N N 486 
THR CG2   HG21   sing N N 487 
THR CG2   HG22   sing N N 488 
THR CG2   HG23   sing N N 489 
THR OXT   HXT    sing N N 490 
TRP N     CA     sing N N 491 
TRP N     H      sing N N 492 
TRP N     H2     sing N N 493 
TRP CA    C      sing N N 494 
TRP CA    CB     sing N N 495 
TRP CA    HA     sing N N 496 
TRP C     O      doub N N 497 
TRP C     OXT    sing N N 498 
TRP CB    CG     sing N N 499 
TRP CB    HB2    sing N N 500 
TRP CB    HB3    sing N N 501 
TRP CG    CD1    doub Y N 502 
TRP CG    CD2    sing Y N 503 
TRP CD1   NE1    sing Y N 504 
TRP CD1   HD1    sing N N 505 
TRP CD2   CE2    doub Y N 506 
TRP CD2   CE3    sing Y N 507 
TRP NE1   CE2    sing Y N 508 
TRP NE1   HE1    sing N N 509 
TRP CE2   CZ2    sing Y N 510 
TRP CE3   CZ3    doub Y N 511 
TRP CE3   HE3    sing N N 512 
TRP CZ2   CH2    doub Y N 513 
TRP CZ2   HZ2    sing N N 514 
TRP CZ3   CH2    sing Y N 515 
TRP CZ3   HZ3    sing N N 516 
TRP CH2   HH2    sing N N 517 
TRP OXT   HXT    sing N N 518 
TYR N     CA     sing N N 519 
TYR N     H      sing N N 520 
TYR N     H2     sing N N 521 
TYR CA    C      sing N N 522 
TYR CA    CB     sing N N 523 
TYR CA    HA     sing N N 524 
TYR C     O      doub N N 525 
TYR C     OXT    sing N N 526 
TYR CB    CG     sing N N 527 
TYR CB    HB2    sing N N 528 
TYR CB    HB3    sing N N 529 
TYR CG    CD1    doub Y N 530 
TYR CG    CD2    sing Y N 531 
TYR CD1   CE1    sing Y N 532 
TYR CD1   HD1    sing N N 533 
TYR CD2   CE2    doub Y N 534 
TYR CD2   HD2    sing N N 535 
TYR CE1   CZ     doub Y N 536 
TYR CE1   HE1    sing N N 537 
TYR CE2   CZ     sing Y N 538 
TYR CE2   HE2    sing N N 539 
TYR CZ    OH     sing N N 540 
TYR OH    HH     sing N N 541 
TYR OXT   HXT    sing N N 542 
VAL N     CA     sing N N 543 
VAL N     H      sing N N 544 
VAL N     H2     sing N N 545 
VAL CA    C      sing N N 546 
VAL CA    CB     sing N N 547 
VAL CA    HA     sing N N 548 
VAL C     O      doub N N 549 
VAL C     OXT    sing N N 550 
VAL CB    CG1    sing N N 551 
VAL CB    CG2    sing N N 552 
VAL CB    HB     sing N N 553 
VAL CG1   HG11   sing N N 554 
VAL CG1   HG12   sing N N 555 
VAL CG1   HG13   sing N N 556 
VAL CG2   HG21   sing N N 557 
VAL CG2   HG22   sing N N 558 
VAL CG2   HG23   sing N N 559 
VAL OXT   HXT    sing N N 560 
# 
loop_
_ndb_struct_conf_na.entry_id 
_ndb_struct_conf_na.feature 
4HDU 'double helix'         
4HDU 'b-form double helix'  
4HDU 'mismatched base pair' 
# 
loop_
_ndb_struct_na_base_pair.model_number 
_ndb_struct_na_base_pair.i_label_asym_id 
_ndb_struct_na_base_pair.i_label_comp_id 
_ndb_struct_na_base_pair.i_label_seq_id 
_ndb_struct_na_base_pair.i_symmetry 
_ndb_struct_na_base_pair.j_label_asym_id 
_ndb_struct_na_base_pair.j_label_comp_id 
_ndb_struct_na_base_pair.j_label_seq_id 
_ndb_struct_na_base_pair.j_symmetry 
_ndb_struct_na_base_pair.shear 
_ndb_struct_na_base_pair.stretch 
_ndb_struct_na_base_pair.stagger 
_ndb_struct_na_base_pair.buckle 
_ndb_struct_na_base_pair.propeller 
_ndb_struct_na_base_pair.opening 
_ndb_struct_na_base_pair.pair_number 
_ndb_struct_na_base_pair.pair_name 
_ndb_struct_na_base_pair.i_auth_asym_id 
_ndb_struct_na_base_pair.i_auth_seq_id 
_ndb_struct_na_base_pair.i_PDB_ins_code 
_ndb_struct_na_base_pair.j_auth_asym_id 
_ndb_struct_na_base_pair.j_auth_seq_id 
_ndb_struct_na_base_pair.j_PDB_ins_code 
_ndb_struct_na_base_pair.hbond_type_28 
_ndb_struct_na_base_pair.hbond_type_12 
1 B DC 2  1_555 C DG 13 1_555 -0.137 -0.058 0.243  -3.409  -6.318  -1.765 1  B_DC2:DG26_C  B 2  ? C 26 ? 19 1 
1 B DC 3  1_555 C DG 12 1_555 0.272  -0.169 0.850  -15.283 -1.107  -0.449 2  B_DC3:DG25_C  B 3  ? C 25 ? 19 1 
1 B DA 4  1_555 C DT 11 1_555 -0.473 -0.213 0.153  -1.836  -8.772  -0.475 3  B_DA4:DT24_C  B 4  ? C 24 ? 20 1 
1 B DT 5  1_555 C DA 10 1_555 0.207  -0.187 -0.022 2.493   -5.669  0.792  4  B_DT5:DA23_C  B 5  ? C 23 ? 20 1 
1 B DG 6  1_555 C DC 9  1_555 -0.754 -0.316 -0.444 -0.105  0.206   -1.106 5  B_DG6:DC22_C  B 6  ? C 22 ? 19 1 
1 B DC 8  1_555 C DG 7  1_555 -0.069 -0.096 -0.011 -13.979 -5.591  -0.923 6  B_DC8:DG20_C  B 8  ? C 20 ? 19 1 
1 B DT 9  1_555 C DA 6  1_555 -0.236 -0.127 0.262  -2.022  -3.891  1.452  7  B_DT9:DA19_C  B 9  ? C 19 ? 20 1 
1 B DA 10 1_555 C DT 5  1_555 1.262  -0.240 0.275  11.544  -10.705 -2.599 8  B_DA10:DT18_C B 10 ? C 18 ? 20 1 
1 B DG 11 1_555 C DC 4  1_555 -0.542 -0.201 0.210  4.249   -13.171 -0.845 9  B_DG11:DC17_C B 11 ? C 17 ? 19 1 
1 B DT 12 1_555 C DA 3  1_555 -0.557 -0.170 0.307  -3.029  -4.608  5.153  10 B_DT12:DA16_C B 12 ? C 16 ? 20 1 
1 B DA 13 1_555 C DT 2  1_555 0.036  -0.137 0.174  1.374   -5.915  0.000  11 B_DA13:DT15_C B 13 ? C 15 ? 20 1 
# 
loop_
_ndb_struct_na_base_pair_step.model_number 
_ndb_struct_na_base_pair_step.i_label_asym_id_1 
_ndb_struct_na_base_pair_step.i_label_comp_id_1 
_ndb_struct_na_base_pair_step.i_label_seq_id_1 
_ndb_struct_na_base_pair_step.i_symmetry_1 
_ndb_struct_na_base_pair_step.j_label_asym_id_1 
_ndb_struct_na_base_pair_step.j_label_comp_id_1 
_ndb_struct_na_base_pair_step.j_label_seq_id_1 
_ndb_struct_na_base_pair_step.j_symmetry_1 
_ndb_struct_na_base_pair_step.i_label_asym_id_2 
_ndb_struct_na_base_pair_step.i_label_comp_id_2 
_ndb_struct_na_base_pair_step.i_label_seq_id_2 
_ndb_struct_na_base_pair_step.i_symmetry_2 
_ndb_struct_na_base_pair_step.j_label_asym_id_2 
_ndb_struct_na_base_pair_step.j_label_comp_id_2 
_ndb_struct_na_base_pair_step.j_label_seq_id_2 
_ndb_struct_na_base_pair_step.j_symmetry_2 
_ndb_struct_na_base_pair_step.shift 
_ndb_struct_na_base_pair_step.slide 
_ndb_struct_na_base_pair_step.rise 
_ndb_struct_na_base_pair_step.tilt 
_ndb_struct_na_base_pair_step.roll 
_ndb_struct_na_base_pair_step.twist 
_ndb_struct_na_base_pair_step.x_displacement 
_ndb_struct_na_base_pair_step.y_displacement 
_ndb_struct_na_base_pair_step.helical_rise 
_ndb_struct_na_base_pair_step.inclination 
_ndb_struct_na_base_pair_step.tip 
_ndb_struct_na_base_pair_step.helical_twist 
_ndb_struct_na_base_pair_step.step_number 
_ndb_struct_na_base_pair_step.step_name 
_ndb_struct_na_base_pair_step.i_auth_asym_id_1 
_ndb_struct_na_base_pair_step.i_auth_seq_id_1 
_ndb_struct_na_base_pair_step.i_PDB_ins_code_1 
_ndb_struct_na_base_pair_step.j_auth_asym_id_1 
_ndb_struct_na_base_pair_step.j_auth_seq_id_1 
_ndb_struct_na_base_pair_step.j_PDB_ins_code_1 
_ndb_struct_na_base_pair_step.i_auth_asym_id_2 
_ndb_struct_na_base_pair_step.i_auth_seq_id_2 
_ndb_struct_na_base_pair_step.i_PDB_ins_code_2 
_ndb_struct_na_base_pair_step.j_auth_asym_id_2 
_ndb_struct_na_base_pair_step.j_auth_seq_id_2 
_ndb_struct_na_base_pair_step.j_PDB_ins_code_2 
1 B DC 2  1_555 C DG 13 1_555 B DC 3  1_555 C DG 12 1_555 0.682  -0.484 3.664 -3.206 1.403  39.162 -0.905 -1.437 3.580 2.089  
4.772  39.312 1  BB_DC2DC3:DG25DG26_CC   B 2  ? C 26 ? B 3  ? C 25 ? 
1 B DC 3  1_555 C DG 12 1_555 B DA 4  1_555 C DT 11 1_555 -0.692 -0.397 2.829 3.281  6.701  26.355 -2.231 2.145  2.549 14.334 
-7.019 27.373 2  BB_DC3DA4:DT24DG25_CC   B 3  ? C 25 ? B 4  ? C 24 ? 
1 B DA 4  1_555 C DT 11 1_555 B DT 5  1_555 C DA 10 1_555 -0.081 -0.870 3.190 0.007  1.673  36.147 -1.629 0.131  3.148 2.694  
-0.012 36.185 3  BB_DA4DT5:DA23DT24_CC   B 4  ? C 24 ? B 5  ? C 23 ? 
1 B DT 5  1_555 C DA 10 1_555 B DG 6  1_555 C DC 9  1_555 0.567  0.376  3.495 4.111  7.173  28.913 -0.887 -0.169 3.530 14.009 
-8.028 30.048 4  BB_DT5DG6:DC22DA23_CC   B 5  ? C 23 ? B 6  ? C 22 ? 
1 B DG 6  1_555 C DC 9  1_555 B DC 8  1_555 C DG 7  1_555 -0.233 -1.827 7.050 -8.247 32.798 50.983 -5.102 -0.596 5.125 34.173 
8.593  60.548 5  BB_DG6DC8:DG20DC22_CC   B 6  ? C 22 ? B 8  ? C 20 ? 
1 B DC 8  1_555 C DG 7  1_555 B DT 9  1_555 C DA 6  1_555 -0.200 -0.662 3.097 -0.868 2.184  28.049 -1.842 0.220  3.042 4.496  
1.787  28.146 6  BB_DC8DT9:DA19DG20_CC   B 8  ? C 20 ? B 9  ? C 19 ? 
1 B DT 9  1_555 C DA 6  1_555 B DA 10 1_555 C DT 5  1_555 -0.072 1.112  3.133 -0.561 -4.393 47.095 1.723  0.047  3.024 -5.484 
0.700  47.291 7  BB_DT9DA10:DT18DA19_CC  B 9  ? C 19 ? B 10 ? C 18 ? 
1 B DA 10 1_555 C DT 5  1_555 B DG 11 1_555 C DC 4  1_555 0.437  -0.676 3.511 0.840  1.640  25.442 -2.033 -0.733 3.473 3.718  
-1.904 25.507 8  BB_DA10DG11:DC17DT18_CC B 10 ? C 18 ? B 11 ? C 17 ? 
1 B DG 11 1_555 C DC 4  1_555 B DT 12 1_555 C DA 3  1_555 0.567  -0.712 3.390 2.216  -2.585 30.420 -0.811 -0.613 3.468 -4.908 
-4.207 30.606 9  BB_DG11DT12:DA16DC17_CC B 11 ? C 17 ? B 12 ? C 16 ? 
1 B DT 12 1_555 C DA 3  1_555 B DA 13 1_555 C DT 2  1_555 0.210  -0.992 3.103 3.420  7.385  37.461 -2.367 0.077  2.870 11.335 
-5.249 38.304 10 BB_DT12DA13:DT15DA16_CC B 12 ? C 16 ? B 13 ? C 15 ? 
# 
_pdbx_initial_refinement_model.id               1 
_pdbx_initial_refinement_model.entity_id_list   ? 
_pdbx_initial_refinement_model.type             'experimental model' 
_pdbx_initial_refinement_model.source_name      PDB 
_pdbx_initial_refinement_model.accession_code   3GVA 
_pdbx_initial_refinement_model.details          'PDB ENTRY 3GVA' 
# 
